data_6BIA
#
_entry.id   6BIA
#
_cell.length_a   133.850
_cell.length_b   133.850
_cell.length_c   223.695
_cell.angle_alpha   90.000
_cell.angle_beta   90.000
_cell.angle_gamma   90.000
#
_symmetry.space_group_name_H-M   'P 43 21 2'
#
loop_
_entity.id
_entity.type
_entity.pdbx_description
1 polymer Sulfatase
2 non-polymer 'CITRIC ACID'
3 non-polymer 'CALCIUM ION'
4 non-polymer 1,2-ETHANEDIOL
5 water water
#
_entity_poly.entity_id   1
_entity_poly.type   'polypeptide(L)'
_entity_poly.pdbx_seq_one_letter_code
;MGSSHHHHHHSSGLVPRGSHMASEQKPNIILIVADDLGYADVGFNGSKDIITPNIDDLAKSGTSFSDAYVAHPFCGPSRA
ALMTGRYPHKIGSQFNLPTRGSNVGVPTDAKFISKLLNENNYFTGALGKWHMGDTPQHHPNKRGFDEYYGFLGGGHNYFP
DQYQPQYKKQKAQGLKNIFEYITPLEHNGKEVKETQYITDALSREAVNFVDKAVNKKHPFFLYLAYNAPHTPLQAKDEDM
AMFPNIKNKDRKTYAGMVYAVDRGVGKLVEALKKNNQYDNTLIVFMSDNGGKLSKGANNFPLKAGKGSTQEGGFRVPMLF
HWPKHVPAGKRFSHPVSALDLYPTFAALAGAKVEENQHLDGTNMWPAFIKNENPHKDEPIYALRHRKGYSDAAIRMNQWK
ALKVNQQPWQLFNIENDISEKHDVSKSNKALLTDMVREMEKWSWDNQQPSWFHETTEGVNWRLDAMPRFDKTFKTTK
;
_entity_poly.pdbx_strand_id   A,B,C
#
# COMPACT_ATOMS: atom_id res chain seq x y z
N GLN A 25 -23.18 17.76 32.01
CA GLN A 25 -21.95 17.27 32.70
C GLN A 25 -20.71 17.28 31.78
N LYS A 26 -20.85 16.84 30.53
CA LYS A 26 -19.67 16.68 29.63
C LYS A 26 -19.16 18.05 29.17
N PRO A 27 -17.86 18.33 29.33
CA PRO A 27 -17.36 19.68 29.10
C PRO A 27 -17.20 20.05 27.62
N ASN A 28 -17.27 21.34 27.34
CA ASN A 28 -16.90 21.84 26.02
C ASN A 28 -15.37 21.83 25.97
N ILE A 29 -14.80 21.84 24.76
CA ILE A 29 -13.35 21.79 24.60
C ILE A 29 -12.91 22.78 23.51
N ILE A 30 -11.93 23.62 23.83
CA ILE A 30 -11.37 24.56 22.85
C ILE A 30 -9.87 24.33 22.75
N LEU A 31 -9.42 23.95 21.56
CA LEU A 31 -8.01 23.79 21.26
C LEU A 31 -7.57 25.00 20.44
N ILE A 32 -6.85 25.92 21.07
CA ILE A 32 -6.31 27.11 20.43
C ILE A 32 -4.87 26.83 20.06
N VAL A 33 -4.54 26.94 18.77
CA VAL A 33 -3.19 26.66 18.29
C VAL A 33 -2.66 27.85 17.52
N ALA A 34 -1.64 28.49 18.11
CA ALA A 34 -0.85 29.49 17.41
C ALA A 34 0.18 28.78 16.55
N ASP A 35 0.53 29.42 15.43
CA ASP A 35 1.40 28.84 14.42
C ASP A 35 2.79 29.46 14.52
N ASP A 36 3.79 28.64 14.86
CA ASP A 36 5.19 29.09 15.06
C ASP A 36 5.37 30.08 16.21
N LEU A 37 4.58 29.93 17.28
CA LEU A 37 4.75 30.75 18.46
C LEU A 37 5.97 30.26 19.22
N GLY A 38 6.93 31.15 19.42
CA GLY A 38 8.19 30.80 20.11
C GLY A 38 8.01 30.53 21.59
N TYR A 39 8.92 29.74 22.14
CA TYR A 39 8.82 29.29 23.54
C TYR A 39 8.74 30.44 24.55
N ALA A 40 9.42 31.55 24.26
CA ALA A 40 9.48 32.71 25.15
C ALA A 40 8.60 33.89 24.71
N ASP A 41 7.57 33.63 23.90
CA ASP A 41 6.77 34.70 23.29
C ASP A 41 5.35 34.83 23.85
N VAL A 42 5.14 34.25 25.02
CA VAL A 42 3.96 34.53 25.84
C VAL A 42 4.46 34.78 27.25
N GLY A 43 3.75 35.66 27.97
CA GLY A 43 4.15 36.05 29.32
C GLY A 43 4.28 34.88 30.28
N PHE A 44 3.26 34.02 30.30
CA PHE A 44 3.24 32.87 31.23
C PHE A 44 4.39 31.89 31.05
N ASN A 45 5.01 31.88 29.86
CA ASN A 45 6.20 31.05 29.58
C ASN A 45 7.52 31.86 29.49
N GLY A 46 7.57 33.03 30.12
CA GLY A 46 8.82 33.75 30.36
C GLY A 46 9.13 34.96 29.50
N SER A 47 8.17 35.44 28.70
CA SER A 47 8.41 36.59 27.83
C SER A 47 8.68 37.82 28.68
N LYS A 48 9.79 38.50 28.37
CA LYS A 48 10.12 39.77 29.03
C LYS A 48 9.65 40.99 28.22
N ASP A 49 9.36 40.82 26.93
CA ASP A 49 9.05 41.96 26.04
C ASP A 49 7.64 41.97 25.44
N ILE A 50 7.18 40.81 24.95
CA ILE A 50 5.82 40.67 24.44
C ILE A 50 4.91 40.46 25.65
N ILE A 51 3.74 41.10 25.63
CA ILE A 51 2.81 41.04 26.76
C ILE A 51 1.53 40.43 26.23
N THR A 52 1.02 39.43 26.95
CA THR A 52 -0.13 38.63 26.54
C THR A 52 -1.05 38.41 27.74
N PRO A 53 -1.72 39.48 28.20
CA PRO A 53 -2.47 39.40 29.46
C PRO A 53 -3.64 38.40 29.48
N ASN A 54 -4.43 38.36 28.42
CA ASN A 54 -5.61 37.47 28.37
C ASN A 54 -5.22 35.99 28.35
N ILE A 55 -4.17 35.67 27.61
CA ILE A 55 -3.58 34.34 27.62
C ILE A 55 -3.02 34.06 29.00
N ASP A 56 -2.29 35.01 29.56
CA ASP A 56 -1.76 34.89 30.93
C ASP A 56 -2.86 34.69 31.98
N ASP A 57 -4.03 35.33 31.82
CA ASP A 57 -5.18 35.10 32.73
C ASP A 57 -5.53 33.62 32.83
N LEU A 58 -5.58 32.96 31.66
CA LEU A 58 -5.88 31.53 31.60
C LEU A 58 -4.79 30.71 32.31
N ALA A 59 -3.53 31.08 32.12
CA ALA A 59 -2.42 30.44 32.86
C ALA A 59 -2.52 30.67 34.37
N LYS A 60 -2.69 31.93 34.79
CA LYS A 60 -2.77 32.30 36.21
C LYS A 60 -3.89 31.55 36.92
N SER A 61 -5.05 31.37 36.28
CA SER A 61 -6.16 30.61 36.86
C SER A 61 -6.25 29.16 36.32
N GLY A 62 -5.11 28.60 35.93
CA GLY A 62 -5.04 27.23 35.43
C GLY A 62 -3.64 26.67 35.59
N THR A 63 -3.30 25.70 34.75
CA THR A 63 -2.00 25.03 34.80
C THR A 63 -1.29 25.20 33.47
N SER A 64 -0.03 25.66 33.52
CA SER A 64 0.85 25.68 32.34
C SER A 64 1.75 24.44 32.37
N PHE A 65 2.40 24.15 31.24
CA PHE A 65 3.22 22.94 31.09
C PHE A 65 4.63 23.32 30.65
N SER A 66 5.61 22.98 31.47
CA SER A 66 7.00 23.30 31.18
C SER A 66 7.69 22.29 30.26
N ASP A 67 7.06 21.13 30.08
CA ASP A 67 7.65 20.04 29.30
C ASP A 67 6.63 19.50 28.29
N ALA A 68 6.02 20.40 27.54
CA ALA A 68 5.04 20.04 26.51
C ALA A 68 5.72 19.90 25.15
N TYR A 69 5.47 18.79 24.46
CA TYR A 69 6.12 18.49 23.18
C TYR A 69 5.10 18.18 22.08
N VAL A 70 5.31 18.73 20.90
CA VAL A 70 4.51 18.33 19.71
C VAL A 70 5.17 17.14 19.02
N ALA A 71 4.44 16.53 18.09
CA ALA A 71 4.89 15.31 17.44
C ALA A 71 5.90 15.52 16.31
N HIS A 72 6.03 16.75 15.83
CA HIS A 72 6.96 17.05 14.75
C HIS A 72 7.33 18.51 14.84
N PRO A 73 8.56 18.87 14.48
CA PRO A 73 8.95 20.26 14.64
C PRO A 73 8.52 21.23 13.52
N PHE A 74 7.58 20.87 12.66
CA PHE A 74 6.93 21.84 11.75
C PHE A 74 5.45 21.52 11.45
N CYS A 75 4.77 22.48 10.80
CA CYS A 75 3.29 22.62 10.81
C CYS A 75 2.44 21.38 10.50
N GLY A 76 2.53 20.91 9.25
CA GLY A 76 1.60 19.93 8.70
C GLY A 76 1.58 18.62 9.47
N PRO A 77 2.76 18.01 9.67
CA PRO A 77 2.82 16.79 10.45
C PRO A 77 2.42 16.97 11.91
N SER A 78 2.78 18.10 12.52
CA SER A 78 2.34 18.39 13.90
C SER A 78 0.82 18.42 14.01
N ARG A 79 0.19 19.08 13.05
CA ARG A 79 -1.27 19.23 13.03
C ARG A 79 -1.98 17.92 12.72
N ALA A 80 -1.44 17.16 11.76
CA ALA A 80 -1.92 15.80 11.50
C ALA A 80 -1.93 14.96 12.78
N ALA A 81 -0.88 15.09 13.58
CA ALA A 81 -0.77 14.38 14.85
C ALA A 81 -1.80 14.83 15.88
N LEU A 82 -1.99 16.15 16.02
CA LEU A 82 -3.01 16.68 16.93
C LEU A 82 -4.38 16.10 16.66
N MET A 83 -4.78 16.10 15.38
CA MET A 83 -6.11 15.63 14.97
C MET A 83 -6.27 14.12 14.99
N THR A 84 -5.23 13.38 14.63
CA THR A 84 -5.31 11.91 14.53
C THR A 84 -4.92 11.20 15.83
N GLY A 85 -4.12 11.86 16.66
CA GLY A 85 -3.57 11.23 17.87
C GLY A 85 -2.50 10.21 17.56
N ARG A 86 -1.88 10.36 16.40
CA ARG A 86 -0.86 9.45 15.90
C ARG A 86 0.36 10.23 15.44
N TYR A 87 1.54 9.66 15.68
CA TYR A 87 2.76 10.20 15.11
C TYR A 87 2.56 10.27 13.59
N PRO A 88 2.86 11.42 12.97
CA PRO A 88 2.60 11.58 11.54
C PRO A 88 3.31 10.54 10.66
N HIS A 89 4.41 9.98 11.17
CA HIS A 89 5.19 8.97 10.48
C HIS A 89 4.38 7.69 10.26
N LYS A 90 3.48 7.38 11.20
CA LYS A 90 2.66 6.18 11.14
C LYS A 90 1.63 6.21 10.00
N ILE A 91 1.30 7.42 9.52
CA ILE A 91 0.24 7.63 8.54
C ILE A 91 0.70 8.36 7.28
N GLY A 92 2.00 8.33 6.99
CA GLY A 92 2.54 8.87 5.76
C GLY A 92 2.55 10.38 5.60
N SER A 93 2.38 11.09 6.73
CA SER A 93 2.24 12.55 6.74
C SER A 93 3.46 13.21 7.38
N GLN A 94 4.66 12.69 7.12
CA GLN A 94 5.91 13.22 7.68
C GLN A 94 6.34 14.55 7.06
N PHE A 95 5.73 14.95 5.95
CA PHE A 95 6.09 16.18 5.26
C PHE A 95 4.88 17.10 5.15
N ASN A 96 5.14 18.40 4.99
CA ASN A 96 4.09 19.35 4.65
C ASN A 96 3.56 18.98 3.28
N LEU A 97 2.29 19.28 3.02
CA LEU A 97 1.70 19.03 1.70
C LEU A 97 2.41 19.87 0.62
N PRO A 98 2.41 19.39 -0.64
CA PRO A 98 3.04 20.13 -1.73
C PRO A 98 2.63 21.61 -1.75
N THR A 99 3.61 22.50 -1.70
CA THR A 99 3.36 23.94 -1.47
C THR A 99 2.49 24.60 -2.53
N ARG A 100 2.54 24.06 -3.75
CA ARG A 100 1.75 24.56 -4.89
C ARG A 100 0.41 23.81 -5.13
N GLY A 101 -0.02 23.00 -4.16
CA GLY A 101 -1.31 22.29 -4.23
C GLY A 101 -1.19 20.82 -4.61
N SER A 102 -2.20 20.05 -4.22
CA SER A 102 -2.23 18.59 -4.46
C SER A 102 -3.62 18.01 -4.24
N ASN A 103 -3.78 16.76 -4.66
CA ASN A 103 -5.03 15.98 -4.45
C ASN A 103 -4.86 14.94 -3.35
N VAL A 104 -3.95 15.18 -2.41
CA VAL A 104 -3.69 14.26 -1.30
C VAL A 104 -3.86 14.96 0.05
N GLY A 105 -3.91 14.18 1.11
CA GLY A 105 -4.12 14.70 2.45
C GLY A 105 -4.02 13.64 3.53
N VAL A 106 -4.18 14.06 4.78
CA VAL A 106 -4.07 13.16 5.92
C VAL A 106 -5.08 12.04 5.70
N PRO A 107 -4.63 10.77 5.71
CA PRO A 107 -5.49 9.67 5.26
C PRO A 107 -6.83 9.60 6.00
N THR A 108 -7.89 9.31 5.26
CA THR A 108 -9.27 9.37 5.78
C THR A 108 -9.62 8.22 6.71
N ASP A 109 -8.84 7.15 6.74
CA ASP A 109 -9.09 6.02 7.64
C ASP A 109 -8.59 6.24 9.09
N ALA A 110 -7.79 7.29 9.32
CA ALA A 110 -7.44 7.74 10.68
C ALA A 110 -8.47 8.79 11.14
N LYS A 111 -9.35 8.38 12.04
CA LYS A 111 -10.47 9.23 12.46
C LYS A 111 -9.97 10.44 13.26
N PHE A 112 -10.36 11.63 12.82
CA PHE A 112 -10.00 12.87 13.50
C PHE A 112 -10.73 12.98 14.85
N ILE A 113 -10.10 13.64 15.83
CA ILE A 113 -10.74 13.89 17.14
C ILE A 113 -12.07 14.64 17.00
N SER A 114 -12.16 15.52 16.01
CA SER A 114 -13.41 16.21 15.73
C SER A 114 -14.50 15.25 15.34
N LYS A 115 -14.20 14.29 14.45
CA LYS A 115 -15.20 13.31 14.02
C LYS A 115 -15.66 12.43 15.20
N LEU A 116 -14.71 12.02 16.06
CA LEU A 116 -15.05 11.19 17.23
C LEU A 116 -16.01 11.93 18.16
N LEU A 117 -15.65 13.17 18.51
CA LEU A 117 -16.49 14.00 19.37
C LEU A 117 -17.85 14.27 18.72
N ASN A 118 -17.86 14.58 17.43
CA ASN A 118 -19.11 14.76 16.68
C ASN A 118 -20.03 13.53 16.72
N GLU A 119 -19.43 12.34 16.63
CA GLU A 119 -20.19 11.08 16.76
C GLU A 119 -20.70 10.84 18.18
N ASN A 120 -20.04 11.44 19.17
CA ASN A 120 -20.53 11.46 20.55
C ASN A 120 -21.19 12.79 20.91
N ASN A 121 -22.00 13.32 19.99
CA ASN A 121 -22.94 14.43 20.25
C ASN A 121 -22.38 15.86 20.25
N TYR A 122 -21.06 16.05 20.12
CA TYR A 122 -20.48 17.41 20.16
C TYR A 122 -20.80 18.21 18.88
N PHE A 123 -21.04 19.51 19.07
CA PHE A 123 -21.14 20.47 17.97
C PHE A 123 -19.71 20.92 17.65
N THR A 124 -19.29 20.85 16.39
CA THR A 124 -17.87 20.95 16.06
C THR A 124 -17.54 22.05 15.07
N GLY A 125 -16.52 22.84 15.40
CA GLY A 125 -16.07 23.95 14.58
C GLY A 125 -14.57 23.98 14.43
N ALA A 126 -14.12 24.41 13.26
CA ALA A 126 -12.70 24.62 12.99
C ALA A 126 -12.53 25.98 12.34
N LEU A 127 -11.48 26.71 12.76
CA LEU A 127 -11.24 28.05 12.28
C LEU A 127 -9.80 28.23 11.83
N GLY A 128 -9.63 28.90 10.70
CA GLY A 128 -8.33 29.35 10.22
C GLY A 128 -7.58 28.32 9.41
N LYS A 129 -6.35 28.01 9.85
CA LYS A 129 -5.45 27.16 9.10
C LYS A 129 -5.86 25.67 9.15
N TRP A 130 -5.82 25.03 7.97
CA TRP A 130 -6.08 23.60 7.83
C TRP A 130 -4.77 22.86 7.52
N HIS A 131 -4.34 22.92 6.25
CA HIS A 131 -3.09 22.31 5.77
C HIS A 131 -3.01 20.79 5.93
N MET A 132 -4.16 20.14 5.77
CA MET A 132 -4.28 18.68 5.85
C MET A 132 -5.09 18.09 4.68
N GLY A 133 -5.16 18.83 3.57
CA GLY A 133 -5.77 18.37 2.33
C GLY A 133 -6.93 19.25 1.91
N ASP A 134 -6.97 19.64 0.64
CA ASP A 134 -8.03 20.52 0.10
C ASP A 134 -9.07 19.81 -0.79
N THR A 135 -8.99 18.49 -0.91
CA THR A 135 -9.96 17.71 -1.72
C THR A 135 -11.29 17.56 -0.97
N PRO A 136 -12.37 17.17 -1.68
CA PRO A 136 -13.67 16.99 -1.00
C PRO A 136 -13.61 16.12 0.24
N GLN A 137 -12.97 14.96 0.14
CA GLN A 137 -12.91 13.97 1.24
C GLN A 137 -11.94 14.36 2.39
N HIS A 138 -10.96 15.24 2.09
CA HIS A 138 -10.01 15.77 3.09
C HIS A 138 -10.43 17.12 3.72
N HIS A 139 -11.56 17.68 3.25
CA HIS A 139 -12.07 18.98 3.72
C HIS A 139 -12.61 18.88 5.16
N PRO A 140 -12.47 19.95 5.96
CA PRO A 140 -12.97 19.97 7.35
C PRO A 140 -14.39 19.43 7.56
N ASN A 141 -15.31 19.77 6.67
CA ASN A 141 -16.70 19.30 6.78
C ASN A 141 -16.84 17.78 6.69
N LYS A 142 -15.89 17.10 6.04
CA LYS A 142 -15.83 15.63 6.01
C LYS A 142 -14.91 15.01 7.08
N ARG A 143 -14.09 15.82 7.76
CA ARG A 143 -13.33 15.37 8.92
C ARG A 143 -14.03 15.64 10.25
N GLY A 144 -15.35 15.80 10.23
CA GLY A 144 -16.15 15.88 11.45
C GLY A 144 -16.33 17.26 12.06
N PHE A 145 -16.10 18.31 11.26
CA PHE A 145 -16.38 19.69 11.67
C PHE A 145 -17.67 20.20 11.05
N ASP A 146 -18.70 20.41 11.86
CA ASP A 146 -19.98 20.96 11.38
C ASP A 146 -19.75 22.34 10.75
N GLU A 147 -18.98 23.19 11.44
CA GLU A 147 -18.62 24.53 10.97
C GLU A 147 -17.13 24.64 10.61
N TYR A 148 -16.85 25.33 9.51
CA TYR A 148 -15.46 25.71 9.17
C TYR A 148 -15.44 27.13 8.58
N TYR A 149 -14.49 27.94 9.05
CA TYR A 149 -14.21 29.25 8.50
C TYR A 149 -12.70 29.41 8.47
N GLY A 150 -12.11 29.56 7.28
CA GLY A 150 -10.68 29.79 7.16
C GLY A 150 -10.13 29.61 5.76
N PHE A 151 -8.87 29.17 5.71
CA PHE A 151 -8.13 28.97 4.45
C PHE A 151 -7.48 27.60 4.53
N LEU A 152 -7.52 26.85 3.43
CA LEU A 152 -7.20 25.42 3.46
C LEU A 152 -5.69 25.10 3.42
N GLY A 153 -4.87 26.06 2.99
CA GLY A 153 -3.42 25.85 2.83
C GLY A 153 -2.59 26.17 4.06
N GLY A 154 -1.28 26.33 3.87
CA GLY A 154 -0.31 26.44 4.98
C GLY A 154 -0.21 27.78 5.68
N GLY A 155 -0.83 28.80 5.11
CA GLY A 155 -0.86 30.13 5.70
C GLY A 155 -1.63 31.08 4.83
N HIS A 156 -1.59 32.35 5.18
CA HIS A 156 -2.34 33.37 4.44
C HIS A 156 -1.84 34.76 4.73
N ASN A 157 -1.85 35.61 3.70
CA ASN A 157 -1.62 37.05 3.90
C ASN A 157 -2.73 37.61 4.81
N TYR A 158 -2.36 38.57 5.65
CA TYR A 158 -3.20 38.99 6.79
C TYR A 158 -4.18 40.13 6.50
N PHE A 159 -3.92 40.92 5.45
CA PHE A 159 -4.70 42.11 5.13
C PHE A 159 -5.49 41.93 3.83
N PRO A 160 -6.84 41.85 3.92
CA PRO A 160 -7.68 41.76 2.73
C PRO A 160 -7.52 42.91 1.73
N ASP A 161 -7.32 44.12 2.22
CA ASP A 161 -6.92 45.26 1.37
C ASP A 161 -5.72 44.98 0.43
N GLN A 162 -4.76 44.17 0.90
CA GLN A 162 -3.59 43.76 0.07
C GLN A 162 -3.85 42.54 -0.81
N TYR A 163 -4.36 41.46 -0.24
CA TYR A 163 -4.41 40.15 -0.95
C TYR A 163 -5.54 40.00 -1.97
N GLN A 164 -6.71 40.61 -1.72
CA GLN A 164 -7.86 40.46 -2.61
C GLN A 164 -7.66 41.07 -4.02
N PRO A 165 -7.04 42.28 -4.10
CA PRO A 165 -6.67 42.81 -5.43
C PRO A 165 -5.70 41.92 -6.25
N GLN A 166 -4.70 41.34 -5.58
CA GLN A 166 -3.76 40.42 -6.25
C GLN A 166 -4.47 39.17 -6.79
N TYR A 167 -5.40 38.61 -6.00
CA TYR A 167 -6.19 37.46 -6.44
C TYR A 167 -7.12 37.84 -7.60
N LYS A 168 -7.78 39.00 -7.51
CA LYS A 168 -8.66 39.48 -8.60
C LYS A 168 -7.86 39.57 -9.89
N LYS A 169 -6.69 40.21 -9.84
CA LYS A 169 -5.81 40.41 -11.01
C LYS A 169 -5.37 39.07 -11.64
N GLN A 170 -4.96 38.12 -10.81
CA GLN A 170 -4.51 36.81 -11.30
C GLN A 170 -5.66 35.93 -11.83
N LYS A 171 -6.83 35.99 -11.19
CA LYS A 171 -7.97 35.19 -11.65
C LYS A 171 -8.47 35.66 -13.02
N ALA A 172 -8.64 36.98 -13.16
CA ALA A 172 -9.06 37.59 -14.45
C ALA A 172 -8.05 37.36 -15.58
N GLN A 173 -6.78 37.15 -15.23
CA GLN A 173 -5.74 36.77 -16.18
C GLN A 173 -5.89 35.31 -16.69
N GLY A 174 -6.70 34.49 -16.01
CA GLY A 174 -6.98 33.10 -16.42
C GLY A 174 -6.26 32.01 -15.64
N LEU A 175 -5.39 32.42 -14.71
CA LEU A 175 -4.51 31.49 -13.96
C LEU A 175 -5.28 30.62 -12.97
N LYS A 176 -4.89 29.35 -12.91
CA LYS A 176 -5.53 28.34 -12.02
C LYS A 176 -4.69 27.97 -10.78
N ASN A 177 -3.37 28.05 -10.89
CA ASN A 177 -2.46 27.73 -9.80
C ASN A 177 -2.03 29.01 -9.11
N ILE A 178 -2.97 29.58 -8.34
CA ILE A 178 -2.75 30.82 -7.64
C ILE A 178 -2.23 30.53 -6.23
N PHE A 179 -1.22 31.30 -5.83
CA PHE A 179 -0.59 31.20 -4.52
C PHE A 179 -1.64 31.13 -3.41
N GLU A 180 -1.61 30.05 -2.62
CA GLU A 180 -2.68 29.81 -1.62
C GLU A 180 -2.78 30.86 -0.50
N TYR A 181 -1.73 31.65 -0.30
CA TYR A 181 -1.72 32.73 0.69
C TYR A 181 -2.60 33.95 0.34
N ILE A 182 -3.02 34.07 -0.92
CA ILE A 182 -3.89 35.17 -1.35
C ILE A 182 -5.30 34.75 -1.78
N THR A 183 -5.60 33.45 -1.77
CA THR A 183 -6.92 32.98 -2.19
C THR A 183 -7.99 33.39 -1.19
N PRO A 184 -9.26 33.44 -1.62
CA PRO A 184 -10.29 33.87 -0.68
C PRO A 184 -10.50 32.83 0.41
N LEU A 185 -10.82 33.30 1.61
CA LEU A 185 -11.27 32.43 2.68
C LEU A 185 -12.65 31.88 2.32
N GLU A 186 -13.07 30.84 3.04
CA GLU A 186 -14.37 30.20 2.83
C GLU A 186 -15.09 29.96 4.14
N HIS A 187 -16.39 29.73 4.03
CA HIS A 187 -17.22 29.26 5.14
C HIS A 187 -17.96 28.04 4.61
N ASN A 188 -17.69 26.87 5.19
CA ASN A 188 -18.30 25.60 4.75
C ASN A 188 -18.39 25.41 3.22
N GLY A 189 -17.30 25.69 2.50
CA GLY A 189 -17.25 25.47 1.05
C GLY A 189 -17.64 26.64 0.16
N LYS A 190 -18.41 27.60 0.68
CA LYS A 190 -18.76 28.83 -0.07
C LYS A 190 -17.71 29.91 0.24
N GLU A 191 -17.23 30.59 -0.81
CA GLU A 191 -16.27 31.69 -0.63
C GLU A 191 -16.86 32.87 0.14
N VAL A 192 -15.98 33.66 0.76
CA VAL A 192 -16.38 34.92 1.40
C VAL A 192 -15.43 36.03 1.00
N LYS A 193 -15.83 37.26 1.30
CA LYS A 193 -15.02 38.46 1.11
C LYS A 193 -14.72 38.99 2.51
N GLU A 194 -13.57 38.60 3.04
CA GLU A 194 -13.15 39.01 4.38
C GLU A 194 -12.78 40.50 4.39
N THR A 195 -13.15 41.19 5.47
CA THR A 195 -12.90 42.63 5.63
C THR A 195 -11.86 43.01 6.69
N GLN A 196 -11.68 42.17 7.71
CA GLN A 196 -10.76 42.48 8.82
C GLN A 196 -9.41 41.80 8.67
N TYR A 197 -8.43 42.30 9.45
CA TYR A 197 -7.14 41.63 9.67
C TYR A 197 -7.41 40.19 10.10
N ILE A 198 -6.79 39.23 9.43
CA ILE A 198 -7.21 37.83 9.49
C ILE A 198 -7.29 37.28 10.93
N THR A 199 -6.29 37.59 11.75
CA THR A 199 -6.33 37.20 13.17
C THR A 199 -7.61 37.67 13.88
N ASP A 200 -8.04 38.91 13.60
CA ASP A 200 -9.25 39.47 14.21
C ASP A 200 -10.51 38.80 13.69
N ALA A 201 -10.52 38.49 12.39
CA ALA A 201 -11.64 37.77 11.75
C ALA A 201 -11.85 36.39 12.36
N LEU A 202 -10.75 35.66 12.54
CA LEU A 202 -10.80 34.33 13.10
C LEU A 202 -11.30 34.37 14.53
N SER A 203 -10.87 35.39 15.28
CA SER A 203 -11.35 35.62 16.64
C SER A 203 -12.85 35.91 16.64
N ARG A 204 -13.29 36.75 15.72
CA ARG A 204 -14.67 37.11 15.60
C ARG A 204 -15.50 35.88 15.30
N GLU A 205 -15.03 35.04 14.40
CA GLU A 205 -15.76 33.81 14.05
C GLU A 205 -15.75 32.79 15.17
N ALA A 206 -14.70 32.78 15.99
CA ALA A 206 -14.70 31.99 17.22
C ALA A 206 -15.81 32.45 18.18
N VAL A 207 -16.04 33.76 18.28
CA VAL A 207 -17.17 34.29 19.04
C VAL A 207 -18.48 33.81 18.41
N ASN A 208 -18.61 34.02 17.11
CA ASN A 208 -19.82 33.60 16.39
C ASN A 208 -20.12 32.13 16.61
N PHE A 209 -19.07 31.32 16.65
CA PHE A 209 -19.23 29.87 16.86
C PHE A 209 -19.80 29.54 18.24
N VAL A 210 -19.16 30.04 19.29
CA VAL A 210 -19.63 29.77 20.65
C VAL A 210 -21.00 30.39 20.96
N ASP A 211 -21.36 31.47 20.26
CA ASP A 211 -22.74 32.02 20.30
C ASP A 211 -23.73 31.05 19.64
N LYS A 212 -23.36 30.51 18.46
CA LYS A 212 -24.20 29.50 17.80
C LYS A 212 -24.37 28.24 18.66
N ALA A 213 -23.33 27.92 19.44
CA ALA A 213 -23.33 26.75 20.33
C ALA A 213 -24.30 26.82 21.51
N VAL A 214 -24.71 28.03 21.91
CA VAL A 214 -25.64 28.23 23.03
C VAL A 214 -26.98 27.55 22.74
N ASN A 215 -27.52 27.81 21.56
CA ASN A 215 -28.82 27.27 21.14
C ASN A 215 -28.81 25.75 20.89
N LYS A 216 -27.64 25.18 20.58
CA LYS A 216 -27.52 23.75 20.24
C LYS A 216 -27.87 22.82 21.42
N LYS A 217 -27.51 23.19 22.65
CA LYS A 217 -27.81 22.35 23.82
C LYS A 217 -27.12 20.96 23.80
N HIS A 218 -25.98 20.87 23.11
CA HIS A 218 -25.01 19.78 23.27
C HIS A 218 -23.71 20.46 23.72
N PRO A 219 -22.72 19.68 24.20
CA PRO A 219 -21.39 20.28 24.33
C PRO A 219 -20.75 20.57 22.96
N PHE A 220 -19.74 21.44 22.92
CA PHE A 220 -19.10 21.84 21.65
C PHE A 220 -17.58 21.64 21.69
N PHE A 221 -16.99 21.51 20.51
CA PHE A 221 -15.53 21.42 20.33
C PHE A 221 -15.11 22.43 19.27
N LEU A 222 -14.14 23.27 19.61
CA LEU A 222 -13.62 24.29 18.70
C LEU A 222 -12.12 24.16 18.48
N TYR A 223 -11.71 23.99 17.22
CA TYR A 223 -10.30 23.97 16.84
C TYR A 223 -9.99 25.34 16.25
N LEU A 224 -9.34 26.20 17.05
CA LEU A 224 -9.01 27.57 16.63
C LEU A 224 -7.56 27.62 16.18
N ALA A 225 -7.35 27.50 14.87
CA ALA A 225 -6.01 27.42 14.27
C ALA A 225 -5.61 28.76 13.69
N TYR A 226 -5.07 29.63 14.54
CA TYR A 226 -4.55 30.91 14.09
C TYR A 226 -3.36 30.65 13.20
N ASN A 227 -3.18 31.54 12.21
CA ASN A 227 -1.93 31.57 11.45
C ASN A 227 -0.87 32.46 12.09
N ALA A 228 -1.26 33.38 12.97
CA ALA A 228 -0.27 34.19 13.69
C ALA A 228 0.52 33.31 14.67
N PRO A 229 1.84 33.49 14.82
CA PRO A 229 2.65 34.53 14.18
C PRO A 229 3.51 34.00 13.02
N HIS A 230 2.93 33.10 12.22
CA HIS A 230 3.59 32.56 11.01
C HIS A 230 3.75 33.67 10.00
N THR A 231 4.79 33.56 9.18
CA THR A 231 5.00 34.46 8.04
C THR A 231 3.75 34.51 7.13
N PRO A 232 3.53 35.61 6.41
CA PRO A 232 4.38 36.80 6.44
C PRO A 232 4.18 37.68 7.67
N LEU A 233 5.23 38.42 8.02
CA LEU A 233 5.22 39.27 9.20
C LEU A 233 4.44 40.55 8.88
N GLN A 234 3.15 40.48 9.15
CA GLN A 234 2.23 41.58 8.90
C GLN A 234 1.41 41.82 10.16
N ALA A 235 1.52 43.02 10.71
CA ALA A 235 0.84 43.39 11.94
C ALA A 235 0.08 44.67 11.74
N LYS A 236 -0.91 44.88 12.60
CA LYS A 236 -1.64 46.14 12.66
C LYS A 236 -0.79 47.20 13.36
N ASP A 237 -0.91 48.45 12.91
CA ASP A 237 -0.20 49.56 13.55
C ASP A 237 -0.62 49.75 15.01
N GLU A 238 -1.89 49.49 15.31
CA GLU A 238 -2.44 49.66 16.66
C GLU A 238 -1.85 48.68 17.67
N ASP A 239 -1.52 47.47 17.21
CA ASP A 239 -0.86 46.46 18.04
C ASP A 239 0.63 46.75 18.21
N MET A 240 1.30 47.11 17.10
CA MET A 240 2.71 47.48 17.15
C MET A 240 2.97 48.71 18.01
N ALA A 241 2.00 49.63 18.05
CA ALA A 241 2.06 50.81 18.92
C ALA A 241 2.17 50.51 20.43
N MET A 242 1.77 49.30 20.82
CA MET A 242 1.88 48.84 22.21
C MET A 242 3.28 48.37 22.62
N PHE A 243 4.22 48.33 21.69
CA PHE A 243 5.59 47.90 21.97
C PHE A 243 6.58 48.93 21.46
N PRO A 244 6.54 50.15 22.02
CA PRO A 244 7.48 51.20 21.60
C PRO A 244 8.94 50.90 22.00
N ASN A 245 9.14 50.07 23.03
CA ASN A 245 10.49 49.69 23.48
C ASN A 245 11.14 48.55 22.72
N ILE A 246 10.44 47.95 21.76
CA ILE A 246 11.03 46.94 20.88
C ILE A 246 11.60 47.66 19.66
N LYS A 247 12.93 47.81 19.62
CA LYS A 247 13.62 48.58 18.58
C LYS A 247 13.75 47.81 17.26
N ASN A 248 13.94 46.49 17.33
CA ASN A 248 14.02 45.62 16.14
C ASN A 248 12.67 45.53 15.38
N LYS A 249 12.72 45.81 14.07
CA LYS A 249 11.51 45.98 13.25
C LYS A 249 10.69 44.68 13.15
N ASP A 250 11.37 43.58 12.85
CA ASP A 250 10.72 42.27 12.75
C ASP A 250 10.17 41.77 14.10
N ARG A 251 10.95 41.92 15.16
CA ARG A 251 10.49 41.53 16.50
C ARG A 251 9.26 42.34 16.93
N LYS A 252 9.24 43.63 16.58
CA LYS A 252 8.09 44.49 16.86
C LYS A 252 6.86 44.02 16.09
N THR A 253 7.03 43.78 14.79
CA THR A 253 5.95 43.27 13.95
C THR A 253 5.40 41.97 14.55
N TYR A 254 6.31 41.05 14.87
CA TYR A 254 5.99 39.78 15.51
C TYR A 254 5.21 40.01 16.82
N ALA A 255 5.70 40.90 17.67
CA ALA A 255 5.04 41.22 18.94
C ALA A 255 3.58 41.64 18.74
N GLY A 256 3.37 42.54 17.78
CA GLY A 256 2.02 42.96 17.40
C GLY A 256 1.13 41.83 16.89
N MET A 257 1.73 40.91 16.15
CA MET A 257 1.00 39.73 15.67
C MET A 257 0.53 38.85 16.82
N VAL A 258 1.41 38.64 17.80
CA VAL A 258 1.07 37.82 18.97
C VAL A 258 0.03 38.53 19.83
N TYR A 259 0.17 39.85 19.98
CA TYR A 259 -0.80 40.62 20.76
C TYR A 259 -2.21 40.54 20.17
N ALA A 260 -2.31 40.59 18.84
CA ALA A 260 -3.58 40.36 18.14
C ALA A 260 -4.23 39.01 18.49
N VAL A 261 -3.41 37.96 18.63
CA VAL A 261 -3.90 36.68 19.13
C VAL A 261 -4.45 36.84 20.56
N ASP A 262 -3.70 37.53 21.42
CA ASP A 262 -4.10 37.76 22.80
C ASP A 262 -5.41 38.55 22.92
N ARG A 263 -5.58 39.55 22.07
CA ARG A 263 -6.86 40.28 21.99
C ARG A 263 -7.98 39.32 21.60
N GLY A 264 -7.72 38.45 20.63
CA GLY A 264 -8.67 37.41 20.22
C GLY A 264 -9.08 36.49 21.36
N VAL A 265 -8.09 36.04 22.13
CA VAL A 265 -8.35 35.16 23.26
C VAL A 265 -9.23 35.87 24.30
N GLY A 266 -8.95 37.14 24.57
CA GLY A 266 -9.82 37.96 25.42
C GLY A 266 -11.24 38.11 24.88
N LYS A 267 -11.36 38.33 23.57
CA LYS A 267 -12.67 38.47 22.93
C LYS A 267 -13.46 37.15 23.03
N LEU A 268 -12.79 36.02 22.88
CA LEU A 268 -13.42 34.71 23.04
C LEU A 268 -13.84 34.45 24.47
N VAL A 269 -12.96 34.80 25.42
CA VAL A 269 -13.25 34.60 26.84
C VAL A 269 -14.41 35.47 27.32
N GLU A 270 -14.55 36.71 26.82
CA GLU A 270 -15.71 37.55 27.21
C GLU A 270 -17.02 36.92 26.70
N ALA A 271 -16.97 36.34 25.50
CA ALA A 271 -18.11 35.61 24.93
C ALA A 271 -18.49 34.31 25.69
N LEU A 272 -17.48 33.57 26.12
CA LEU A 272 -17.71 32.35 26.91
C LEU A 272 -18.39 32.70 28.26
N LYS A 273 -17.93 33.77 28.90
CA LYS A 273 -18.52 34.25 30.15
C LYS A 273 -19.94 34.74 29.96
N LYS A 274 -20.15 35.56 28.92
CA LYS A 274 -21.48 36.04 28.54
C LYS A 274 -22.50 34.90 28.41
N ASN A 275 -22.07 33.76 27.85
CA ASN A 275 -22.95 32.61 27.61
C ASN A 275 -22.97 31.57 28.76
N ASN A 276 -22.27 31.83 29.86
CA ASN A 276 -22.05 30.86 30.94
C ASN A 276 -21.49 29.52 30.42
N GLN A 277 -20.57 29.62 29.47
CA GLN A 277 -19.82 28.48 28.90
C GLN A 277 -18.44 28.34 29.55
N TYR A 278 -17.88 29.47 30.01
CA TYR A 278 -16.49 29.56 30.52
C TYR A 278 -16.17 28.52 31.59
N ASP A 279 -17.10 28.34 32.54
CA ASP A 279 -16.85 27.44 33.67
C ASP A 279 -16.84 25.96 33.30
N ASN A 280 -17.60 25.56 32.28
CA ASN A 280 -17.60 24.16 31.83
C ASN A 280 -16.92 23.94 30.47
N THR A 281 -15.80 24.62 30.26
CA THR A 281 -15.01 24.49 29.03
C THR A 281 -13.55 24.25 29.37
N LEU A 282 -12.96 23.21 28.77
CA LEU A 282 -11.52 22.97 28.81
C LEU A 282 -10.86 23.72 27.66
N ILE A 283 -10.12 24.78 27.99
CA ILE A 283 -9.36 25.53 27.01
C ILE A 283 -7.91 25.07 27.05
N VAL A 284 -7.40 24.66 25.88
CA VAL A 284 -5.99 24.37 25.68
C VAL A 284 -5.43 25.43 24.74
N PHE A 285 -4.40 26.15 25.17
CA PHE A 285 -3.67 27.07 24.30
C PHE A 285 -2.28 26.50 24.11
N MET A 286 -1.82 26.42 22.87
CA MET A 286 -0.48 25.91 22.57
C MET A 286 0.06 26.42 21.24
N SER A 287 1.29 26.05 20.93
CA SER A 287 1.89 26.26 19.62
C SER A 287 1.96 24.91 18.90
N ASP A 288 1.98 24.94 17.57
CA ASP A 288 2.11 23.72 16.77
C ASP A 288 3.56 23.27 16.67
N ASN A 289 4.49 24.21 16.82
CA ASN A 289 5.93 23.91 16.85
C ASN A 289 6.72 25.11 17.42
N GLY A 290 8.04 24.97 17.49
CA GLY A 290 8.92 26.04 17.91
C GLY A 290 8.92 27.23 16.96
N GLY A 291 9.34 28.37 17.47
CA GLY A 291 9.35 29.60 16.69
C GLY A 291 10.54 29.65 15.77
N LYS A 292 10.40 30.42 14.69
CA LYS A 292 11.48 30.59 13.71
C LYS A 292 12.26 31.85 14.05
N LEU A 293 13.53 31.68 14.44
CA LEU A 293 14.33 32.82 14.95
C LEU A 293 14.57 33.89 13.90
N SER A 294 14.71 33.49 12.64
CA SER A 294 14.89 34.46 11.55
C SER A 294 13.59 35.19 11.13
N LYS A 295 12.45 34.86 11.78
CA LYS A 295 11.17 35.54 11.53
C LYS A 295 10.50 36.06 12.81
N GLY A 296 11.32 36.64 13.69
CA GLY A 296 10.82 37.40 14.86
C GLY A 296 10.62 36.66 16.18
N ALA A 297 10.73 35.34 16.19
CA ALA A 297 10.46 34.57 17.40
C ALA A 297 11.65 34.52 18.36
N ASN A 298 11.38 34.07 19.58
CA ASN A 298 12.38 33.82 20.61
C ASN A 298 12.01 32.52 21.32
N ASN A 299 12.98 31.60 21.45
CA ASN A 299 12.75 30.30 22.08
C ASN A 299 13.50 30.13 23.43
N PHE A 300 13.83 31.21 24.11
CA PHE A 300 14.63 31.15 25.34
C PHE A 300 13.93 30.27 26.41
N PRO A 301 14.64 29.38 27.10
CA PRO A 301 16.09 29.17 27.02
C PRO A 301 16.54 28.03 26.07
N LEU A 302 15.68 27.64 25.14
CA LEU A 302 15.89 26.45 24.33
C LEU A 302 16.81 26.74 23.15
N LYS A 303 17.52 25.71 22.69
CA LYS A 303 18.44 25.83 21.57
C LYS A 303 17.71 25.71 20.23
N ALA A 304 18.15 26.49 19.24
CA ALA A 304 17.62 26.45 17.86
C ALA A 304 16.13 26.84 17.78
N GLY A 305 15.40 26.30 16.80
CA GLY A 305 13.98 26.61 16.63
C GLY A 305 13.31 25.73 15.57
N LYS A 306 12.30 26.30 14.91
CA LYS A 306 11.43 25.58 13.97
C LYS A 306 12.18 24.55 13.12
N GLY A 307 11.67 23.32 13.15
CA GLY A 307 12.19 22.23 12.34
C GLY A 307 13.36 21.44 12.90
N SER A 308 13.83 21.81 14.09
CA SER A 308 14.99 21.15 14.71
C SER A 308 14.51 20.06 15.67
N THR A 309 15.33 19.03 15.84
CA THR A 309 15.14 18.04 16.89
C THR A 309 15.80 18.47 18.21
N GLN A 310 16.48 19.63 18.20
CA GLN A 310 16.81 20.33 19.45
C GLN A 310 15.47 20.71 20.12
N GLU A 311 15.51 21.04 21.41
CA GLU A 311 14.26 21.34 22.15
C GLU A 311 13.45 22.50 21.52
N GLY A 312 14.17 23.50 21.01
CA GLY A 312 13.58 24.68 20.39
C GLY A 312 12.56 24.40 19.31
N GLY A 313 12.77 23.32 18.55
CA GLY A 313 11.89 22.96 17.45
C GLY A 313 10.57 22.29 17.79
N PHE A 314 10.50 21.52 18.87
CA PHE A 314 9.25 20.79 19.20
C PHE A 314 8.81 20.79 20.66
N ARG A 315 9.49 21.56 21.52
CA ARG A 315 9.01 21.85 22.86
C ARG A 315 8.30 23.20 22.78
N VAL A 316 7.04 23.23 23.21
CA VAL A 316 6.19 24.39 22.97
C VAL A 316 5.50 24.84 24.26
N PRO A 317 4.96 26.08 24.27
CA PRO A 317 4.13 26.47 25.41
C PRO A 317 2.78 25.79 25.35
N MET A 318 2.23 25.48 26.51
CA MET A 318 0.89 24.96 26.60
C MET A 318 0.30 25.31 27.95
N LEU A 319 -1.00 25.65 27.96
CA LEU A 319 -1.77 25.75 29.20
C LEU A 319 -3.09 25.03 29.07
N PHE A 320 -3.55 24.48 30.19
CA PHE A 320 -4.91 23.97 30.35
C PHE A 320 -5.64 24.96 31.26
N HIS A 321 -6.93 25.17 30.98
CA HIS A 321 -7.79 25.95 31.86
C HIS A 321 -9.19 25.36 31.87
N TRP A 322 -9.69 25.06 33.07
CA TRP A 322 -11.01 24.46 33.28
C TRP A 322 -11.32 24.55 34.79
N PRO A 323 -12.11 25.56 35.21
CA PRO A 323 -12.30 25.85 36.64
C PRO A 323 -12.83 24.69 37.48
N LYS A 324 -12.22 24.50 38.65
CA LYS A 324 -12.52 23.41 39.59
C LYS A 324 -11.97 22.00 39.20
N HIS A 325 -11.63 21.80 37.92
CA HIS A 325 -11.08 20.52 37.41
C HIS A 325 -9.56 20.59 37.19
N VAL A 326 -9.11 21.63 36.47
CA VAL A 326 -7.68 21.95 36.30
C VAL A 326 -7.24 22.90 37.42
N PRO A 327 -6.26 22.47 38.26
CA PRO A 327 -5.77 23.34 39.33
C PRO A 327 -5.29 24.72 38.87
N ALA A 328 -5.68 25.76 39.62
CA ALA A 328 -5.36 27.13 39.29
C ALA A 328 -3.99 27.55 39.83
N GLY A 329 -3.22 28.25 39.00
CA GLY A 329 -1.94 28.84 39.42
C GLY A 329 -0.79 27.87 39.57
N LYS A 330 -0.91 26.71 38.92
CA LYS A 330 0.12 25.67 39.01
C LYS A 330 0.92 25.60 37.70
N ARG A 331 2.07 24.91 37.76
CA ARG A 331 2.88 24.63 36.59
C ARG A 331 3.30 23.16 36.60
N PHE A 332 2.80 22.40 35.64
CA PHE A 332 3.06 20.96 35.52
C PHE A 332 4.42 20.71 34.86
N SER A 333 5.30 20.01 35.57
CA SER A 333 6.71 19.87 35.16
C SER A 333 7.10 18.52 34.51
N HIS A 334 6.12 17.63 34.32
CA HIS A 334 6.38 16.34 33.66
C HIS A 334 6.03 16.38 32.16
N PRO A 335 6.72 15.54 31.35
CA PRO A 335 6.49 15.49 29.90
C PRO A 335 5.05 15.24 29.50
N VAL A 336 4.55 16.06 28.59
CA VAL A 336 3.24 15.85 27.98
C VAL A 336 3.41 15.97 26.47
N SER A 337 2.70 15.14 25.72
CA SER A 337 2.73 15.12 24.26
C SER A 337 1.43 15.64 23.70
N ALA A 338 1.51 16.36 22.59
CA ALA A 338 0.33 16.75 21.81
C ALA A 338 -0.53 15.53 21.44
N LEU A 339 0.12 14.38 21.28
CA LEU A 339 -0.58 13.12 21.02
C LEU A 339 -1.56 12.73 22.13
N ASP A 340 -1.32 13.23 23.35
CA ASP A 340 -2.16 12.92 24.49
C ASP A 340 -3.53 13.60 24.42
N LEU A 341 -3.64 14.70 23.68
CA LEU A 341 -4.89 15.45 23.62
C LEU A 341 -6.03 14.62 23.05
N TYR A 342 -5.74 13.77 22.07
CA TYR A 342 -6.78 12.92 21.47
C TYR A 342 -7.46 12.01 22.51
N PRO A 343 -6.71 11.08 23.14
CA PRO A 343 -7.37 10.20 24.13
C PRO A 343 -7.86 10.93 25.39
N THR A 344 -7.20 12.03 25.75
CA THR A 344 -7.60 12.81 26.92
C THR A 344 -8.91 13.54 26.66
N PHE A 345 -9.02 14.22 25.52
CA PHE A 345 -10.30 14.78 25.12
C PHE A 345 -11.38 13.70 25.03
N ALA A 346 -11.04 12.54 24.49
CA ALA A 346 -12.01 11.45 24.34
C ALA A 346 -12.53 10.96 25.69
N ALA A 347 -11.60 10.70 26.62
CA ALA A 347 -11.95 10.27 27.97
C ALA A 347 -12.85 11.29 28.69
N LEU A 348 -12.47 12.56 28.62
CA LEU A 348 -13.27 13.63 29.25
C LEU A 348 -14.67 13.81 28.63
N ALA A 349 -14.81 13.45 27.36
CA ALA A 349 -16.09 13.55 26.63
C ALA A 349 -16.98 12.32 26.75
N GLY A 350 -16.44 11.22 27.30
CA GLY A 350 -17.15 9.95 27.36
C GLY A 350 -17.25 9.26 26.00
N ALA A 351 -16.20 9.41 25.20
CA ALA A 351 -16.12 8.80 23.88
C ALA A 351 -15.19 7.60 23.95
N LYS A 352 -15.72 6.42 23.59
CA LYS A 352 -14.92 5.19 23.55
C LYS A 352 -13.92 5.31 22.39
N VAL A 353 -12.71 4.79 22.62
CA VAL A 353 -11.65 4.72 21.61
C VAL A 353 -11.40 3.24 21.34
N GLU A 354 -11.36 2.85 20.06
CA GLU A 354 -11.06 1.47 19.67
C GLU A 354 -9.54 1.24 19.54
N GLU A 355 -9.08 0.02 19.86
CA GLU A 355 -7.65 -0.34 19.74
C GLU A 355 -7.18 -0.33 18.26
N ASN A 356 -8.09 -0.64 17.33
CA ASN A 356 -7.81 -0.57 15.89
C ASN A 356 -7.40 0.84 15.39
N GLN A 357 -7.59 1.90 16.19
CA GLN A 357 -7.13 3.25 15.84
C GLN A 357 -5.62 3.52 16.02
N HIS A 358 -4.95 2.72 16.86
CA HIS A 358 -3.48 2.79 17.09
C HIS A 358 -3.01 4.15 17.57
N LEU A 359 -3.65 4.65 18.61
CA LEU A 359 -3.28 5.93 19.21
C LEU A 359 -1.91 5.83 19.87
N ASP A 360 -1.03 6.76 19.53
CA ASP A 360 0.34 6.79 20.05
C ASP A 360 0.46 7.60 21.33
N GLY A 361 -0.55 8.41 21.64
CA GLY A 361 -0.59 9.17 22.89
C GLY A 361 -1.20 8.38 24.03
N THR A 362 -1.38 9.04 25.17
CA THR A 362 -2.04 8.44 26.34
C THR A 362 -3.06 9.41 26.93
N ASN A 363 -4.05 8.87 27.63
CA ASN A 363 -4.94 9.68 28.46
C ASN A 363 -4.14 10.21 29.63
N MET A 364 -3.72 11.47 29.55
CA MET A 364 -2.80 12.03 30.55
C MET A 364 -3.48 12.49 31.84
N TRP A 365 -4.82 12.42 31.90
CA TRP A 365 -5.57 12.99 33.01
C TRP A 365 -5.35 12.31 34.38
N PRO A 366 -5.40 10.97 34.47
CA PRO A 366 -5.08 10.30 35.75
C PRO A 366 -3.73 10.71 36.36
N ALA A 367 -2.69 10.73 35.52
CA ALA A 367 -1.37 11.16 35.97
C ALA A 367 -1.30 12.67 36.25
N PHE A 368 -2.03 13.48 35.47
CA PHE A 368 -2.08 14.94 35.67
C PHE A 368 -2.62 15.34 37.04
N ILE A 369 -3.74 14.74 37.40
CA ILE A 369 -4.41 14.98 38.68
C ILE A 369 -3.51 14.55 39.86
N LYS A 370 -2.91 13.37 39.78
CA LYS A 370 -1.99 12.87 40.82
C LYS A 370 -0.60 13.57 40.80
N ASN A 371 -0.38 14.47 39.85
CA ASN A 371 0.91 15.13 39.65
C ASN A 371 2.08 14.15 39.45
N GLU A 372 1.83 13.10 38.66
CA GLU A 372 2.82 12.11 38.28
C GLU A 372 3.13 12.25 36.78
N ASN A 373 4.25 11.68 36.35
CA ASN A 373 4.65 11.69 34.94
C ASN A 373 3.71 10.80 34.13
N PRO A 374 2.91 11.38 33.20
CA PRO A 374 2.03 10.55 32.36
C PRO A 374 2.79 9.66 31.36
N HIS A 375 4.06 9.99 31.11
CA HIS A 375 4.95 9.18 30.30
C HIS A 375 6.14 8.69 31.12
N LYS A 376 5.87 8.21 32.34
CA LYS A 376 6.94 7.62 33.20
C LYS A 376 7.49 6.39 32.49
N ASP A 377 8.83 6.37 32.33
CA ASP A 377 9.56 5.26 31.69
C ASP A 377 9.09 4.98 30.25
N GLU A 378 8.67 6.02 29.54
CA GLU A 378 8.18 5.90 28.15
C GLU A 378 8.72 7.05 27.30
N PRO A 379 9.18 6.72 26.07
CA PRO A 379 9.80 7.75 25.23
C PRO A 379 8.80 8.65 24.50
N ILE A 380 9.21 9.87 24.24
CA ILE A 380 8.50 10.79 23.38
C ILE A 380 9.47 11.11 22.24
N TYR A 381 9.00 10.99 21.01
CA TYR A 381 9.87 11.00 19.85
C TYR A 381 9.66 12.22 18.98
N ALA A 382 10.72 12.57 18.25
CA ALA A 382 10.64 13.46 17.10
C ALA A 382 11.60 12.92 16.05
N LEU A 383 11.20 13.01 14.79
CA LEU A 383 12.01 12.51 13.69
C LEU A 383 11.67 13.35 12.48
N ARG A 384 12.62 14.23 12.12
CA ARG A 384 12.46 15.11 10.98
C ARG A 384 13.47 14.70 9.92
N HIS A 385 12.98 14.49 8.70
CA HIS A 385 13.80 14.05 7.60
C HIS A 385 14.46 15.24 6.92
N ARG A 386 15.62 14.99 6.32
CA ARG A 386 16.37 15.97 5.56
C ARG A 386 16.89 15.30 4.29
N LYS A 387 17.75 15.97 3.53
CA LYS A 387 18.31 15.41 2.29
C LYS A 387 19.34 14.32 2.58
N GLY A 388 18.91 13.06 2.47
CA GLY A 388 19.80 11.92 2.61
C GLY A 388 20.08 11.41 4.00
N TYR A 389 19.49 12.04 5.00
CA TYR A 389 19.63 11.62 6.40
C TYR A 389 18.46 12.19 7.21
N SER A 390 18.40 11.85 8.49
CA SER A 390 17.31 12.30 9.36
C SER A 390 17.87 12.74 10.71
N ASP A 391 17.30 13.81 11.26
CA ASP A 391 17.55 14.25 12.62
C ASP A 391 16.45 13.65 13.51
N ALA A 392 16.80 13.37 14.76
CA ALA A 392 15.90 12.66 15.66
C ALA A 392 16.07 13.13 17.10
N ALA A 393 15.05 12.84 17.91
CA ALA A 393 15.04 13.21 19.32
C ALA A 393 14.30 12.17 20.13
N ILE A 394 14.79 11.93 21.36
CA ILE A 394 14.12 11.04 22.31
C ILE A 394 14.11 11.70 23.68
N ARG A 395 12.92 11.85 24.26
CA ARG A 395 12.75 12.38 25.61
C ARG A 395 12.09 11.32 26.47
N MET A 396 12.83 10.84 27.47
CA MET A 396 12.27 9.93 28.48
C MET A 396 12.78 10.31 29.87
N ASN A 397 11.83 10.52 30.79
CA ASN A 397 12.13 10.94 32.16
C ASN A 397 13.08 12.16 32.15
N GLN A 398 14.27 12.07 32.75
CA GLN A 398 15.21 13.20 32.80
C GLN A 398 16.08 13.33 31.56
N TRP A 399 16.01 12.35 30.65
CA TRP A 399 16.99 12.21 29.58
C TRP A 399 16.48 12.73 28.25
N LYS A 400 17.40 13.25 27.44
CA LYS A 400 17.11 13.74 26.11
C LYS A 400 18.21 13.23 25.19
N ALA A 401 17.88 12.31 24.30
CA ALA A 401 18.82 11.85 23.28
C ALA A 401 18.62 12.71 22.04
N LEU A 402 19.72 13.03 21.36
CA LEU A 402 19.70 13.93 20.22
C LEU A 402 20.58 13.42 19.06
N LYS A 403 19.95 13.29 17.89
CA LYS A 403 20.67 13.00 16.66
C LYS A 403 20.49 14.19 15.75
N VAL A 404 21.56 14.91 15.49
CA VAL A 404 21.46 16.12 14.69
C VAL A 404 22.70 16.29 13.79
N ASN A 405 22.50 16.87 12.60
CA ASN A 405 23.60 17.33 11.74
C ASN A 405 24.63 16.21 11.42
N GLN A 406 24.13 15.00 11.25
CA GLN A 406 24.95 13.81 10.96
C GLN A 406 26.04 13.50 11.99
N GLN A 407 25.83 13.93 13.24
CA GLN A 407 26.79 13.71 14.31
C GLN A 407 26.47 12.41 15.03
N PRO A 408 27.40 11.92 15.86
CA PRO A 408 27.01 10.83 16.75
C PRO A 408 25.88 11.24 17.69
N TRP A 409 25.12 10.24 18.16
CA TRP A 409 24.08 10.48 19.14
C TRP A 409 24.66 11.16 20.38
N GLN A 410 23.97 12.19 20.85
CA GLN A 410 24.31 12.88 22.09
C GLN A 410 23.22 12.58 23.13
N LEU A 411 23.57 12.75 24.40
CA LEU A 411 22.64 12.59 25.52
C LEU A 411 22.80 13.76 26.49
N PHE A 412 21.67 14.28 26.96
CA PHE A 412 21.67 15.39 27.91
C PHE A 412 20.75 15.04 29.05
N ASN A 413 21.07 15.52 30.25
CA ASN A 413 20.13 15.51 31.36
C ASN A 413 19.32 16.80 31.24
N ILE A 414 18.14 16.69 30.64
CA ILE A 414 17.38 17.86 30.21
C ILE A 414 16.79 18.63 31.40
N GLU A 415 16.64 17.96 32.54
CA GLU A 415 16.30 18.65 33.79
C GLU A 415 17.39 19.63 34.23
N ASN A 416 18.65 19.22 34.14
CA ASN A 416 19.79 20.09 34.50
C ASN A 416 20.28 20.99 33.37
N ASP A 417 20.04 20.58 32.12
CA ASP A 417 20.71 21.13 30.95
C ASP A 417 19.71 21.42 29.82
N ILE A 418 18.72 22.25 30.12
CA ILE A 418 17.62 22.56 29.17
C ILE A 418 18.11 23.14 27.82
N SER A 419 19.22 23.88 27.88
CA SER A 419 19.82 24.47 26.68
C SER A 419 20.68 23.50 25.86
N GLU A 420 20.80 22.25 26.31
CA GLU A 420 21.53 21.19 25.59
C GLU A 420 23.00 21.57 25.30
N LYS A 421 23.68 22.03 26.35
CA LYS A 421 25.07 22.47 26.26
C LYS A 421 26.10 21.39 26.65
N HIS A 422 25.69 20.31 27.30
CA HIS A 422 26.61 19.35 27.94
C HIS A 422 26.27 17.88 27.67
N ASP A 423 26.90 17.35 26.62
CA ASP A 423 26.74 15.98 26.17
C ASP A 423 27.35 14.99 27.16
N VAL A 424 26.53 14.18 27.82
CA VAL A 424 27.01 13.19 28.80
C VAL A 424 26.85 11.76 28.29
N SER A 425 26.94 11.60 26.96
CA SER A 425 26.85 10.28 26.34
C SER A 425 28.06 9.42 26.69
N LYS A 426 29.26 10.03 26.65
CA LYS A 426 30.52 9.32 26.94
C LYS A 426 30.47 8.50 28.24
N SER A 427 29.71 8.98 29.24
CA SER A 427 29.56 8.27 30.51
C SER A 427 28.19 7.59 30.73
N ASN A 428 27.44 7.32 29.65
CA ASN A 428 26.16 6.64 29.75
C ASN A 428 25.82 5.80 28.49
N LYS A 429 26.86 5.14 27.97
CA LYS A 429 26.81 4.40 26.70
C LYS A 429 25.63 3.44 26.61
N ALA A 430 25.46 2.59 27.63
CA ALA A 430 24.38 1.58 27.65
C ALA A 430 22.98 2.20 27.60
N LEU A 431 22.78 3.30 28.32
CA LEU A 431 21.47 3.96 28.36
C LEU A 431 21.10 4.60 27.02
N LEU A 432 22.07 5.30 26.41
CA LEU A 432 21.86 5.93 25.12
C LEU A 432 21.54 4.89 24.05
N THR A 433 22.36 3.84 24.00
CA THR A 433 22.17 2.73 23.05
C THR A 433 20.81 2.09 23.22
N ASP A 434 20.37 1.88 24.46
CA ASP A 434 19.06 1.31 24.72
C ASP A 434 17.93 2.22 24.17
N MET A 435 18.07 3.52 24.37
CA MET A 435 17.08 4.49 23.88
C MET A 435 16.99 4.50 22.35
N VAL A 436 18.14 4.49 21.68
CA VAL A 436 18.19 4.51 20.21
C VAL A 436 17.59 3.22 19.64
N ARG A 437 17.90 2.09 20.25
CA ARG A 437 17.37 0.81 19.81
C ARG A 437 15.88 0.70 19.99
N GLU A 438 15.33 1.32 21.04
CA GLU A 438 13.87 1.38 21.19
C GLU A 438 13.23 2.27 20.11
N MET A 439 13.92 3.33 19.71
CA MET A 439 13.46 4.14 18.58
C MET A 439 13.53 3.37 17.26
N GLU A 440 14.65 2.68 17.05
CA GLU A 440 14.81 1.77 15.92
C GLU A 440 13.65 0.77 15.86
N LYS A 441 13.31 0.18 16.99
CA LYS A 441 12.16 -0.75 17.10
C LYS A 441 10.87 -0.06 16.70
N TRP A 442 10.66 1.14 17.24
CA TRP A 442 9.49 1.96 16.97
C TRP A 442 9.38 2.37 15.47
N SER A 443 10.51 2.49 14.77
CA SER A 443 10.52 2.97 13.39
C SER A 443 9.87 2.05 12.34
N TRP A 444 9.77 0.76 12.63
CA TRP A 444 9.40 -0.23 11.60
C TRP A 444 7.99 -0.06 11.04
N ASP A 445 7.05 0.46 11.83
CA ASP A 445 5.68 0.69 11.33
C ASP A 445 5.45 2.11 10.79
N ASN A 446 6.51 2.91 10.67
CA ASN A 446 6.44 4.15 9.91
C ASN A 446 6.18 3.83 8.44
N GLN A 447 5.10 4.39 7.87
CA GLN A 447 4.83 4.25 6.43
C GLN A 447 5.78 5.10 5.59
N GLN A 448 6.00 4.68 4.35
CA GLN A 448 6.65 5.54 3.36
C GLN A 448 5.81 6.82 3.23
N PRO A 449 6.46 7.98 3.05
CA PRO A 449 5.69 9.20 2.88
C PRO A 449 4.73 9.11 1.70
N SER A 450 3.49 9.55 1.91
CA SER A 450 2.49 9.61 0.85
C SER A 450 2.65 10.86 -0.04
N TRP A 451 3.47 11.81 0.40
CA TRP A 451 3.81 13.00 -0.38
C TRP A 451 5.02 13.71 0.23
N PHE A 452 5.54 14.69 -0.50
CA PHE A 452 6.59 15.58 -0.02
C PHE A 452 6.14 17.01 -0.28
N HIS A 453 6.81 18.00 0.31
CA HIS A 453 6.39 19.40 0.13
C HIS A 453 6.88 20.00 -1.19
N GLU A 454 7.84 19.35 -1.83
CA GLU A 454 8.31 19.75 -3.15
C GLU A 454 8.68 18.53 -3.98
N THR A 455 8.50 18.62 -5.29
CA THR A 455 8.78 17.51 -6.22
C THR A 455 10.21 16.99 -6.08
N THR A 456 11.19 17.90 -6.01
CA THR A 456 12.60 17.52 -5.86
C THR A 456 12.89 16.80 -4.53
N GLU A 457 12.13 17.10 -3.47
CA GLU A 457 12.33 16.41 -2.19
C GLU A 457 12.03 14.92 -2.31
N GLY A 458 10.95 14.59 -3.01
CA GLY A 458 10.55 13.20 -3.26
C GLY A 458 11.47 12.45 -4.22
N VAL A 459 12.00 13.15 -5.21
CA VAL A 459 13.00 12.56 -6.10
C VAL A 459 14.24 12.20 -5.28
N ASN A 460 14.70 13.14 -4.48
CA ASN A 460 15.88 12.93 -3.63
C ASN A 460 15.66 11.83 -2.60
N TRP A 461 14.47 11.79 -2.01
CA TRP A 461 14.08 10.70 -1.11
C TRP A 461 14.36 9.35 -1.77
N ARG A 462 13.87 9.18 -3.00
CA ARG A 462 14.05 7.95 -3.75
C ARG A 462 15.51 7.71 -4.18
N LEU A 463 16.19 8.76 -4.66
CA LEU A 463 17.61 8.67 -5.03
C LEU A 463 18.52 8.24 -3.86
N ASP A 464 18.24 8.78 -2.68
CA ASP A 464 19.06 8.53 -1.49
C ASP A 464 18.64 7.29 -0.69
N ALA A 465 17.68 6.52 -1.21
CA ALA A 465 17.23 5.24 -0.64
C ALA A 465 16.62 5.38 0.75
N MET A 466 15.95 6.51 0.97
CA MET A 466 15.43 6.87 2.27
C MET A 466 14.28 5.96 2.71
N PRO A 467 14.09 5.74 4.01
CA PRO A 467 14.87 6.38 5.09
C PRO A 467 16.24 5.74 5.29
N ARG A 468 17.27 6.53 5.51
CA ARG A 468 18.59 5.99 5.76
C ARG A 468 18.77 5.74 7.23
N PHE A 469 17.93 4.90 7.79
CA PHE A 469 17.95 4.58 9.22
C PHE A 469 19.22 3.84 9.67
N ASP A 470 20.03 3.35 8.73
CA ASP A 470 21.39 2.87 9.05
C ASP A 470 22.25 3.98 9.65
N LYS A 471 22.13 5.20 9.14
CA LYS A 471 22.79 6.36 9.73
C LYS A 471 22.10 6.81 11.03
N THR A 472 20.77 6.85 10.99
CA THR A 472 19.96 7.43 12.06
C THR A 472 20.01 6.63 13.36
N PHE A 473 20.19 5.31 13.28
CA PHE A 473 20.20 4.46 14.47
C PHE A 473 21.52 3.70 14.72
N LYS A 474 22.62 4.15 14.09
CA LYS A 474 23.96 3.61 14.37
C LYS A 474 24.35 3.94 15.80
N THR A 475 25.00 2.99 16.47
CA THR A 475 25.55 3.21 17.82
C THR A 475 26.95 2.61 17.95
N GLN B 25 -17.17 -36.73 15.36
CA GLN B 25 -16.63 -37.22 14.06
C GLN B 25 -15.44 -36.40 13.53
N LYS B 26 -15.48 -35.05 13.68
CA LYS B 26 -14.40 -34.19 13.18
C LYS B 26 -13.13 -34.35 14.04
N PRO B 27 -11.97 -34.60 13.39
CA PRO B 27 -10.79 -34.95 14.15
C PRO B 27 -10.09 -33.78 14.83
N ASN B 28 -9.38 -34.07 15.92
CA ASN B 28 -8.48 -33.09 16.52
C ASN B 28 -7.24 -33.03 15.62
N ILE B 29 -6.49 -31.93 15.72
CA ILE B 29 -5.30 -31.75 14.89
C ILE B 29 -4.16 -31.18 15.72
N ILE B 30 -2.99 -31.81 15.66
CA ILE B 30 -1.81 -31.33 16.36
C ILE B 30 -0.68 -31.13 15.34
N LEU B 31 -0.23 -29.88 15.20
CA LEU B 31 0.90 -29.53 14.36
C LEU B 31 2.09 -29.29 15.27
N ILE B 32 3.02 -30.26 15.29
CA ILE B 32 4.24 -30.17 16.07
C ILE B 32 5.35 -29.70 15.13
N VAL B 33 5.99 -28.58 15.48
CA VAL B 33 7.05 -28.02 14.66
C VAL B 33 8.32 -27.84 15.48
N ALA B 34 9.32 -28.63 15.14
CA ALA B 34 10.68 -28.43 15.64
C ALA B 34 11.35 -27.32 14.84
N ASP B 35 12.24 -26.58 15.48
CA ASP B 35 12.88 -25.41 14.91
C ASP B 35 14.32 -25.76 14.51
N ASP B 36 14.60 -25.70 13.20
CA ASP B 36 15.92 -26.05 12.63
C ASP B 36 16.32 -27.52 12.85
N LEU B 37 15.35 -28.43 12.83
CA LEU B 37 15.62 -29.85 12.92
C LEU B 37 16.16 -30.31 11.57
N GLY B 38 17.38 -30.85 11.59
CA GLY B 38 18.04 -31.31 10.35
C GLY B 38 17.39 -32.54 9.74
N TYR B 39 17.56 -32.69 8.43
CA TYR B 39 16.90 -33.76 7.66
C TYR B 39 17.21 -35.17 8.20
N ALA B 40 18.42 -35.36 8.72
CA ALA B 40 18.88 -36.66 9.21
C ALA B 40 18.91 -36.78 10.74
N ASP B 41 18.13 -35.95 11.44
CA ASP B 41 18.21 -35.87 12.91
C ASP B 41 17.00 -36.43 13.65
N VAL B 42 16.23 -37.25 12.96
CA VAL B 42 15.23 -38.13 13.57
C VAL B 42 15.43 -39.51 12.95
N GLY B 43 15.17 -40.54 13.75
CA GLY B 43 15.36 -41.92 13.33
C GLY B 43 14.59 -42.28 12.07
N PHE B 44 13.31 -41.94 12.03
CA PHE B 44 12.44 -42.28 10.89
C PHE B 44 12.89 -41.69 9.56
N ASN B 45 13.67 -40.60 9.60
CA ASN B 45 14.25 -39.98 8.41
C ASN B 45 15.77 -40.22 8.24
N GLY B 46 16.29 -41.30 8.83
CA GLY B 46 17.64 -41.79 8.53
C GLY B 46 18.76 -41.52 9.52
N SER B 47 18.42 -41.05 10.73
CA SER B 47 19.45 -40.75 11.73
C SER B 47 20.16 -42.02 12.14
N LYS B 48 21.49 -41.99 12.08
CA LYS B 48 22.33 -43.11 12.53
C LYS B 48 22.79 -42.95 13.99
N ASP B 49 22.73 -41.74 14.56
CA ASP B 49 23.30 -41.45 15.89
C ASP B 49 22.28 -40.95 16.92
N ILE B 50 21.43 -40.00 16.52
CA ILE B 50 20.37 -39.51 17.41
C ILE B 50 19.23 -40.52 17.37
N ILE B 51 18.62 -40.79 18.52
CA ILE B 51 17.57 -41.80 18.65
C ILE B 51 16.34 -41.07 19.16
N THR B 52 15.21 -41.31 18.48
CA THR B 52 13.96 -40.58 18.72
C THR B 52 12.80 -41.58 18.67
N PRO B 53 12.72 -42.46 19.68
CA PRO B 53 11.76 -43.57 19.62
C PRO B 53 10.26 -43.18 19.57
N ASN B 54 9.85 -42.20 20.37
CA ASN B 54 8.44 -41.79 20.43
C ASN B 54 7.97 -41.12 19.13
N ILE B 55 8.85 -40.31 18.56
CA ILE B 55 8.61 -39.73 17.23
C ILE B 55 8.57 -40.86 16.20
N ASP B 56 9.54 -41.78 16.28
CA ASP B 56 9.57 -42.95 15.40
C ASP B 56 8.31 -43.82 15.51
N ASP B 57 7.74 -43.97 16.71
CA ASP B 57 6.47 -44.70 16.90
C ASP B 57 5.37 -44.15 16.01
N LEU B 58 5.26 -42.82 15.96
CA LEU B 58 4.26 -42.15 15.13
C LEU B 58 4.52 -42.42 13.65
N ALA B 59 5.79 -42.40 13.23
CA ALA B 59 6.16 -42.78 11.85
C ALA B 59 5.82 -44.23 11.53
N LYS B 60 6.27 -45.15 12.41
CA LYS B 60 6.06 -46.60 12.22
C LYS B 60 4.57 -46.94 12.09
N SER B 61 3.70 -46.30 12.87
CA SER B 61 2.24 -46.51 12.76
C SER B 61 1.53 -45.40 11.96
N GLY B 62 2.25 -44.79 11.02
CA GLY B 62 1.68 -43.76 10.15
C GLY B 62 2.49 -43.65 8.86
N THR B 63 2.43 -42.48 8.24
CA THR B 63 3.10 -42.22 6.98
C THR B 63 4.10 -41.08 7.15
N SER B 64 5.35 -41.30 6.74
CA SER B 64 6.35 -40.24 6.64
C SER B 64 6.40 -39.73 5.20
N PHE B 65 7.05 -38.58 5.00
CA PHE B 65 7.11 -37.92 3.69
C PHE B 65 8.55 -37.66 3.29
N SER B 66 8.96 -38.26 2.17
CA SER B 66 10.34 -38.12 1.69
C SER B 66 10.56 -36.85 0.88
N ASP B 67 9.48 -36.20 0.46
CA ASP B 67 9.57 -35.03 -0.41
C ASP B 67 8.71 -33.89 0.15
N ALA B 68 8.87 -33.59 1.44
CA ALA B 68 8.14 -32.54 2.11
C ALA B 68 8.96 -31.25 2.09
N TYR B 69 8.32 -30.14 1.67
CA TYR B 69 9.00 -28.85 1.53
C TYR B 69 8.27 -27.74 2.29
N VAL B 70 9.04 -26.89 2.97
CA VAL B 70 8.48 -25.67 3.56
C VAL B 70 8.54 -24.53 2.54
N ALA B 71 7.84 -23.44 2.84
CA ALA B 71 7.70 -22.33 1.89
C ALA B 71 8.90 -21.39 1.87
N HIS B 72 9.78 -21.47 2.86
CA HIS B 72 10.96 -20.62 2.90
C HIS B 72 12.02 -21.32 3.72
N PRO B 73 13.30 -21.12 3.38
CA PRO B 73 14.33 -21.85 4.12
C PRO B 73 14.76 -21.27 5.46
N PHE B 74 14.02 -20.33 6.06
CA PHE B 74 14.25 -19.95 7.46
C PHE B 74 12.94 -19.55 8.20
N CYS B 75 13.06 -19.39 9.52
CA CYS B 75 11.93 -19.47 10.50
C CYS B 75 10.67 -18.67 10.20
N GLY B 76 10.79 -17.34 10.23
CA GLY B 76 9.65 -16.43 10.25
C GLY B 76 8.75 -16.58 9.04
N PRO B 77 9.32 -16.47 7.83
CA PRO B 77 8.51 -16.65 6.63
C PRO B 77 7.94 -18.06 6.48
N SER B 78 8.68 -19.09 6.89
CA SER B 78 8.15 -20.46 6.87
C SER B 78 6.92 -20.60 7.74
N ARG B 79 6.99 -20.02 8.95
CA ARG B 79 5.90 -20.08 9.92
C ARG B 79 4.71 -19.25 9.49
N ALA B 80 4.96 -18.05 8.95
CA ALA B 80 3.91 -17.24 8.34
C ALA B 80 3.14 -18.03 7.29
N ALA B 81 3.86 -18.80 6.48
CA ALA B 81 3.26 -19.64 5.46
C ALA B 81 2.42 -20.77 6.02
N LEU B 82 2.94 -21.46 7.04
CA LEU B 82 2.18 -22.53 7.71
C LEU B 82 0.82 -22.05 8.20
N MET B 83 0.82 -20.90 8.87
CA MET B 83 -0.40 -20.34 9.49
C MET B 83 -1.34 -19.71 8.48
N THR B 84 -0.82 -19.05 7.45
CA THR B 84 -1.65 -18.35 6.46
C THR B 84 -2.03 -19.20 5.26
N GLY B 85 -1.24 -20.22 4.97
CA GLY B 85 -1.43 -21.03 3.76
C GLY B 85 -1.04 -20.31 2.50
N ARG B 86 -0.17 -19.31 2.65
CA ARG B 86 0.28 -18.46 1.55
C ARG B 86 1.79 -18.36 1.56
N TYR B 87 2.38 -18.32 0.37
CA TYR B 87 3.80 -18.02 0.23
C TYR B 87 4.04 -16.68 0.92
N PRO B 88 5.06 -16.61 1.79
CA PRO B 88 5.28 -15.38 2.57
C PRO B 88 5.52 -14.15 1.69
N HIS B 89 5.98 -14.36 0.47
CA HIS B 89 6.24 -13.29 -0.49
C HIS B 89 4.95 -12.55 -0.88
N LYS B 90 3.83 -13.27 -0.90
CA LYS B 90 2.54 -12.69 -1.27
C LYS B 90 2.00 -11.71 -0.22
N ILE B 91 2.51 -11.79 1.01
CA ILE B 91 1.99 -11.00 2.14
C ILE B 91 3.07 -10.16 2.85
N GLY B 92 4.17 -9.89 2.16
CA GLY B 92 5.21 -9.00 2.67
C GLY B 92 6.06 -9.53 3.82
N SER B 93 6.02 -10.85 4.03
CA SER B 93 6.69 -11.49 5.16
C SER B 93 7.88 -12.35 4.72
N GLN B 94 8.63 -11.87 3.71
CA GLN B 94 9.79 -12.59 3.16
C GLN B 94 11.00 -12.61 4.08
N PHE B 95 10.99 -11.78 5.13
CA PHE B 95 12.12 -11.69 6.04
C PHE B 95 11.68 -12.00 7.47
N ASN B 96 12.62 -12.42 8.31
CA ASN B 96 12.37 -12.54 9.74
C ASN B 96 12.09 -11.15 10.27
N LEU B 97 11.30 -11.06 11.34
CA LEU B 97 11.02 -9.77 11.98
C LEU B 97 12.31 -9.17 12.54
N PRO B 98 12.36 -7.82 12.64
CA PRO B 98 13.54 -7.14 13.19
C PRO B 98 14.02 -7.79 14.50
N THR B 99 15.29 -8.21 14.54
CA THR B 99 15.80 -9.03 15.65
C THR B 99 15.72 -8.37 17.02
N ARG B 100 15.77 -7.03 17.04
CA ARG B 100 15.68 -6.23 18.27
C ARG B 100 14.26 -5.74 18.62
N GLY B 101 13.22 -6.26 17.95
CA GLY B 101 11.83 -5.91 18.23
C GLY B 101 11.23 -4.93 17.23
N SER B 102 9.90 -4.96 17.14
CA SER B 102 9.15 -4.13 16.19
C SER B 102 7.66 -4.09 16.48
N ASN B 103 6.96 -3.14 15.84
CA ASN B 103 5.50 -3.01 15.94
C ASN B 103 4.79 -3.56 14.69
N VAL B 104 5.42 -4.50 13.98
CA VAL B 104 4.86 -5.09 12.77
C VAL B 104 4.78 -6.60 12.89
N GLY B 105 4.05 -7.22 11.98
CA GLY B 105 3.82 -8.66 12.01
C GLY B 105 3.06 -9.16 10.80
N VAL B 106 2.83 -10.48 10.78
CA VAL B 106 2.16 -11.12 9.66
C VAL B 106 0.78 -10.44 9.54
N PRO B 107 0.45 -9.91 8.34
CA PRO B 107 -0.72 -9.03 8.22
C PRO B 107 -2.02 -9.66 8.71
N THR B 108 -2.83 -8.86 9.41
CA THR B 108 -4.03 -9.36 10.10
C THR B 108 -5.18 -9.71 9.18
N ASP B 109 -5.15 -9.25 7.91
CA ASP B 109 -6.21 -9.59 6.95
C ASP B 109 -6.06 -10.98 6.31
N ALA B 110 -4.90 -11.64 6.49
CA ALA B 110 -4.71 -13.05 6.12
C ALA B 110 -5.08 -13.94 7.31
N LYS B 111 -6.23 -14.60 7.22
CA LYS B 111 -6.76 -15.37 8.32
C LYS B 111 -5.91 -16.61 8.61
N PHE B 112 -5.48 -16.72 9.86
CA PHE B 112 -4.68 -17.88 10.31
C PHE B 112 -5.54 -19.15 10.34
N ILE B 113 -4.92 -20.30 10.10
CA ILE B 113 -5.61 -21.59 10.19
C ILE B 113 -6.26 -21.79 11.57
N SER B 114 -5.62 -21.29 12.61
CA SER B 114 -6.18 -21.36 13.96
C SER B 114 -7.49 -20.60 14.06
N LYS B 115 -7.54 -19.38 13.49
CA LYS B 115 -8.77 -18.59 13.52
C LYS B 115 -9.89 -19.28 12.74
N LEU B 116 -9.57 -19.87 11.58
CA LEU B 116 -10.57 -20.59 10.77
C LEU B 116 -11.19 -21.74 11.54
N LEU B 117 -10.31 -22.59 12.10
CA LEU B 117 -10.75 -23.74 12.90
C LEU B 117 -11.55 -23.27 14.13
N ASN B 118 -11.07 -22.23 14.81
CA ASN B 118 -11.79 -21.65 15.95
C ASN B 118 -13.21 -21.17 15.58
N GLU B 119 -13.36 -20.58 14.40
CA GLU B 119 -14.66 -20.16 13.88
C GLU B 119 -15.56 -21.35 13.50
N ASN B 120 -14.95 -22.49 13.20
CA ASN B 120 -15.67 -23.75 13.02
C ASN B 120 -15.58 -24.66 14.27
N ASN B 121 -15.72 -24.05 15.44
CA ASN B 121 -15.94 -24.77 16.71
C ASN B 121 -14.73 -25.38 17.43
N TYR B 122 -13.53 -25.33 16.84
CA TYR B 122 -12.35 -25.94 17.48
C TYR B 122 -11.86 -25.13 18.69
N PHE B 123 -11.39 -25.85 19.71
CA PHE B 123 -10.69 -25.26 20.85
C PHE B 123 -9.22 -25.16 20.45
N THR B 124 -8.62 -23.98 20.60
CA THR B 124 -7.33 -23.72 19.95
C THR B 124 -6.24 -23.29 20.90
N GLY B 125 -5.06 -23.92 20.75
CA GLY B 125 -3.90 -23.65 21.59
C GLY B 125 -2.63 -23.51 20.78
N ALA B 126 -1.75 -22.62 21.23
CA ALA B 126 -0.43 -22.46 20.64
C ALA B 126 0.60 -22.46 21.74
N LEU B 127 1.73 -23.13 21.51
CA LEU B 127 2.77 -23.27 22.51
C LEU B 127 4.14 -22.94 21.96
N GLY B 128 4.91 -22.19 22.75
CA GLY B 128 6.31 -21.95 22.47
C GLY B 128 6.58 -20.77 21.55
N LYS B 129 7.29 -21.03 20.47
CA LYS B 129 7.75 -19.98 19.57
C LYS B 129 6.62 -19.39 18.71
N TRP B 130 6.60 -18.06 18.62
CA TRP B 130 5.66 -17.32 17.79
C TRP B 130 6.41 -16.71 16.59
N HIS B 131 7.10 -15.58 16.81
CA HIS B 131 7.90 -14.88 15.81
C HIS B 131 7.10 -14.38 14.59
N MET B 132 5.86 -13.98 14.84
CA MET B 132 4.97 -13.43 13.82
C MET B 132 4.28 -12.13 14.28
N GLY B 133 4.90 -11.44 15.24
CA GLY B 133 4.48 -10.12 15.71
C GLY B 133 4.10 -10.14 17.17
N ASP B 134 4.61 -9.17 17.95
CA ASP B 134 4.37 -9.08 19.41
C ASP B 134 3.38 -7.98 19.84
N THR B 135 2.76 -7.28 18.86
CA THR B 135 1.78 -6.24 19.16
C THR B 135 0.44 -6.88 19.57
N PRO B 136 -0.48 -6.08 20.17
CA PRO B 136 -1.79 -6.61 20.56
C PRO B 136 -2.53 -7.35 19.44
N GLN B 137 -2.60 -6.74 18.27
CA GLN B 137 -3.35 -7.29 17.12
C GLN B 137 -2.64 -8.49 16.43
N HIS B 138 -1.32 -8.61 16.59
CA HIS B 138 -0.53 -9.73 16.05
C HIS B 138 -0.31 -10.88 17.06
N HIS B 139 -0.80 -10.72 18.30
CA HIS B 139 -0.64 -11.70 19.39
C HIS B 139 -1.49 -12.95 19.13
N PRO B 140 -1.00 -14.14 19.54
CA PRO B 140 -1.74 -15.41 19.37
C PRO B 140 -3.23 -15.38 19.74
N ASN B 141 -3.56 -14.72 20.85
CA ASN B 141 -4.96 -14.62 21.29
C ASN B 141 -5.88 -13.88 20.30
N LYS B 142 -5.31 -13.02 19.47
CA LYS B 142 -6.04 -12.35 18.37
C LYS B 142 -5.90 -13.04 17.00
N ARG B 143 -4.98 -13.99 16.88
CA ARG B 143 -4.89 -14.85 15.69
C ARG B 143 -5.64 -16.17 15.84
N GLY B 144 -6.62 -16.23 16.74
CA GLY B 144 -7.52 -17.38 16.84
C GLY B 144 -7.08 -18.52 17.74
N PHE B 145 -6.14 -18.24 18.65
CA PHE B 145 -5.72 -19.21 19.68
C PHE B 145 -6.33 -18.86 21.03
N ASP B 146 -7.26 -19.69 21.51
CA ASP B 146 -7.88 -19.50 22.83
C ASP B 146 -6.80 -19.53 23.92
N GLU B 147 -5.89 -20.50 23.84
CA GLU B 147 -4.77 -20.65 24.77
C GLU B 147 -3.41 -20.37 24.11
N TYR B 148 -2.53 -19.66 24.82
CA TYR B 148 -1.14 -19.51 24.40
C TYR B 148 -0.21 -19.58 25.61
N TYR B 149 0.87 -20.35 25.48
CA TYR B 149 1.94 -20.40 26.46
C TYR B 149 3.27 -20.43 25.71
N GLY B 150 4.10 -19.41 25.89
CA GLY B 150 5.42 -19.39 25.25
C GLY B 150 6.11 -18.04 25.27
N PHE B 151 6.90 -17.79 24.24
CA PHE B 151 7.70 -16.57 24.10
C PHE B 151 7.48 -16.06 22.68
N LEU B 152 7.31 -14.75 22.55
CA LEU B 152 6.80 -14.16 21.29
C LEU B 152 7.85 -13.96 20.20
N GLY B 153 9.13 -13.96 20.56
CA GLY B 153 10.23 -13.70 19.62
C GLY B 153 10.77 -14.96 18.93
N GLY B 154 11.97 -14.83 18.34
CA GLY B 154 12.55 -15.87 17.46
C GLY B 154 13.17 -17.08 18.13
N GLY B 155 13.34 -17.02 19.45
CA GLY B 155 13.88 -18.14 20.21
C GLY B 155 13.97 -17.78 21.67
N HIS B 156 14.61 -18.64 22.45
CA HIS B 156 14.72 -18.41 23.89
C HIS B 156 15.80 -19.26 24.53
N ASN B 157 16.52 -18.70 25.50
CA ASN B 157 17.41 -19.50 26.33
C ASN B 157 16.60 -20.56 27.08
N TYR B 158 17.21 -21.73 27.27
CA TYR B 158 16.48 -22.95 27.67
C TYR B 158 16.36 -23.19 29.17
N PHE B 159 17.24 -22.58 29.96
CA PHE B 159 17.32 -22.81 31.41
C PHE B 159 16.90 -21.56 32.20
N PRO B 160 15.75 -21.62 32.88
CA PRO B 160 15.32 -20.51 33.75
C PRO B 160 16.32 -20.11 34.84
N ASP B 161 17.02 -21.10 35.44
CA ASP B 161 18.16 -20.79 36.32
C ASP B 161 19.21 -19.85 35.73
N GLN B 162 19.43 -19.91 34.41
CA GLN B 162 20.37 -18.99 33.70
C GLN B 162 19.74 -17.66 33.29
N TYR B 163 18.59 -17.71 32.60
CA TYR B 163 18.04 -16.51 31.94
C TYR B 163 17.31 -15.52 32.86
N GLN B 164 16.63 -16.02 33.89
CA GLN B 164 15.84 -15.15 34.79
C GLN B 164 16.70 -14.16 35.60
N PRO B 165 17.86 -14.61 36.13
CA PRO B 165 18.81 -13.65 36.76
C PRO B 165 19.32 -12.54 35.83
N GLN B 166 19.63 -12.87 34.58
CA GLN B 166 20.07 -11.87 33.59
C GLN B 166 18.97 -10.84 33.29
N TYR B 167 17.71 -11.30 33.17
CA TYR B 167 16.58 -10.40 32.96
C TYR B 167 16.34 -9.53 34.21
N LYS B 168 16.40 -10.11 35.41
CA LYS B 168 16.27 -9.33 36.66
C LYS B 168 17.30 -8.20 36.69
N LYS B 169 18.56 -8.54 36.43
CA LYS B 169 19.69 -7.59 36.45
C LYS B 169 19.51 -6.45 35.43
N GLN B 170 19.10 -6.79 34.21
CA GLN B 170 18.88 -5.79 33.14
C GLN B 170 17.64 -4.91 33.39
N LYS B 171 16.56 -5.48 33.93
CA LYS B 171 15.34 -4.70 34.18
C LYS B 171 15.58 -3.67 35.29
N ALA B 172 16.20 -4.11 36.40
CA ALA B 172 16.55 -3.21 37.51
C ALA B 172 17.54 -2.11 37.13
N GLN B 173 18.34 -2.36 36.09
CA GLN B 173 19.24 -1.36 35.49
C GLN B 173 18.48 -0.27 34.70
N GLY B 174 17.19 -0.51 34.37
CA GLY B 174 16.33 0.46 33.67
C GLY B 174 16.10 0.22 32.19
N LEU B 175 16.76 -0.81 31.64
CA LEU B 175 16.77 -1.07 30.19
C LEU B 175 15.41 -1.56 29.67
N LYS B 176 15.02 -1.06 28.49
CA LYS B 176 13.76 -1.41 27.84
C LYS B 176 13.89 -2.35 26.63
N ASN B 177 15.03 -2.29 25.93
CA ASN B 177 15.32 -3.17 24.79
C ASN B 177 16.16 -4.34 25.28
N ILE B 178 15.50 -5.25 25.98
CA ILE B 178 16.14 -6.44 26.51
C ILE B 178 16.01 -7.57 25.50
N PHE B 179 17.13 -8.29 25.32
CA PHE B 179 17.24 -9.40 24.38
C PHE B 179 16.07 -10.37 24.58
N GLU B 180 15.30 -10.62 23.52
CA GLU B 180 14.05 -11.40 23.64
C GLU B 180 14.25 -12.87 24.07
N TYR B 181 15.47 -13.39 23.95
CA TYR B 181 15.81 -14.76 24.38
C TYR B 181 15.84 -14.96 25.90
N ILE B 182 15.88 -13.88 26.69
CA ILE B 182 15.88 -13.98 28.15
C ILE B 182 14.64 -13.40 28.84
N THR B 183 13.70 -12.85 28.07
CA THR B 183 12.49 -12.27 28.66
C THR B 183 11.60 -13.37 29.23
N PRO B 184 10.70 -13.02 30.17
CA PRO B 184 9.86 -14.06 30.75
C PRO B 184 8.87 -14.58 29.74
N LEU B 185 8.57 -15.88 29.84
CA LEU B 185 7.46 -16.46 29.08
C LEU B 185 6.14 -15.93 29.63
N GLU B 186 5.07 -16.14 28.85
CA GLU B 186 3.73 -15.69 29.23
C GLU B 186 2.70 -16.78 29.02
N HIS B 187 1.54 -16.59 29.66
CA HIS B 187 0.35 -17.39 29.41
C HIS B 187 -0.77 -16.40 29.16
N ASN B 188 -1.32 -16.43 27.95
CA ASN B 188 -2.38 -15.49 27.53
C ASN B 188 -2.17 -14.02 27.95
N GLY B 189 -0.96 -13.50 27.78
CA GLY B 189 -0.69 -12.09 28.08
C GLY B 189 -0.15 -11.78 29.47
N LYS B 190 -0.39 -12.67 30.46
CA LYS B 190 0.17 -12.51 31.81
C LYS B 190 1.52 -13.24 31.88
N GLU B 191 2.53 -12.58 32.46
CA GLU B 191 3.86 -13.19 32.64
C GLU B 191 3.81 -14.39 33.58
N VAL B 192 4.79 -15.28 33.43
CA VAL B 192 4.97 -16.39 34.35
C VAL B 192 6.45 -16.51 34.74
N LYS B 193 6.70 -17.30 35.78
CA LYS B 193 8.04 -17.64 36.23
C LYS B 193 8.22 -19.13 35.95
N GLU B 194 8.80 -19.43 34.79
CA GLU B 194 9.02 -20.82 34.39
C GLU B 194 10.11 -21.48 35.24
N THR B 195 9.92 -22.75 35.58
CA THR B 195 10.86 -23.51 36.44
C THR B 195 11.64 -24.62 35.73
N GLN B 196 11.08 -25.19 34.65
CA GLN B 196 11.71 -26.31 33.95
C GLN B 196 12.48 -25.89 32.70
N TYR B 197 13.35 -26.78 32.23
CA TYR B 197 13.99 -26.69 30.91
C TYR B 197 12.90 -26.48 29.87
N ILE B 198 13.06 -25.46 29.04
CA ILE B 198 11.95 -24.91 28.23
C ILE B 198 11.24 -25.98 27.39
N THR B 199 12.01 -26.85 26.74
CA THR B 199 11.43 -27.98 25.99
C THR B 199 10.46 -28.82 26.85
N ASP B 200 10.84 -29.10 28.08
CA ASP B 200 10.01 -29.89 29.01
C ASP B 200 8.77 -29.14 29.45
N ALA B 201 8.92 -27.83 29.67
CA ALA B 201 7.80 -26.96 30.02
C ALA B 201 6.74 -26.92 28.93
N LEU B 202 7.19 -26.77 27.70
CA LEU B 202 6.28 -26.72 26.55
C LEU B 202 5.56 -28.03 26.39
N SER B 203 6.27 -29.13 26.61
CA SER B 203 5.66 -30.47 26.60
C SER B 203 4.60 -30.61 27.70
N ARG B 204 4.93 -30.12 28.88
CA ARG B 204 4.05 -30.15 30.02
C ARG B 204 2.78 -29.37 29.72
N GLU B 205 2.93 -28.21 29.11
CA GLU B 205 1.77 -27.39 28.78
C GLU B 205 0.96 -27.96 27.62
N ALA B 206 1.60 -28.70 26.73
CA ALA B 206 0.86 -29.47 25.72
C ALA B 206 -0.02 -30.54 26.36
N VAL B 207 0.48 -31.18 27.42
CA VAL B 207 -0.34 -32.13 28.19
C VAL B 207 -1.51 -31.36 28.82
N ASN B 208 -1.19 -30.27 29.53
CA ASN B 208 -2.21 -29.47 30.19
C ASN B 208 -3.29 -29.03 29.22
N PHE B 209 -2.89 -28.70 27.99
CA PHE B 209 -3.83 -28.28 26.96
C PHE B 209 -4.81 -29.39 26.57
N VAL B 210 -4.29 -30.55 26.18
CA VAL B 210 -5.15 -31.67 25.79
C VAL B 210 -6.00 -32.22 26.94
N ASP B 211 -5.53 -32.06 28.18
CA ASP B 211 -6.37 -32.35 29.37
C ASP B 211 -7.52 -31.34 29.49
N LYS B 212 -7.24 -30.06 29.29
CA LYS B 212 -8.30 -29.02 29.29
C LYS B 212 -9.31 -29.27 28.17
N ALA B 213 -8.84 -29.82 27.05
CA ALA B 213 -9.68 -30.11 25.88
C ALA B 213 -10.72 -31.23 26.08
N VAL B 214 -10.50 -32.10 27.06
CA VAL B 214 -11.43 -33.22 27.36
C VAL B 214 -12.81 -32.67 27.74
N ASN B 215 -12.81 -31.71 28.67
CA ASN B 215 -14.05 -31.11 29.18
C ASN B 215 -14.78 -30.24 28.16
N LYS B 216 -14.08 -29.71 27.16
CA LYS B 216 -14.68 -28.80 26.16
C LYS B 216 -15.74 -29.46 25.28
N LYS B 217 -15.55 -30.74 24.92
CA LYS B 217 -16.53 -31.46 24.08
C LYS B 217 -16.71 -30.83 22.66
N HIS B 218 -15.68 -30.14 22.18
CA HIS B 218 -15.50 -29.82 20.76
C HIS B 218 -14.18 -30.49 20.35
N PRO B 219 -13.91 -30.58 19.04
CA PRO B 219 -12.54 -30.93 18.64
C PRO B 219 -11.54 -29.81 18.96
N PHE B 220 -10.24 -30.14 19.01
CA PHE B 220 -9.21 -29.17 19.35
C PHE B 220 -8.09 -29.11 18.29
N PHE B 221 -7.41 -27.96 18.26
CA PHE B 221 -6.24 -27.75 17.41
C PHE B 221 -5.09 -27.22 18.26
N LEU B 222 -3.93 -27.87 18.17
CA LEU B 222 -2.75 -27.48 18.94
C LEU B 222 -1.55 -27.20 18.02
N TYR B 223 -1.02 -25.99 18.11
CA TYR B 223 0.21 -25.63 17.40
C TYR B 223 1.35 -25.69 18.41
N LEU B 224 2.13 -26.76 18.37
CA LEU B 224 3.23 -26.98 19.32
C LEU B 224 4.55 -26.58 18.67
N ALA B 225 4.98 -25.34 18.92
CA ALA B 225 6.17 -24.77 18.28
C ALA B 225 7.35 -24.81 19.23
N TYR B 226 8.04 -25.94 19.25
CA TYR B 226 9.26 -26.09 20.03
C TYR B 226 10.32 -25.17 19.47
N ASN B 227 11.16 -24.65 20.35
CA ASN B 227 12.38 -23.95 19.90
C ASN B 227 13.56 -24.91 19.70
N ALA B 228 13.52 -26.10 20.28
CA ALA B 228 14.58 -27.08 20.04
C ALA B 228 14.51 -27.59 18.58
N PRO B 229 15.62 -27.79 17.89
CA PRO B 229 16.99 -27.64 18.40
C PRO B 229 17.69 -26.36 17.92
N HIS B 230 16.95 -25.25 17.88
CA HIS B 230 17.48 -23.94 17.52
C HIS B 230 18.46 -23.48 18.60
N THR B 231 19.44 -22.70 18.19
CA THR B 231 20.37 -22.06 19.11
C THR B 231 19.61 -21.26 20.21
N PRO B 232 20.20 -21.08 21.39
CA PRO B 232 21.52 -21.61 21.76
C PRO B 232 21.52 -23.11 22.08
N LEU B 233 22.69 -23.72 21.88
CA LEU B 233 22.86 -25.14 22.11
C LEU B 233 22.99 -25.41 23.60
N GLN B 234 21.84 -25.65 24.22
CA GLN B 234 21.75 -25.88 25.64
C GLN B 234 20.91 -27.13 25.86
N ALA B 235 21.51 -28.14 26.48
CA ALA B 235 20.86 -29.42 26.72
C ALA B 235 20.97 -29.80 28.17
N LYS B 236 20.06 -30.67 28.60
CA LYS B 236 20.13 -31.27 29.93
C LYS B 236 21.22 -32.33 29.96
N ASP B 237 21.91 -32.47 31.09
CA ASP B 237 22.92 -33.52 31.26
C ASP B 237 22.33 -34.93 31.13
N GLU B 238 21.10 -35.10 31.58
CA GLU B 238 20.41 -36.39 31.56
C GLU B 238 20.10 -36.87 30.12
N ASP B 239 19.84 -35.93 29.23
CA ASP B 239 19.62 -36.23 27.81
C ASP B 239 20.94 -36.49 27.08
N MET B 240 21.95 -35.65 27.33
CA MET B 240 23.27 -35.83 26.75
C MET B 240 23.93 -37.15 27.19
N ALA B 241 23.62 -37.59 28.41
CA ALA B 241 24.10 -38.88 28.92
C ALA B 241 23.64 -40.10 28.11
N MET B 242 22.57 -39.95 27.34
CA MET B 242 22.07 -41.01 26.46
C MET B 242 22.86 -41.17 25.15
N PHE B 243 23.83 -40.29 24.88
CA PHE B 243 24.64 -40.36 23.67
C PHE B 243 26.13 -40.32 24.01
N PRO B 244 26.60 -41.37 24.73
CA PRO B 244 28.02 -41.43 25.07
C PRO B 244 28.93 -41.64 23.85
N ASN B 245 28.40 -42.21 22.77
CA ASN B 245 29.19 -42.45 21.55
C ASN B 245 29.31 -41.25 20.60
N ILE B 246 28.65 -40.14 20.92
CA ILE B 246 28.81 -38.91 20.14
C ILE B 246 29.96 -38.11 20.77
N LYS B 247 31.11 -38.12 20.08
CA LYS B 247 32.35 -37.51 20.57
C LYS B 247 32.35 -35.97 20.41
N ASN B 248 31.76 -35.46 19.32
CA ASN B 248 31.65 -34.01 19.05
C ASN B 248 30.72 -33.31 20.07
N LYS B 249 31.22 -32.25 20.70
CA LYS B 249 30.55 -31.58 21.83
C LYS B 249 29.21 -30.97 21.41
N ASP B 250 29.23 -30.20 20.32
CA ASP B 250 28.02 -29.56 19.79
C ASP B 250 26.98 -30.57 19.29
N ARG B 251 27.43 -31.58 18.56
CA ARG B 251 26.53 -32.64 18.08
C ARG B 251 25.87 -33.39 19.24
N LYS B 252 26.63 -33.63 20.31
CA LYS B 252 26.10 -34.26 21.52
C LYS B 252 25.04 -33.37 22.17
N THR B 253 25.38 -32.10 22.37
CA THR B 253 24.42 -31.14 22.92
C THR B 253 23.13 -31.13 22.08
N TYR B 254 23.29 -30.99 20.77
CA TYR B 254 22.20 -31.04 19.81
C TYR B 254 21.37 -32.33 19.98
N ALA B 255 22.04 -33.47 20.04
CA ALA B 255 21.36 -34.77 20.20
C ALA B 255 20.46 -34.78 21.43
N GLY B 256 21.01 -34.31 22.55
CA GLY B 256 20.24 -34.15 23.79
C GLY B 256 19.04 -33.23 23.67
N MET B 257 19.20 -32.15 22.90
CA MET B 257 18.10 -31.22 22.63
C MET B 257 16.96 -31.89 21.86
N VAL B 258 17.32 -32.68 20.86
CA VAL B 258 16.33 -33.40 20.05
C VAL B 258 15.66 -34.49 20.88
N TYR B 259 16.43 -35.19 21.71
CA TYR B 259 15.88 -36.23 22.57
C TYR B 259 14.83 -35.67 23.54
N ALA B 260 15.10 -34.49 24.09
CA ALA B 260 14.12 -33.76 24.92
C ALA B 260 12.78 -33.52 24.19
N VAL B 261 12.85 -33.20 22.90
CA VAL B 261 11.64 -33.10 22.07
C VAL B 261 10.94 -34.46 22.02
N ASP B 262 11.71 -35.52 21.78
CA ASP B 262 11.16 -36.88 21.72
C ASP B 262 10.50 -37.34 23.01
N ARG B 263 11.10 -37.00 24.16
CA ARG B 263 10.48 -37.25 25.46
C ARG B 263 9.16 -36.50 25.57
N GLY B 264 9.15 -35.24 25.11
CA GLY B 264 7.92 -34.44 25.05
C GLY B 264 6.82 -35.08 24.22
N VAL B 265 7.18 -35.58 23.04
CA VAL B 265 6.22 -36.22 22.17
C VAL B 265 5.64 -37.48 22.84
N GLY B 266 6.48 -38.26 23.50
CA GLY B 266 6.01 -39.38 24.31
C GLY B 266 5.07 -38.97 25.45
N LYS B 267 5.41 -37.89 26.14
CA LYS B 267 4.58 -37.38 27.25
C LYS B 267 3.22 -36.92 26.71
N LEU B 268 3.20 -36.29 25.54
CA LEU B 268 1.94 -35.88 24.91
C LEU B 268 1.12 -37.06 24.45
N VAL B 269 1.78 -38.06 23.87
CA VAL B 269 1.10 -39.27 23.40
C VAL B 269 0.50 -40.09 24.55
N GLU B 270 1.17 -40.16 25.71
CA GLU B 270 0.59 -40.87 26.87
C GLU B 270 -0.69 -40.15 27.35
N ALA B 271 -0.67 -38.82 27.32
CA ALA B 271 -1.84 -37.98 27.65
C ALA B 271 -3.02 -38.13 26.66
N LEU B 272 -2.71 -38.20 25.37
CA LEU B 272 -3.75 -38.40 24.35
C LEU B 272 -4.44 -39.76 24.53
N LYS B 273 -3.65 -40.80 24.82
CA LYS B 273 -4.17 -42.14 25.08
C LYS B 273 -5.01 -42.20 26.34
N LYS B 274 -4.50 -41.60 27.42
CA LYS B 274 -5.22 -41.47 28.69
C LYS B 274 -6.63 -40.88 28.50
N ASN B 275 -6.75 -39.89 27.61
CA ASN B 275 -8.02 -39.19 27.36
C ASN B 275 -8.87 -39.78 26.22
N ASN B 276 -8.43 -40.89 25.62
CA ASN B 276 -9.04 -41.45 24.39
C ASN B 276 -9.17 -40.40 23.28
N GLN B 277 -8.14 -39.57 23.14
CA GLN B 277 -8.01 -38.58 22.07
C GLN B 277 -7.11 -39.08 20.93
N TYR B 278 -6.18 -39.97 21.26
CA TYR B 278 -5.14 -40.47 20.34
C TYR B 278 -5.69 -40.99 19.01
N ASP B 279 -6.77 -41.77 19.09
CA ASP B 279 -7.33 -42.40 17.88
C ASP B 279 -8.02 -41.43 16.92
N ASN B 280 -8.59 -40.34 17.44
CA ASN B 280 -9.25 -39.33 16.58
C ASN B 280 -8.47 -38.01 16.50
N THR B 281 -7.14 -38.10 16.42
CA THR B 281 -6.28 -36.93 16.28
C THR B 281 -5.31 -37.12 15.12
N LEU B 282 -5.24 -36.12 14.23
CA LEU B 282 -4.21 -36.05 13.19
C LEU B 282 -3.01 -35.32 13.76
N ILE B 283 -1.92 -36.07 13.98
CA ILE B 283 -0.67 -35.49 14.43
C ILE B 283 0.26 -35.31 13.23
N VAL B 284 0.72 -34.08 13.03
CA VAL B 284 1.75 -33.75 12.05
C VAL B 284 3.01 -33.34 12.82
N PHE B 285 4.12 -34.03 12.58
CA PHE B 285 5.41 -33.63 13.14
C PHE B 285 6.29 -33.21 11.97
N MET B 286 6.91 -32.04 12.08
CA MET B 286 7.79 -31.54 11.01
C MET B 286 8.83 -30.55 11.53
N SER B 287 9.71 -30.09 10.64
CA SER B 287 10.62 -28.98 10.90
C SER B 287 10.14 -27.76 10.15
N ASP B 288 10.49 -26.58 10.63
CA ASP B 288 10.14 -25.33 9.93
C ASP B 288 11.10 -25.03 8.78
N ASN B 289 12.31 -25.57 8.86
CA ASN B 289 13.31 -25.45 7.80
C ASN B 289 14.46 -26.47 8.01
N GLY B 290 15.42 -26.46 7.10
CA GLY B 290 16.61 -27.28 7.23
C GLY B 290 17.48 -26.92 8.43
N GLY B 291 18.31 -27.86 8.84
CA GLY B 291 19.18 -27.69 10.00
C GLY B 291 20.38 -26.85 9.65
N LYS B 292 20.96 -26.21 10.68
CA LYS B 292 22.15 -25.39 10.51
C LYS B 292 23.37 -26.24 10.87
N LEU B 293 24.21 -26.52 9.86
CA LEU B 293 25.34 -27.44 10.03
C LEU B 293 26.37 -26.96 11.04
N SER B 294 26.57 -25.65 11.14
CA SER B 294 27.50 -25.09 12.12
C SER B 294 26.94 -25.05 13.56
N LYS B 295 25.69 -25.49 13.75
CA LYS B 295 25.08 -25.58 15.10
C LYS B 295 24.51 -26.96 15.41
N GLY B 296 25.26 -28.01 15.04
CA GLY B 296 24.99 -29.38 15.45
C GLY B 296 24.10 -30.25 14.58
N ALA B 297 23.48 -29.69 13.55
CA ALA B 297 22.55 -30.46 12.71
C ALA B 297 23.26 -31.28 11.64
N ASN B 298 22.50 -32.19 11.04
CA ASN B 298 22.92 -33.00 9.91
C ASN B 298 21.75 -33.09 8.93
N ASN B 299 22.01 -32.80 7.65
CA ASN B 299 20.97 -32.82 6.61
C ASN B 299 21.15 -33.95 5.57
N PHE B 300 21.85 -35.02 5.93
CA PHE B 300 22.15 -36.10 4.99
C PHE B 300 20.86 -36.72 4.39
N PRO B 301 20.78 -36.95 3.09
CA PRO B 301 21.85 -36.78 2.10
C PRO B 301 21.83 -35.44 1.34
N LEU B 302 21.14 -34.44 1.88
CA LEU B 302 20.88 -33.19 1.16
C LEU B 302 22.07 -32.25 1.25
N LYS B 303 22.21 -31.40 0.24
CA LYS B 303 23.29 -30.42 0.18
C LYS B 303 22.96 -29.16 0.98
N ALA B 304 23.97 -28.59 1.64
CA ALA B 304 23.86 -27.32 2.39
C ALA B 304 22.88 -27.42 3.58
N GLY B 305 22.22 -26.32 3.94
CA GLY B 305 21.31 -26.30 5.09
C GLY B 305 20.55 -24.99 5.22
N LYS B 306 20.20 -24.64 6.47
CA LYS B 306 19.34 -23.49 6.77
C LYS B 306 19.59 -22.28 5.87
N GLY B 307 18.51 -21.79 5.27
CA GLY B 307 18.55 -20.58 4.45
C GLY B 307 18.94 -20.74 2.98
N SER B 308 19.22 -21.97 2.56
CA SER B 308 19.65 -22.25 1.20
C SER B 308 18.44 -22.65 0.33
N THR B 309 18.53 -22.36 -0.96
CA THR B 309 17.56 -22.89 -1.93
C THR B 309 18.02 -24.26 -2.47
N GLN B 310 19.18 -24.75 -2.02
CA GLN B 310 19.53 -26.16 -2.14
C GLN B 310 18.48 -26.94 -1.30
N GLU B 311 18.37 -28.25 -1.52
CA GLU B 311 17.34 -29.05 -0.82
C GLU B 311 17.48 -28.98 0.71
N GLY B 312 18.72 -28.95 1.18
CA GLY B 312 19.02 -28.89 2.61
C GLY B 312 18.32 -27.80 3.39
N GLY B 313 18.11 -26.66 2.74
CA GLY B 313 17.47 -25.52 3.37
C GLY B 313 15.96 -25.56 3.56
N PHE B 314 15.21 -26.21 2.66
CA PHE B 314 13.74 -26.20 2.74
C PHE B 314 13.02 -27.54 2.50
N ARG B 315 13.78 -28.63 2.37
CA ARG B 315 13.21 -29.97 2.40
C ARG B 315 13.37 -30.48 3.82
N VAL B 316 12.27 -30.90 4.43
CA VAL B 316 12.26 -31.19 5.86
C VAL B 316 11.63 -32.55 6.14
N PRO B 317 11.87 -33.10 7.35
CA PRO B 317 11.13 -34.29 7.74
C PRO B 317 9.69 -33.97 8.06
N MET B 318 8.80 -34.89 7.76
CA MET B 318 7.40 -34.76 8.11
C MET B 318 6.78 -36.14 8.25
N LEU B 319 5.93 -36.32 9.26
CA LEU B 319 5.05 -37.49 9.35
C LEU B 319 3.62 -37.05 9.64
N PHE B 320 2.68 -37.83 9.11
CA PHE B 320 1.27 -37.78 9.49
C PHE B 320 0.99 -39.03 10.32
N HIS B 321 0.13 -38.90 11.32
CA HIS B 321 -0.36 -40.04 12.10
C HIS B 321 -1.81 -39.81 12.49
N TRP B 322 -2.66 -40.77 12.16
CA TRP B 322 -4.10 -40.72 12.42
C TRP B 322 -4.68 -42.13 12.13
N PRO B 323 -4.88 -42.95 13.19
CA PRO B 323 -5.25 -44.37 13.02
C PRO B 323 -6.50 -44.63 12.18
N LYS B 324 -6.39 -45.60 11.28
CA LYS B 324 -7.45 -45.98 10.32
C LYS B 324 -7.65 -45.01 9.11
N HIS B 325 -7.17 -43.77 9.21
CA HIS B 325 -7.29 -42.76 8.13
C HIS B 325 -5.96 -42.56 7.37
N VAL B 326 -4.87 -42.36 8.11
CA VAL B 326 -3.51 -42.32 7.57
C VAL B 326 -2.91 -43.74 7.58
N PRO B 327 -2.56 -44.29 6.41
CA PRO B 327 -1.95 -45.63 6.38
C PRO B 327 -0.71 -45.80 7.26
N ALA B 328 -0.64 -46.92 7.97
CA ALA B 328 0.44 -47.21 8.91
C ALA B 328 1.64 -47.84 8.20
N GLY B 329 2.84 -47.40 8.55
CA GLY B 329 4.09 -48.01 8.08
C GLY B 329 4.46 -47.73 6.65
N LYS B 330 3.90 -46.64 6.09
CA LYS B 330 4.16 -46.27 4.70
C LYS B 330 5.07 -45.05 4.63
N ARG B 331 5.62 -44.78 3.45
CA ARG B 331 6.43 -43.59 3.18
C ARG B 331 5.99 -42.97 1.85
N PHE B 332 5.39 -41.78 1.93
CA PHE B 332 4.84 -41.07 0.76
C PHE B 332 5.96 -40.35 0.01
N SER B 333 6.12 -40.69 -1.27
CA SER B 333 7.28 -40.23 -2.06
C SER B 333 7.02 -39.08 -3.04
N HIS B 334 5.80 -38.53 -3.04
CA HIS B 334 5.48 -37.38 -3.90
C HIS B 334 5.58 -36.04 -3.14
N PRO B 335 5.88 -34.95 -3.87
CA PRO B 335 6.04 -33.61 -3.27
C PRO B 335 4.84 -33.17 -2.45
N VAL B 336 5.10 -32.70 -1.24
CA VAL B 336 4.10 -32.07 -0.40
C VAL B 336 4.67 -30.76 0.11
N SER B 337 3.82 -29.73 0.17
CA SER B 337 4.20 -28.40 0.65
C SER B 337 3.56 -28.12 1.99
N ALA B 338 4.28 -27.43 2.86
CA ALA B 338 3.73 -26.90 4.11
C ALA B 338 2.47 -26.05 3.85
N LEU B 339 2.42 -25.41 2.68
CA LEU B 339 1.24 -24.65 2.25
C LEU B 339 -0.04 -25.50 2.16
N ASP B 340 0.13 -26.80 1.96
CA ASP B 340 -0.99 -27.73 1.86
C ASP B 340 -1.72 -27.97 3.17
N LEU B 341 -1.03 -27.77 4.30
CA LEU B 341 -1.62 -28.04 5.60
C LEU B 341 -2.85 -27.18 5.88
N TYR B 342 -2.84 -25.93 5.42
CA TYR B 342 -3.98 -25.05 5.63
C TYR B 342 -5.28 -25.60 5.01
N PRO B 343 -5.33 -25.77 3.67
CA PRO B 343 -6.57 -26.29 3.08
C PRO B 343 -6.89 -27.75 3.45
N THR B 344 -5.85 -28.54 3.74
CA THR B 344 -6.03 -29.92 4.13
C THR B 344 -6.64 -30.02 5.53
N PHE B 345 -6.08 -29.28 6.48
CA PHE B 345 -6.72 -29.17 7.80
C PHE B 345 -8.14 -28.64 7.68
N ALA B 346 -8.36 -27.64 6.82
CA ALA B 346 -9.69 -27.05 6.65
C ALA B 346 -10.70 -28.07 6.13
N ALA B 347 -10.32 -28.79 5.08
CA ALA B 347 -11.17 -29.83 4.50
C ALA B 347 -11.52 -30.92 5.51
N LEU B 348 -10.52 -31.40 6.24
CA LEU B 348 -10.74 -32.43 7.27
C LEU B 348 -11.62 -31.96 8.43
N ALA B 349 -11.63 -30.66 8.71
CA ALA B 349 -12.42 -30.07 9.79
C ALA B 349 -13.82 -29.65 9.37
N GLY B 350 -14.11 -29.67 8.08
CA GLY B 350 -15.39 -29.19 7.54
C GLY B 350 -15.50 -27.67 7.56
N ALA B 351 -14.38 -27.00 7.32
CA ALA B 351 -14.33 -25.54 7.30
C ALA B 351 -14.23 -25.07 5.86
N LYS B 352 -15.20 -24.25 5.44
CA LYS B 352 -15.20 -23.68 4.09
C LYS B 352 -14.06 -22.66 4.00
N VAL B 353 -13.41 -22.62 2.83
CA VAL B 353 -12.36 -21.67 2.51
C VAL B 353 -12.89 -20.79 1.38
N GLU B 354 -12.75 -19.47 1.51
CA GLU B 354 -13.16 -18.52 0.46
C GLU B 354 -12.02 -18.28 -0.55
N GLU B 355 -12.37 -18.04 -1.81
CA GLU B 355 -11.39 -17.73 -2.87
C GLU B 355 -10.64 -16.41 -2.62
N ASN B 356 -11.31 -15.44 -1.97
CA ASN B 356 -10.65 -14.17 -1.60
C ASN B 356 -9.45 -14.32 -0.63
N GLN B 357 -9.26 -15.50 -0.03
CA GLN B 357 -8.07 -15.79 0.80
C GLN B 357 -6.76 -16.07 0.04
N HIS B 358 -6.86 -16.49 -1.23
CA HIS B 358 -5.71 -16.72 -2.13
C HIS B 358 -4.71 -17.74 -1.60
N LEU B 359 -5.22 -18.91 -1.22
CA LEU B 359 -4.38 -19.98 -0.71
C LEU B 359 -3.49 -20.53 -1.83
N ASP B 360 -2.19 -20.59 -1.57
CA ASP B 360 -1.20 -21.06 -2.53
C ASP B 360 -0.98 -22.58 -2.48
N GLY B 361 -1.44 -23.21 -1.40
CA GLY B 361 -1.35 -24.66 -1.25
C GLY B 361 -2.54 -25.37 -1.87
N THR B 362 -2.61 -26.68 -1.66
CA THR B 362 -3.75 -27.50 -2.13
C THR B 362 -4.20 -28.45 -1.03
N ASN B 363 -5.45 -28.87 -1.08
CA ASN B 363 -5.93 -29.97 -0.24
C ASN B 363 -5.30 -31.25 -0.75
N MET B 364 -4.26 -31.71 -0.03
CA MET B 364 -3.47 -32.84 -0.52
C MET B 364 -4.09 -34.21 -0.23
N TRP B 365 -5.22 -34.25 0.47
CA TRP B 365 -5.79 -35.51 0.95
C TRP B 365 -6.32 -36.45 -0.16
N PRO B 366 -7.10 -35.95 -1.13
CA PRO B 366 -7.53 -36.82 -2.25
C PRO B 366 -6.38 -37.52 -2.97
N ALA B 367 -5.32 -36.77 -3.29
CA ALA B 367 -4.13 -37.33 -3.91
C ALA B 367 -3.34 -38.25 -2.96
N PHE B 368 -3.29 -37.90 -1.68
CA PHE B 368 -2.58 -38.70 -0.66
C PHE B 368 -3.14 -40.12 -0.52
N ILE B 369 -4.46 -40.21 -0.41
CA ILE B 369 -5.18 -41.47 -0.29
C ILE B 369 -4.97 -42.34 -1.55
N LYS B 370 -5.12 -41.75 -2.74
CA LYS B 370 -4.89 -42.47 -4.00
C LYS B 370 -3.40 -42.73 -4.32
N ASN B 371 -2.49 -42.25 -3.47
CA ASN B 371 -1.05 -42.34 -3.67
C ASN B 371 -0.59 -41.73 -5.00
N GLU B 372 -1.15 -40.56 -5.34
CA GLU B 372 -0.79 -39.77 -6.51
C GLU B 372 -0.11 -38.48 -6.06
N ASN B 373 0.60 -37.83 -6.99
CA ASN B 373 1.27 -36.56 -6.72
C ASN B 373 0.22 -35.45 -6.53
N PRO B 374 0.12 -34.87 -5.30
CA PRO B 374 -0.83 -33.76 -5.09
C PRO B 374 -0.47 -32.48 -5.83
N HIS B 375 0.79 -32.38 -6.27
CA HIS B 375 1.28 -31.28 -7.10
C HIS B 375 1.76 -31.80 -8.46
N LYS B 376 1.00 -32.72 -9.08
CA LYS B 376 1.32 -33.21 -10.43
C LYS B 376 1.29 -32.03 -11.41
N ASP B 377 2.39 -31.89 -12.16
CA ASP B 377 2.55 -30.83 -13.17
C ASP B 377 2.41 -29.40 -12.61
N GLU B 378 2.78 -29.21 -11.34
CA GLU B 378 2.69 -27.91 -10.67
C GLU B 378 3.95 -27.63 -9.85
N PRO B 379 4.45 -26.38 -9.91
CA PRO B 379 5.69 -26.06 -9.23
C PRO B 379 5.52 -25.80 -7.72
N ILE B 380 6.57 -26.08 -6.98
CA ILE B 380 6.71 -25.68 -5.59
C ILE B 380 7.93 -24.79 -5.56
N TYR B 381 7.79 -23.62 -4.95
CA TYR B 381 8.79 -22.58 -5.04
C TYR B 381 9.49 -22.32 -3.71
N ALA B 382 10.72 -21.83 -3.81
CA ALA B 382 11.41 -21.18 -2.71
C ALA B 382 12.15 -19.98 -3.31
N LEU B 383 12.19 -18.88 -2.57
CA LEU B 383 12.83 -17.66 -3.04
C LEU B 383 13.33 -16.93 -1.81
N ARG B 384 14.64 -16.96 -1.59
CA ARG B 384 15.27 -16.30 -0.46
C ARG B 384 16.13 -15.16 -0.98
N HIS B 385 15.91 -13.97 -0.43
CA HIS B 385 16.61 -12.78 -0.87
C HIS B 385 17.94 -12.66 -0.14
N ARG B 386 18.88 -12.00 -0.81
CA ARG B 386 20.21 -11.73 -0.28
C ARG B 386 20.59 -10.29 -0.65
N LYS B 387 21.84 -9.89 -0.40
CA LYS B 387 22.29 -8.53 -0.72
C LYS B 387 22.47 -8.31 -2.22
N GLY B 388 21.48 -7.69 -2.84
CA GLY B 388 21.55 -7.29 -4.25
C GLY B 388 21.16 -8.35 -5.28
N TYR B 389 20.76 -9.54 -4.81
CA TYR B 389 20.30 -10.62 -5.67
C TYR B 389 19.45 -11.59 -4.83
N SER B 390 18.91 -12.62 -5.49
CA SER B 390 18.06 -13.62 -4.82
C SER B 390 18.43 -15.01 -5.29
N ASP B 391 18.39 -15.96 -4.36
CA ASP B 391 18.50 -17.38 -4.67
C ASP B 391 17.09 -17.95 -4.77
N ALA B 392 16.91 -18.97 -5.60
CA ALA B 392 15.58 -19.51 -5.89
C ALA B 392 15.63 -20.99 -6.13
N ALA B 393 14.44 -21.62 -6.04
CA ALA B 393 14.28 -23.05 -6.26
C ALA B 393 12.93 -23.33 -6.86
N ILE B 394 12.89 -24.33 -7.76
CA ILE B 394 11.63 -24.81 -8.35
C ILE B 394 11.63 -26.33 -8.34
N ARG B 395 10.61 -26.92 -7.74
CA ARG B 395 10.43 -28.36 -7.69
C ARG B 395 9.11 -28.71 -8.36
N MET B 396 9.19 -29.42 -9.49
CA MET B 396 8.02 -29.95 -10.19
C MET B 396 8.27 -31.36 -10.67
N ASN B 397 7.38 -32.27 -10.30
CA ASN B 397 7.50 -33.69 -10.65
C ASN B 397 8.92 -34.20 -10.28
N GLN B 398 9.69 -34.72 -11.24
CA GLN B 398 11.04 -35.24 -10.96
C GLN B 398 12.13 -34.18 -10.96
N TRP B 399 11.78 -32.95 -11.34
CA TRP B 399 12.75 -31.91 -11.65
C TRP B 399 12.95 -30.91 -10.52
N LYS B 400 14.17 -30.40 -10.40
CA LYS B 400 14.53 -29.38 -9.43
C LYS B 400 15.39 -28.36 -10.14
N ALA B 401 14.85 -27.15 -10.32
CA ALA B 401 15.62 -26.02 -10.85
C ALA B 401 16.23 -25.26 -9.69
N LEU B 402 17.46 -24.78 -9.85
CA LEU B 402 18.21 -24.13 -8.78
C LEU B 402 18.93 -22.88 -9.28
N LYS B 403 18.64 -21.76 -8.61
CA LYS B 403 19.38 -20.51 -8.81
C LYS B 403 20.08 -20.19 -7.51
N VAL B 404 21.41 -20.27 -7.52
CA VAL B 404 22.16 -20.05 -6.29
C VAL B 404 23.48 -19.31 -6.57
N ASN B 405 23.91 -18.48 -5.63
CA ASN B 405 25.26 -17.87 -5.64
C ASN B 405 25.57 -17.12 -6.94
N GLN B 406 24.56 -16.46 -7.51
CA GLN B 406 24.70 -15.71 -8.77
C GLN B 406 25.20 -16.54 -9.97
N GLN B 407 24.94 -17.85 -9.94
CA GLN B 407 25.33 -18.75 -11.01
C GLN B 407 24.20 -18.85 -12.02
N PRO B 408 24.49 -19.41 -13.21
CA PRO B 408 23.39 -19.74 -14.10
C PRO B 408 22.43 -20.74 -13.47
N TRP B 409 21.18 -20.71 -13.93
CA TRP B 409 20.19 -21.69 -13.49
C TRP B 409 20.71 -23.11 -13.77
N GLN B 410 20.57 -23.99 -12.77
CA GLN B 410 20.88 -25.40 -12.90
C GLN B 410 19.59 -26.20 -12.85
N LEU B 411 19.64 -27.44 -13.35
CA LEU B 411 18.51 -28.37 -13.30
C LEU B 411 19.03 -29.75 -12.88
N PHE B 412 18.28 -30.41 -12.01
CA PHE B 412 18.64 -31.75 -11.52
C PHE B 412 17.42 -32.64 -11.63
N ASN B 413 17.64 -33.93 -11.88
CA ASN B 413 16.60 -34.92 -11.69
C ASN B 413 16.69 -35.35 -10.23
N ILE B 414 15.83 -34.76 -9.40
CA ILE B 414 15.97 -34.85 -7.96
C ILE B 414 15.59 -36.24 -7.43
N GLU B 415 14.82 -36.99 -8.22
CA GLU B 415 14.57 -38.41 -7.92
C GLU B 415 15.86 -39.22 -7.97
N ASN B 416 16.69 -39.00 -9.00
CA ASN B 416 17.98 -39.71 -9.16
C ASN B 416 19.15 -39.07 -8.41
N ASP B 417 19.06 -37.75 -8.17
CA ASP B 417 20.21 -36.93 -7.79
C ASP B 417 19.84 -36.02 -6.61
N ILE B 418 19.42 -36.62 -5.51
CA ILE B 418 18.95 -35.89 -4.31
C ILE B 418 20.00 -34.93 -3.72
N SER B 419 21.28 -35.29 -3.86
CA SER B 419 22.39 -34.47 -3.38
C SER B 419 22.76 -33.31 -4.32
N GLU B 420 22.06 -33.18 -5.45
CA GLU B 420 22.25 -32.08 -6.41
C GLU B 420 23.70 -31.99 -6.92
N LYS B 421 24.23 -33.13 -7.35
CA LYS B 421 25.61 -33.24 -7.83
C LYS B 421 25.76 -33.13 -9.35
N HIS B 422 24.67 -33.27 -10.12
CA HIS B 422 24.73 -33.44 -11.58
C HIS B 422 23.73 -32.58 -12.34
N ASP B 423 24.21 -31.40 -12.75
CA ASP B 423 23.45 -30.41 -13.49
C ASP B 423 23.17 -30.89 -14.92
N VAL B 424 21.91 -31.14 -15.23
CA VAL B 424 21.51 -31.60 -16.57
C VAL B 424 20.74 -30.52 -17.34
N SER B 425 21.06 -29.26 -17.07
CA SER B 425 20.43 -28.13 -17.75
C SER B 425 20.86 -28.07 -19.22
N LYS B 426 22.15 -28.31 -19.48
CA LYS B 426 22.71 -28.24 -20.84
C LYS B 426 21.91 -29.11 -21.84
N SER B 427 21.32 -30.21 -21.37
CA SER B 427 20.50 -31.10 -22.20
C SER B 427 18.99 -31.04 -21.92
N ASN B 428 18.51 -29.92 -21.38
CA ASN B 428 17.07 -29.73 -21.08
C ASN B 428 16.67 -28.24 -21.18
N LYS B 429 17.28 -27.52 -22.14
CA LYS B 429 17.19 -26.05 -22.24
C LYS B 429 15.75 -25.52 -22.19
N ALA B 430 14.90 -26.08 -23.04
CA ALA B 430 13.49 -25.64 -23.14
C ALA B 430 12.72 -25.83 -21.83
N LEU B 431 12.94 -26.96 -21.15
CA LEU B 431 12.24 -27.26 -19.91
C LEU B 431 12.64 -26.31 -18.77
N LEU B 432 13.94 -26.08 -18.63
CA LEU B 432 14.45 -25.18 -17.59
C LEU B 432 13.91 -23.75 -17.81
N THR B 433 14.05 -23.28 -19.05
CA THR B 433 13.57 -21.95 -19.42
C THR B 433 12.08 -21.79 -19.14
N ASP B 434 11.30 -22.81 -19.46
CA ASP B 434 9.86 -22.76 -19.19
C ASP B 434 9.57 -22.66 -17.68
N MET B 435 10.32 -23.41 -16.87
CA MET B 435 10.15 -23.38 -15.42
C MET B 435 10.48 -22.01 -14.82
N VAL B 436 11.58 -21.41 -15.28
CA VAL B 436 12.00 -20.09 -14.79
C VAL B 436 10.99 -19.01 -15.17
N ARG B 437 10.48 -19.08 -16.40
CA ARG B 437 9.50 -18.13 -16.88
C ARG B 437 8.17 -18.23 -16.15
N GLU B 438 7.80 -19.44 -15.74
CA GLU B 438 6.61 -19.60 -14.89
C GLU B 438 6.81 -19.02 -13.50
N MET B 439 8.04 -19.11 -12.97
CA MET B 439 8.38 -18.44 -11.72
C MET B 439 8.36 -16.92 -11.88
N GLU B 440 8.96 -16.43 -12.96
CA GLU B 440 8.90 -15.01 -13.32
C GLU B 440 7.45 -14.52 -13.35
N LYS B 441 6.57 -15.29 -13.98
CA LYS B 441 5.14 -14.98 -14.02
C LYS B 441 4.54 -14.92 -12.61
N TRP B 442 4.87 -15.94 -11.83
CA TRP B 442 4.42 -16.04 -10.43
C TRP B 442 4.92 -14.87 -9.54
N SER B 443 6.08 -14.30 -9.87
CA SER B 443 6.68 -13.26 -9.03
C SER B 443 5.93 -11.92 -8.95
N TRP B 444 5.11 -11.61 -9.94
CA TRP B 444 4.53 -10.26 -10.07
C TRP B 444 3.62 -9.82 -8.93
N ASP B 445 2.93 -10.76 -8.28
CA ASP B 445 2.05 -10.42 -7.14
C ASP B 445 2.75 -10.56 -5.78
N ASN B 446 4.07 -10.79 -5.77
CA ASN B 446 4.85 -10.67 -4.54
C ASN B 446 4.82 -9.21 -4.09
N GLN B 447 4.38 -8.96 -2.86
CA GLN B 447 4.44 -7.60 -2.29
C GLN B 447 5.86 -7.20 -1.93
N GLN B 448 6.11 -5.89 -1.91
CA GLN B 448 7.33 -5.35 -1.32
C GLN B 448 7.37 -5.79 0.16
N PRO B 449 8.56 -6.13 0.68
CA PRO B 449 8.62 -6.52 2.08
C PRO B 449 8.09 -5.44 3.00
N SER B 450 7.29 -5.83 3.98
CA SER B 450 6.78 -4.91 4.99
C SER B 450 7.80 -4.66 6.12
N TRP B 451 8.87 -5.45 6.16
CA TRP B 451 9.97 -5.25 7.09
C TRP B 451 11.17 -6.11 6.67
N PHE B 452 12.31 -5.87 7.32
CA PHE B 452 13.52 -6.68 7.17
C PHE B 452 13.98 -7.06 8.57
N HIS B 453 14.92 -8.00 8.68
CA HIS B 453 15.38 -8.46 10.00
C HIS B 453 16.42 -7.51 10.61
N GLU B 454 17.00 -6.64 9.79
CA GLU B 454 17.94 -5.63 10.26
C GLU B 454 17.78 -4.36 9.44
N THR B 455 17.99 -3.22 10.09
CA THR B 455 17.81 -1.90 9.47
C THR B 455 18.64 -1.75 8.19
N THR B 456 19.91 -2.18 8.24
CA THR B 456 20.81 -2.15 7.08
C THR B 456 20.33 -3.01 5.90
N GLU B 457 19.62 -4.11 6.18
CA GLU B 457 19.09 -4.98 5.12
C GLU B 457 18.07 -4.22 4.27
N GLY B 458 17.19 -3.46 4.93
CA GLY B 458 16.19 -2.64 4.25
C GLY B 458 16.76 -1.44 3.50
N VAL B 459 17.81 -0.83 4.04
CA VAL B 459 18.52 0.23 3.34
C VAL B 459 19.11 -0.33 2.05
N ASN B 460 19.80 -1.47 2.18
CA ASN B 460 20.42 -2.13 1.03
C ASN B 460 19.39 -2.59 0.00
N TRP B 461 18.26 -3.11 0.47
CA TRP B 461 17.14 -3.45 -0.42
C TRP B 461 16.81 -2.28 -1.32
N ARG B 462 16.63 -1.10 -0.72
CA ARG B 462 16.30 0.12 -1.46
C ARG B 462 17.45 0.61 -2.35
N LEU B 463 18.68 0.60 -1.82
CA LEU B 463 19.88 0.98 -2.60
C LEU B 463 20.08 0.12 -3.84
N ASP B 464 19.86 -1.18 -3.71
CA ASP B 464 20.09 -2.14 -4.78
C ASP B 464 18.89 -2.32 -5.73
N ALA B 465 17.82 -1.53 -5.54
CA ALA B 465 16.63 -1.51 -6.40
C ALA B 465 15.89 -2.85 -6.43
N MET B 466 15.91 -3.54 -5.30
CA MET B 466 15.39 -4.89 -5.19
C MET B 466 13.86 -4.91 -5.33
N PRO B 467 13.29 -6.01 -5.83
CA PRO B 467 14.02 -7.23 -6.22
C PRO B 467 14.74 -7.10 -7.55
N ARG B 468 15.94 -7.62 -7.64
CA ARG B 468 16.67 -7.63 -8.88
C ARG B 468 16.32 -8.89 -9.63
N PHE B 469 15.08 -9.00 -10.05
CA PHE B 469 14.59 -10.17 -10.79
C PHE B 469 15.12 -10.25 -12.23
N ASP B 470 15.73 -9.19 -12.74
CA ASP B 470 16.51 -9.28 -14.00
C ASP B 470 17.65 -10.29 -13.90
N LYS B 471 18.32 -10.35 -12.75
CA LYS B 471 19.33 -11.38 -12.49
C LYS B 471 18.70 -12.75 -12.22
N THR B 472 17.66 -12.74 -11.38
CA THR B 472 17.04 -13.95 -10.87
C THR B 472 16.34 -14.80 -11.93
N PHE B 473 15.80 -14.16 -12.97
CA PHE B 473 15.05 -14.87 -14.02
C PHE B 473 15.68 -14.79 -15.43
N LYS B 474 16.96 -14.40 -15.52
CA LYS B 474 17.71 -14.42 -16.78
C LYS B 474 17.85 -15.86 -17.27
N THR B 475 17.68 -16.08 -18.59
CA THR B 475 17.77 -17.42 -19.22
C THR B 475 18.79 -17.51 -20.39
N THR B 476 18.98 -18.74 -20.91
CA THR B 476 19.86 -19.07 -22.06
C THR B 476 19.82 -18.08 -23.22
N LYS C 26 -34.38 2.81 -21.95
CA LYS C 26 -32.90 2.92 -21.75
C LYS C 26 -32.15 2.29 -22.91
N PRO C 27 -31.19 3.01 -23.51
CA PRO C 27 -30.59 2.53 -24.75
C PRO C 27 -29.56 1.42 -24.57
N ASN C 28 -29.38 0.61 -25.61
CA ASN C 28 -28.27 -0.35 -25.64
C ASN C 28 -27.01 0.48 -25.96
N ILE C 29 -25.85 -0.07 -25.65
CA ILE C 29 -24.59 0.63 -25.86
C ILE C 29 -23.54 -0.33 -26.44
N ILE C 30 -22.89 0.06 -27.53
CA ILE C 30 -21.83 -0.74 -28.13
C ILE C 30 -20.56 0.11 -28.24
N LEU C 31 -19.52 -0.31 -27.54
CA LEU C 31 -18.21 0.32 -27.61
C LEU C 31 -17.32 -0.57 -28.48
N ILE C 32 -17.08 -0.13 -29.72
CA ILE C 32 -16.20 -0.83 -30.66
C ILE C 32 -14.83 -0.17 -30.60
N VAL C 33 -13.80 -0.95 -30.28
CA VAL C 33 -12.44 -0.44 -30.17
C VAL C 33 -11.50 -1.22 -31.07
N ALA C 34 -11.01 -0.53 -32.10
CA ALA C 34 -9.91 -1.04 -32.91
C ALA C 34 -8.59 -0.79 -32.19
N ASP C 35 -7.63 -1.67 -32.41
CA ASP C 35 -6.34 -1.66 -31.71
C ASP C 35 -5.26 -1.09 -32.63
N ASP C 36 -4.70 0.06 -32.25
CA ASP C 36 -3.67 0.76 -33.05
C ASP C 36 -4.16 1.25 -34.42
N LEU C 37 -5.43 1.62 -34.51
CA LEU C 37 -5.97 2.20 -35.74
C LEU C 37 -5.46 3.63 -35.87
N GLY C 38 -4.76 3.90 -36.97
CA GLY C 38 -4.20 5.24 -37.21
C GLY C 38 -5.23 6.30 -37.49
N TYR C 39 -4.86 7.56 -37.20
CA TYR C 39 -5.80 8.70 -37.30
C TYR C 39 -6.41 8.86 -38.70
N ALA C 40 -5.63 8.52 -39.74
CA ALA C 40 -6.06 8.67 -41.13
C ALA C 40 -6.43 7.35 -41.83
N ASP C 41 -6.79 6.33 -41.05
CA ASP C 41 -7.02 4.98 -41.58
C ASP C 41 -8.49 4.56 -41.55
N VAL C 42 -9.39 5.54 -41.44
CA VAL C 42 -10.80 5.34 -41.73
C VAL C 42 -11.23 6.50 -42.62
N GLY C 43 -12.18 6.24 -43.51
CA GLY C 43 -12.65 7.24 -44.48
C GLY C 43 -13.17 8.49 -43.83
N PHE C 44 -14.03 8.35 -42.83
CA PHE C 44 -14.67 9.51 -42.17
C PHE C 44 -13.66 10.46 -41.48
N ASN C 45 -12.47 9.95 -41.16
CA ASN C 45 -11.38 10.76 -40.60
C ASN C 45 -10.23 11.06 -41.58
N GLY C 46 -10.50 11.02 -42.88
CA GLY C 46 -9.59 11.52 -43.92
C GLY C 46 -8.78 10.55 -44.74
N SER C 47 -9.07 9.25 -44.65
CA SER C 47 -8.32 8.24 -45.39
C SER C 47 -8.52 8.44 -46.88
N LYS C 48 -7.42 8.54 -47.63
CA LYS C 48 -7.46 8.62 -49.09
C LYS C 48 -7.28 7.27 -49.77
N ASP C 49 -6.78 6.27 -49.06
CA ASP C 49 -6.46 4.95 -49.67
C ASP C 49 -7.24 3.76 -49.11
N ILE C 50 -7.36 3.67 -47.78
CA ILE C 50 -8.17 2.63 -47.15
C ILE C 50 -9.63 3.06 -47.22
N ILE C 51 -10.53 2.11 -47.52
CA ILE C 51 -11.95 2.43 -47.63
C ILE C 51 -12.69 1.65 -46.56
N THR C 52 -13.57 2.35 -45.84
CA THR C 52 -14.30 1.80 -44.71
C THR C 52 -15.76 2.23 -44.77
N PRO C 53 -16.52 1.71 -45.76
CA PRO C 53 -17.88 2.23 -46.00
C PRO C 53 -18.88 2.04 -44.86
N ASN C 54 -18.89 0.86 -44.21
CA ASN C 54 -19.85 0.58 -43.14
C ASN C 54 -19.60 1.44 -41.90
N ILE C 55 -18.33 1.63 -41.57
CA ILE C 55 -17.94 2.56 -40.50
C ILE C 55 -18.33 3.98 -40.92
N ASP C 56 -18.04 4.34 -42.16
CA ASP C 56 -18.42 5.65 -42.69
C ASP C 56 -19.94 5.90 -42.67
N ASP C 57 -20.75 4.85 -42.91
CA ASP C 57 -22.22 4.97 -42.79
C ASP C 57 -22.63 5.51 -41.42
N LEU C 58 -22.02 4.96 -40.38
CA LEU C 58 -22.30 5.37 -39.00
C LEU C 58 -21.88 6.83 -38.77
N ALA C 59 -20.73 7.23 -39.33
CA ALA C 59 -20.30 8.64 -39.29
C ALA C 59 -21.27 9.56 -40.04
N LYS C 60 -21.59 9.21 -41.28
CA LYS C 60 -22.48 10.00 -42.14
C LYS C 60 -23.84 10.26 -41.48
N SER C 61 -24.39 9.23 -40.82
CA SER C 61 -25.68 9.38 -40.09
C SER C 61 -25.49 9.58 -38.57
N GLY C 62 -24.36 10.17 -38.17
CA GLY C 62 -24.08 10.47 -36.77
C GLY C 62 -23.07 11.59 -36.65
N THR C 63 -22.35 11.61 -35.53
CA THR C 63 -21.37 12.66 -35.25
C THR C 63 -20.00 12.03 -35.06
N SER C 64 -19.00 12.54 -35.77
CA SER C 64 -17.60 12.19 -35.56
C SER C 64 -16.95 13.25 -34.66
N PHE C 65 -15.77 12.92 -34.12
CA PHE C 65 -15.09 13.81 -33.17
C PHE C 65 -13.68 14.10 -33.67
N SER C 66 -13.40 15.37 -33.92
CA SER C 66 -12.09 15.79 -34.41
C SER C 66 -11.05 15.96 -33.30
N ASP C 67 -11.50 15.99 -32.04
CA ASP C 67 -10.61 16.25 -30.91
C ASP C 67 -10.84 15.21 -29.81
N ALA C 68 -10.84 13.93 -30.19
CA ALA C 68 -11.04 12.84 -29.25
C ALA C 68 -9.69 12.30 -28.78
N TYR C 69 -9.53 12.17 -27.46
CA TYR C 69 -8.27 11.75 -26.85
C TYR C 69 -8.46 10.54 -25.94
N VAL C 70 -7.54 9.58 -26.02
CA VAL C 70 -7.49 8.48 -25.03
C VAL C 70 -6.61 8.88 -23.86
N ALA C 71 -6.66 8.10 -22.78
CA ALA C 71 -5.96 8.45 -21.55
C ALA C 71 -4.47 8.10 -21.55
N HIS C 72 -4.03 7.29 -22.49
CA HIS C 72 -2.64 6.89 -22.56
C HIS C 72 -2.33 6.49 -23.99
N PRO C 73 -1.11 6.75 -24.46
CA PRO C 73 -0.83 6.47 -25.86
C PRO C 73 -0.47 5.00 -26.21
N PHE C 74 -0.72 4.04 -25.33
CA PHE C 74 -0.67 2.62 -25.70
C PHE C 74 -1.69 1.73 -24.96
N CYS C 75 -1.81 0.49 -25.42
CA CYS C 75 -3.01 -0.38 -25.19
C CYS C 75 -3.57 -0.52 -23.78
N GLY C 76 -2.78 -1.14 -22.90
CA GLY C 76 -3.24 -1.60 -21.59
C GLY C 76 -3.76 -0.48 -20.72
N PRO C 77 -2.96 0.58 -20.51
CA PRO C 77 -3.43 1.70 -19.72
C PRO C 77 -4.61 2.45 -20.35
N SER C 78 -4.63 2.57 -21.68
CA SER C 78 -5.79 3.17 -22.36
C SER C 78 -7.07 2.41 -22.08
N ARG C 79 -6.98 1.09 -22.16
CA ARG C 79 -8.13 0.21 -21.96
C ARG C 79 -8.58 0.18 -20.49
N ALA C 80 -7.61 0.12 -19.57
CA ALA C 80 -7.89 0.28 -18.14
C ALA C 80 -8.70 1.55 -17.86
N ALA C 81 -8.33 2.64 -18.53
CA ALA C 81 -9.02 3.91 -18.39
C ALA C 81 -10.44 3.88 -18.94
N LEU C 82 -10.62 3.30 -20.13
CA LEU C 82 -11.95 3.15 -20.72
C LEU C 82 -12.93 2.46 -19.77
N MET C 83 -12.48 1.33 -19.21
CA MET C 83 -13.33 0.51 -18.33
C MET C 83 -13.53 1.10 -16.95
N THR C 84 -12.51 1.75 -16.38
CA THR C 84 -12.59 2.28 -15.01
C THR C 84 -13.07 3.72 -14.95
N GLY C 85 -12.90 4.46 -16.04
CA GLY C 85 -13.19 5.90 -16.05
C GLY C 85 -12.19 6.72 -15.27
N ARG C 86 -10.99 6.16 -15.11
CA ARG C 86 -9.93 6.78 -14.34
C ARG C 86 -8.63 6.78 -15.13
N TYR C 87 -7.85 7.86 -15.00
CA TYR C 87 -6.51 7.89 -15.55
C TYR C 87 -5.76 6.68 -14.98
N PRO C 88 -5.10 5.89 -15.85
CA PRO C 88 -4.44 4.67 -15.39
C PRO C 88 -3.39 4.90 -14.31
N HIS C 89 -2.84 6.11 -14.27
CA HIS C 89 -1.84 6.48 -13.28
C HIS C 89 -2.40 6.46 -11.85
N LYS C 90 -3.70 6.77 -11.71
CA LYS C 90 -4.36 6.80 -10.40
C LYS C 90 -4.52 5.41 -9.78
N ILE C 91 -4.44 4.35 -10.60
CA ILE C 91 -4.72 2.98 -10.16
C ILE C 91 -3.56 2.00 -10.46
N GLY C 92 -2.36 2.53 -10.64
CA GLY C 92 -1.16 1.70 -10.80
C GLY C 92 -1.02 0.94 -12.10
N SER C 93 -1.80 1.34 -13.10
CA SER C 93 -1.86 0.62 -14.38
C SER C 93 -1.23 1.44 -15.52
N GLN C 94 -0.13 2.14 -15.22
CA GLN C 94 0.57 2.98 -16.21
C GLN C 94 1.33 2.21 -17.26
N PHE C 95 1.50 0.90 -17.07
CA PHE C 95 2.24 0.06 -18.01
C PHE C 95 1.39 -1.09 -18.50
N ASN C 96 1.74 -1.63 -19.66
CA ASN C 96 1.12 -2.87 -20.16
C ASN C 96 1.49 -3.98 -19.18
N LEU C 97 0.64 -4.98 -19.07
CA LEU C 97 0.94 -6.14 -18.23
C LEU C 97 2.16 -6.90 -18.75
N PRO C 98 2.89 -7.58 -17.85
CA PRO C 98 4.08 -8.36 -18.24
C PRO C 98 3.81 -9.24 -19.46
N THR C 99 4.61 -9.07 -20.52
CA THR C 99 4.34 -9.68 -21.82
C THR C 99 4.30 -11.22 -21.79
N ARG C 100 5.03 -11.84 -20.85
CA ARG C 100 5.04 -13.30 -20.70
C ARG C 100 4.05 -13.86 -19.66
N GLY C 101 3.11 -13.03 -19.20
CA GLY C 101 2.08 -13.45 -18.22
C GLY C 101 2.36 -13.01 -16.79
N SER C 102 1.28 -12.93 -15.99
CA SER C 102 1.36 -12.46 -14.61
C SER C 102 0.12 -12.80 -13.80
N ASN C 103 0.22 -12.63 -12.47
CA ASN C 103 -0.91 -12.82 -11.55
C ASN C 103 -1.52 -11.48 -11.10
N VAL C 104 -1.33 -10.42 -11.89
CA VAL C 104 -1.83 -9.10 -11.54
C VAL C 104 -2.71 -8.55 -12.64
N GLY C 105 -3.41 -7.47 -12.33
CA GLY C 105 -4.35 -6.87 -13.25
C GLY C 105 -4.94 -5.57 -12.73
N VAL C 106 -5.80 -4.97 -13.54
CA VAL C 106 -6.43 -3.70 -13.19
C VAL C 106 -7.17 -3.92 -11.88
N PRO C 107 -6.87 -3.11 -10.84
CA PRO C 107 -7.34 -3.41 -9.49
C PRO C 107 -8.86 -3.62 -9.39
N THR C 108 -9.26 -4.61 -8.61
CA THR C 108 -10.65 -5.04 -8.54
C THR C 108 -11.56 -4.08 -7.76
N ASP C 109 -11.00 -3.16 -6.99
CA ASP C 109 -11.80 -2.17 -6.25
C ASP C 109 -12.27 -0.98 -7.11
N ALA C 110 -11.71 -0.81 -8.32
CA ALA C 110 -12.22 0.16 -9.30
C ALA C 110 -13.27 -0.53 -10.19
N LYS C 111 -14.53 -0.19 -9.96
CA LYS C 111 -15.63 -0.86 -10.63
C LYS C 111 -15.66 -0.56 -12.13
N PHE C 112 -15.65 -1.61 -12.94
CA PHE C 112 -15.71 -1.47 -14.40
C PHE C 112 -17.10 -0.95 -14.85
N ILE C 113 -17.14 -0.21 -15.95
CA ILE C 113 -18.41 0.27 -16.52
C ILE C 113 -19.37 -0.89 -16.82
N SER C 114 -18.82 -2.03 -17.23
CA SER C 114 -19.62 -3.21 -17.47
C SER C 114 -20.33 -3.69 -16.21
N LYS C 115 -19.60 -3.73 -15.09
CA LYS C 115 -20.20 -4.15 -13.81
C LYS C 115 -21.30 -3.19 -13.36
N LEU C 116 -21.08 -1.88 -13.54
CA LEU C 116 -22.08 -0.87 -13.15
C LEU C 116 -23.36 -1.06 -13.95
N LEU C 117 -23.23 -1.14 -15.27
CA LEU C 117 -24.37 -1.36 -16.16
C LEU C 117 -25.07 -2.69 -15.85
N ASN C 118 -24.29 -3.75 -15.63
CA ASN C 118 -24.84 -5.05 -15.23
C ASN C 118 -25.67 -4.99 -13.93
N GLU C 119 -25.19 -4.20 -12.96
CA GLU C 119 -25.93 -3.98 -11.71
C GLU C 119 -27.19 -3.14 -11.91
N ASN C 120 -27.23 -2.33 -12.97
CA ASN C 120 -28.44 -1.63 -13.39
C ASN C 120 -29.12 -2.33 -14.58
N ASN C 121 -29.21 -3.67 -14.53
CA ASN C 121 -30.06 -4.48 -15.40
C ASN C 121 -29.54 -4.80 -16.83
N TYR C 122 -28.39 -4.26 -17.24
CA TYR C 122 -27.89 -4.52 -18.61
C TYR C 122 -27.35 -5.95 -18.78
N PHE C 123 -27.59 -6.51 -19.96
CA PHE C 123 -26.97 -7.78 -20.39
C PHE C 123 -25.63 -7.41 -21.00
N THR C 124 -24.55 -8.06 -20.55
CA THR C 124 -23.20 -7.53 -20.83
C THR C 124 -22.30 -8.55 -21.52
N GLY C 125 -21.64 -8.10 -22.59
CA GLY C 125 -20.74 -8.93 -23.37
C GLY C 125 -19.44 -8.22 -23.68
N ALA C 126 -18.36 -9.01 -23.72
CA ALA C 126 -17.06 -8.51 -24.13
C ALA C 126 -16.48 -9.47 -25.16
N LEU C 127 -15.84 -8.92 -26.19
CA LEU C 127 -15.30 -9.73 -27.28
C LEU C 127 -13.87 -9.35 -27.59
N GLY C 128 -13.05 -10.36 -27.81
CA GLY C 128 -11.69 -10.18 -28.34
C GLY C 128 -10.65 -9.89 -27.29
N LYS C 129 -9.94 -8.79 -27.46
CA LYS C 129 -8.80 -8.44 -26.62
C LYS C 129 -9.23 -7.98 -25.22
N TRP C 130 -8.54 -8.49 -24.20
CA TRP C 130 -8.75 -8.10 -22.81
C TRP C 130 -7.54 -7.29 -22.32
N HIS C 131 -6.44 -7.97 -21.98
CA HIS C 131 -5.17 -7.37 -21.55
C HIS C 131 -5.27 -6.52 -20.27
N MET C 132 -6.13 -6.97 -19.36
CA MET C 132 -6.34 -6.33 -18.06
C MET C 132 -6.33 -7.34 -16.89
N GLY C 133 -5.69 -8.49 -17.12
CA GLY C 133 -5.46 -9.51 -16.08
C GLY C 133 -6.12 -10.82 -16.43
N ASP C 134 -5.39 -11.93 -16.30
CA ASP C 134 -5.87 -13.28 -16.65
C ASP C 134 -6.21 -14.18 -15.45
N THR C 135 -6.13 -13.64 -14.22
CA THR C 135 -6.46 -14.39 -13.00
C THR C 135 -7.97 -14.51 -12.85
N PRO C 136 -8.46 -15.44 -11.98
CA PRO C 136 -9.91 -15.58 -11.78
C PRO C 136 -10.64 -14.27 -11.49
N GLN C 137 -10.11 -13.49 -10.55
CA GLN C 137 -10.74 -12.24 -10.10
C GLN C 137 -10.61 -11.06 -11.11
N HIS C 138 -9.63 -11.12 -12.00
CA HIS C 138 -9.43 -10.12 -13.07
C HIS C 138 -10.08 -10.51 -14.43
N HIS C 139 -10.69 -11.71 -14.49
CA HIS C 139 -11.33 -12.23 -15.72
C HIS C 139 -12.61 -11.46 -16.04
N PRO C 140 -12.93 -11.29 -17.34
CA PRO C 140 -14.16 -10.59 -17.76
C PRO C 140 -15.45 -10.98 -17.03
N ASN C 141 -15.64 -12.27 -16.78
CA ASN C 141 -16.84 -12.75 -16.08
C ASN C 141 -16.97 -12.22 -14.65
N LYS C 142 -15.85 -11.85 -14.02
CA LYS C 142 -15.85 -11.18 -12.72
C LYS C 142 -15.78 -9.65 -12.77
N ARG C 143 -15.49 -9.08 -13.94
CA ARG C 143 -15.58 -7.64 -14.14
C ARG C 143 -16.92 -7.20 -14.74
N GLY C 144 -17.96 -8.01 -14.57
CA GLY C 144 -19.33 -7.62 -14.93
C GLY C 144 -19.77 -7.90 -16.36
N PHE C 145 -19.06 -8.80 -17.05
CA PHE C 145 -19.47 -9.27 -18.39
C PHE C 145 -20.11 -10.65 -18.30
N ASP C 146 -21.41 -10.73 -18.56
CA ASP C 146 -22.14 -12.02 -18.57
C ASP C 146 -21.52 -12.95 -19.62
N GLU C 147 -21.26 -12.41 -20.82
CA GLU C 147 -20.63 -13.14 -21.92
C GLU C 147 -19.23 -12.64 -22.22
N TYR C 148 -18.31 -13.56 -22.49
CA TYR C 148 -16.99 -13.22 -23.04
C TYR C 148 -16.56 -14.25 -24.08
N TYR C 149 -16.04 -13.75 -25.21
CA TYR C 149 -15.44 -14.57 -26.24
C TYR C 149 -14.19 -13.84 -26.72
N GLY C 150 -13.01 -14.44 -26.53
CA GLY C 150 -11.77 -13.85 -27.04
C GLY C 150 -10.51 -14.46 -26.45
N PHE C 151 -9.48 -13.62 -26.34
CA PHE C 151 -8.16 -14.03 -25.84
C PHE C 151 -7.74 -13.01 -24.79
N LEU C 152 -7.18 -13.48 -23.68
CA LEU C 152 -6.99 -12.62 -22.50
C LEU C 152 -5.77 -11.70 -22.54
N GLY C 153 -4.81 -11.99 -23.41
CA GLY C 153 -3.56 -11.22 -23.52
C GLY C 153 -3.62 -10.03 -24.46
N GLY C 154 -2.44 -9.53 -24.83
CA GLY C 154 -2.29 -8.26 -25.60
C GLY C 154 -2.57 -8.32 -27.08
N GLY C 155 -2.68 -9.52 -27.63
CA GLY C 155 -2.98 -9.70 -29.04
C GLY C 155 -3.05 -11.16 -29.37
N HIS C 156 -3.17 -11.47 -30.65
CA HIS C 156 -3.28 -12.85 -31.11
C HIS C 156 -3.00 -12.99 -32.58
N ASN C 157 -2.36 -14.10 -32.96
CA ASN C 157 -2.22 -14.48 -34.37
C ASN C 157 -3.62 -14.68 -34.96
N TYR C 158 -3.77 -14.31 -36.23
CA TYR C 158 -5.08 -14.13 -36.85
C TYR C 158 -5.66 -15.37 -37.54
N PHE C 159 -4.80 -16.32 -37.90
CA PHE C 159 -5.20 -17.50 -38.67
C PHE C 159 -5.09 -18.79 -37.83
N PRO C 160 -6.23 -19.40 -37.49
CA PRO C 160 -6.22 -20.68 -36.77
C PRO C 160 -5.45 -21.81 -37.44
N ASP C 161 -5.52 -21.90 -38.76
CA ASP C 161 -4.65 -22.78 -39.56
C ASP C 161 -3.14 -22.68 -39.21
N GLN C 162 -2.68 -21.47 -38.88
CA GLN C 162 -1.27 -21.24 -38.48
C GLN C 162 -1.00 -21.48 -36.98
N TYR C 163 -1.81 -20.86 -36.11
CA TYR C 163 -1.49 -20.84 -34.66
C TYR C 163 -1.82 -22.12 -33.88
N GLN C 164 -2.88 -22.83 -34.26
CA GLN C 164 -3.31 -24.03 -33.52
C GLN C 164 -2.30 -25.19 -33.59
N PRO C 165 -1.69 -25.45 -34.77
CA PRO C 165 -0.59 -26.45 -34.83
C PRO C 165 0.62 -26.13 -33.95
N GLN C 166 1.02 -24.85 -33.89
CA GLN C 166 2.12 -24.42 -33.03
C GLN C 166 1.81 -24.63 -31.54
N TYR C 167 0.57 -24.32 -31.14
CA TYR C 167 0.13 -24.56 -29.77
C TYR C 167 0.05 -26.06 -29.45
N LYS C 168 -0.47 -26.86 -30.38
CA LYS C 168 -0.52 -28.33 -30.20
C LYS C 168 0.88 -28.86 -29.96
N LYS C 169 1.84 -28.48 -30.81
CA LYS C 169 3.24 -28.92 -30.73
C LYS C 169 3.91 -28.55 -29.38
N GLN C 170 3.70 -27.31 -28.95
CA GLN C 170 4.27 -26.83 -27.67
C GLN C 170 3.59 -27.46 -26.44
N LYS C 171 2.28 -27.67 -26.48
CA LYS C 171 1.57 -28.27 -25.33
C LYS C 171 2.00 -29.73 -25.14
N ALA C 172 2.02 -30.50 -26.22
CA ALA C 172 2.47 -31.91 -26.19
C ALA C 172 3.93 -32.08 -25.76
N GLN C 173 4.74 -31.04 -25.98
CA GLN C 173 6.12 -30.98 -25.49
C GLN C 173 6.21 -30.79 -23.95
N GLY C 174 5.10 -30.40 -23.30
CA GLY C 174 5.02 -30.23 -21.83
C GLY C 174 5.07 -28.79 -21.32
N LEU C 175 5.28 -27.82 -22.22
CA LEU C 175 5.54 -26.43 -21.87
C LEU C 175 4.29 -25.72 -21.31
N LYS C 176 4.50 -24.90 -20.28
CA LYS C 176 3.44 -24.15 -19.60
C LYS C 176 3.40 -22.64 -19.95
N ASN C 177 4.56 -22.05 -20.25
CA ASN C 177 4.63 -20.61 -20.57
C ASN C 177 4.65 -20.46 -22.09
N ILE C 178 3.49 -20.66 -22.69
CA ILE C 178 3.34 -20.59 -24.13
C ILE C 178 2.91 -19.19 -24.54
N PHE C 179 3.54 -18.70 -25.60
CA PHE C 179 3.28 -17.36 -26.16
C PHE C 179 1.78 -17.10 -26.28
N GLU C 180 1.28 -16.05 -25.62
CA GLU C 180 -0.17 -15.80 -25.54
C GLU C 180 -0.86 -15.52 -26.89
N TYR C 181 -0.08 -15.15 -27.91
CA TYR C 181 -0.62 -14.91 -29.26
C TYR C 181 -1.07 -16.17 -30.02
N ILE C 182 -0.67 -17.36 -29.55
CA ILE C 182 -1.07 -18.63 -30.18
C ILE C 182 -1.96 -19.52 -29.32
N THR C 183 -2.27 -19.11 -28.09
CA THR C 183 -3.12 -19.91 -27.19
C THR C 183 -4.56 -19.97 -27.72
N PRO C 184 -5.34 -20.98 -27.31
CA PRO C 184 -6.70 -21.04 -27.81
C PRO C 184 -7.54 -19.92 -27.24
N LEU C 185 -8.48 -19.44 -28.05
CA LEU C 185 -9.52 -18.53 -27.57
C LEU C 185 -10.45 -19.29 -26.61
N GLU C 186 -11.24 -18.54 -25.86
CA GLU C 186 -12.18 -19.11 -24.89
C GLU C 186 -13.54 -18.46 -25.02
N HIS C 187 -14.54 -19.14 -24.47
CA HIS C 187 -15.88 -18.61 -24.27
C HIS C 187 -16.21 -18.86 -22.80
N ASN C 188 -16.38 -17.78 -22.05
CA ASN C 188 -16.66 -17.86 -20.59
C ASN C 188 -15.83 -18.91 -19.82
N GLY C 189 -14.53 -18.97 -20.07
CA GLY C 189 -13.64 -19.88 -19.35
C GLY C 189 -13.40 -21.26 -19.95
N LYS C 190 -14.29 -21.72 -20.83
CA LYS C 190 -14.09 -22.98 -21.59
C LYS C 190 -13.36 -22.67 -22.90
N GLU C 191 -12.34 -23.45 -23.23
CA GLU C 191 -11.62 -23.29 -24.51
C GLU C 191 -12.50 -23.58 -25.71
N VAL C 192 -12.13 -23.02 -26.85
CA VAL C 192 -12.78 -23.33 -28.12
C VAL C 192 -11.73 -23.58 -29.20
N LYS C 193 -12.19 -24.14 -30.33
CA LYS C 193 -11.36 -24.37 -31.51
C LYS C 193 -11.90 -23.46 -32.60
N GLU C 194 -11.32 -22.27 -32.71
CA GLU C 194 -11.74 -21.27 -33.67
C GLU C 194 -11.37 -21.71 -35.10
N THR C 195 -12.27 -21.44 -36.05
CA THR C 195 -12.09 -21.83 -37.46
C THR C 195 -11.85 -20.67 -38.43
N GLN C 196 -12.35 -19.47 -38.12
CA GLN C 196 -12.24 -18.31 -39.03
C GLN C 196 -11.09 -17.38 -38.66
N TYR C 197 -10.74 -16.53 -39.63
CA TYR C 197 -9.84 -15.38 -39.42
C TYR C 197 -10.39 -14.57 -38.23
N ILE C 198 -9.52 -14.29 -37.26
CA ILE C 198 -9.97 -13.85 -35.93
C ILE C 198 -10.89 -12.64 -35.97
N THR C 199 -10.57 -11.64 -36.80
CA THR C 199 -11.43 -10.47 -36.99
C THR C 199 -12.87 -10.88 -37.37
N ASP C 200 -13.01 -11.85 -38.28
CA ASP C 200 -14.32 -12.33 -38.73
C ASP C 200 -15.06 -13.09 -37.64
N ALA C 201 -14.32 -13.88 -36.87
CA ALA C 201 -14.87 -14.63 -35.74
C ALA C 201 -15.45 -13.71 -34.67
N LEU C 202 -14.70 -12.66 -34.34
CA LEU C 202 -15.14 -11.70 -33.34
C LEU C 202 -16.39 -10.97 -33.81
N SER C 203 -16.42 -10.66 -35.10
CA SER C 203 -17.61 -10.05 -35.71
C SER C 203 -18.81 -10.99 -35.64
N ARG C 204 -18.58 -12.27 -35.92
CA ARG C 204 -19.61 -13.28 -35.88
C ARG C 204 -20.16 -13.41 -34.49
N GLU C 205 -19.29 -13.39 -33.50
CA GLU C 205 -19.72 -13.50 -32.11
C GLU C 205 -20.41 -12.24 -31.61
N ALA C 206 -20.05 -11.08 -32.16
CA ALA C 206 -20.82 -9.86 -31.92
C ALA C 206 -22.26 -9.98 -32.43
N VAL C 207 -22.43 -10.62 -33.60
CA VAL C 207 -23.78 -10.91 -34.11
C VAL C 207 -24.48 -11.86 -33.13
N ASN C 208 -23.82 -12.96 -32.80
CA ASN C 208 -24.39 -13.96 -31.88
C ASN C 208 -24.81 -13.32 -30.57
N PHE C 209 -24.03 -12.35 -30.09
CA PHE C 209 -24.34 -11.65 -28.85
C PHE C 209 -25.63 -10.85 -28.94
N VAL C 210 -25.72 -9.96 -29.94
CA VAL C 210 -26.92 -9.14 -30.10
C VAL C 210 -28.18 -9.95 -30.46
N ASP C 211 -28.00 -11.12 -31.09
CA ASP C 211 -29.09 -12.08 -31.28
C ASP C 211 -29.55 -12.67 -29.94
N LYS C 212 -28.60 -13.08 -29.09
CA LYS C 212 -28.91 -13.57 -27.74
C LYS C 212 -29.62 -12.49 -26.91
N ALA C 213 -29.26 -11.23 -27.14
CA ALA C 213 -29.85 -10.09 -26.42
C ALA C 213 -31.34 -9.82 -26.73
N VAL C 214 -31.84 -10.29 -27.87
CA VAL C 214 -33.23 -10.10 -28.26
C VAL C 214 -34.17 -10.74 -27.23
N ASN C 215 -33.89 -12.00 -26.90
CA ASN C 215 -34.69 -12.76 -25.95
C ASN C 215 -34.63 -12.27 -24.50
N LYS C 216 -33.54 -11.59 -24.13
CA LYS C 216 -33.31 -11.14 -22.75
C LYS C 216 -34.32 -10.08 -22.27
N LYS C 217 -34.73 -9.17 -23.16
CA LYS C 217 -35.69 -8.13 -22.79
C LYS C 217 -35.20 -7.16 -21.68
N HIS C 218 -33.88 -6.99 -21.60
CA HIS C 218 -33.25 -5.85 -20.89
C HIS C 218 -32.45 -5.11 -21.97
N PRO C 219 -31.98 -3.89 -21.68
CA PRO C 219 -30.95 -3.32 -22.56
C PRO C 219 -29.62 -4.06 -22.46
N PHE C 220 -28.74 -3.92 -23.45
CA PHE C 220 -27.45 -4.63 -23.47
C PHE C 220 -26.26 -3.69 -23.66
N PHE C 221 -25.09 -4.15 -23.23
CA PHE C 221 -23.82 -3.44 -23.40
C PHE C 221 -22.81 -4.40 -24.01
N LEU C 222 -22.18 -3.99 -25.12
CA LEU C 222 -21.19 -4.82 -25.81
C LEU C 222 -19.85 -4.09 -25.95
N TYR C 223 -18.78 -4.69 -25.40
CA TYR C 223 -17.43 -4.17 -25.56
C TYR C 223 -16.76 -5.02 -26.65
N LEU C 224 -16.67 -4.47 -27.86
CA LEU C 224 -16.09 -5.18 -29.01
C LEU C 224 -14.65 -4.74 -29.22
N ALA C 225 -13.72 -5.52 -28.66
CA ALA C 225 -12.29 -5.18 -28.69
C ALA C 225 -11.56 -5.97 -29.76
N TYR C 226 -11.59 -5.44 -30.97
CA TYR C 226 -10.83 -6.05 -32.08
C TYR C 226 -9.36 -5.93 -31.78
N ASN C 227 -8.60 -6.93 -32.23
CA ASN C 227 -7.14 -6.80 -32.26
C ASN C 227 -6.63 -6.16 -33.54
N ALA C 228 -7.42 -6.16 -34.61
CA ALA C 228 -6.99 -5.46 -35.84
C ALA C 228 -6.99 -3.94 -35.60
N PRO C 229 -6.01 -3.19 -36.12
CA PRO C 229 -4.92 -3.66 -36.99
C PRO C 229 -3.57 -3.78 -36.27
N HIS C 230 -3.60 -4.28 -35.03
CA HIS C 230 -2.40 -4.53 -34.24
C HIS C 230 -1.61 -5.67 -34.88
N THR C 231 -0.29 -5.63 -34.72
CA THR C 231 0.58 -6.73 -35.13
C THR C 231 0.12 -8.07 -34.55
N PRO C 232 0.42 -9.20 -35.20
CA PRO C 232 1.15 -9.25 -36.48
C PRO C 232 0.29 -8.85 -37.69
N LEU C 233 0.97 -8.37 -38.72
CA LEU C 233 0.32 -7.92 -39.95
C LEU C 233 -0.06 -9.14 -40.77
N GLN C 234 -1.27 -9.63 -40.53
CA GLN C 234 -1.80 -10.80 -41.20
C GLN C 234 -3.19 -10.46 -41.71
N ALA C 235 -3.36 -10.56 -43.03
CA ALA C 235 -4.63 -10.22 -43.68
C ALA C 235 -5.06 -11.35 -44.58
N LYS C 236 -6.36 -11.36 -44.86
CA LYS C 236 -6.93 -12.29 -45.84
C LYS C 236 -6.59 -11.82 -47.26
N ASP C 237 -6.38 -12.75 -48.17
CA ASP C 237 -6.13 -12.41 -49.58
C ASP C 237 -7.31 -11.67 -50.22
N GLU C 238 -8.53 -12.02 -49.81
CA GLU C 238 -9.75 -11.40 -50.34
C GLU C 238 -9.90 -9.93 -49.96
N ASP C 239 -9.40 -9.56 -48.79
CA ASP C 239 -9.39 -8.16 -48.34
C ASP C 239 -8.25 -7.38 -49.01
N MET C 240 -7.07 -7.97 -49.06
CA MET C 240 -5.92 -7.34 -49.75
C MET C 240 -6.17 -7.12 -51.24
N ALA C 241 -6.94 -8.02 -51.85
CA ALA C 241 -7.36 -7.88 -53.25
C ALA C 241 -8.18 -6.61 -53.56
N MET C 242 -8.78 -6.01 -52.53
CA MET C 242 -9.53 -4.75 -52.66
C MET C 242 -8.65 -3.49 -52.72
N PHE C 243 -7.33 -3.65 -52.56
CA PHE C 243 -6.41 -2.51 -52.59
C PHE C 243 -5.26 -2.79 -53.55
N PRO C 244 -5.58 -2.97 -54.85
CA PRO C 244 -4.53 -3.21 -55.85
C PRO C 244 -3.61 -2.01 -56.09
N ASN C 245 -4.09 -0.80 -55.79
CA ASN C 245 -3.29 0.42 -55.96
C ASN C 245 -2.35 0.75 -54.79
N ILE C 246 -2.38 -0.03 -53.72
CA ILE C 246 -1.45 0.12 -52.61
C ILE C 246 -0.23 -0.77 -52.92
N LYS C 247 0.88 -0.14 -53.32
CA LYS C 247 2.10 -0.82 -53.75
C LYS C 247 2.92 -1.36 -52.55
N ASN C 248 2.95 -0.61 -51.44
CA ASN C 248 3.69 -1.02 -50.22
C ASN C 248 3.05 -2.25 -49.56
N LYS C 249 3.87 -3.28 -49.30
CA LYS C 249 3.39 -4.61 -48.85
C LYS C 249 2.70 -4.53 -47.48
N ASP C 250 3.37 -3.88 -46.52
CA ASP C 250 2.82 -3.73 -45.17
C ASP C 250 1.57 -2.86 -45.13
N ARG C 251 1.56 -1.74 -45.86
CA ARG C 251 0.39 -0.86 -45.93
C ARG C 251 -0.80 -1.59 -46.55
N LYS C 252 -0.55 -2.43 -47.56
CA LYS C 252 -1.59 -3.25 -48.18
C LYS C 252 -2.16 -4.25 -47.17
N THR C 253 -1.27 -4.98 -46.51
CA THR C 253 -1.69 -5.94 -45.48
C THR C 253 -2.54 -5.22 -44.42
N TYR C 254 -2.03 -4.10 -43.91
CA TYR C 254 -2.75 -3.25 -42.95
C TYR C 254 -4.12 -2.86 -43.48
N ALA C 255 -4.17 -2.38 -44.72
CA ALA C 255 -5.44 -1.96 -45.34
C ALA C 255 -6.48 -3.08 -45.31
N GLY C 256 -6.06 -4.28 -45.70
CA GLY C 256 -6.90 -5.46 -45.64
C GLY C 256 -7.38 -5.81 -44.24
N MET C 257 -6.50 -5.61 -43.24
CA MET C 257 -6.87 -5.83 -41.85
C MET C 257 -7.96 -4.87 -41.38
N VAL C 258 -7.85 -3.59 -41.77
CA VAL C 258 -8.84 -2.59 -41.42
C VAL C 258 -10.15 -2.86 -42.15
N TYR C 259 -10.07 -3.25 -43.41
CA TYR C 259 -11.27 -3.56 -44.19
C TYR C 259 -12.07 -4.72 -43.55
N ALA C 260 -11.36 -5.74 -43.07
CA ALA C 260 -11.98 -6.83 -42.30
C ALA C 260 -12.77 -6.33 -41.08
N VAL C 261 -12.24 -5.33 -40.38
CA VAL C 261 -12.99 -4.65 -39.31
C VAL C 261 -14.26 -4.03 -39.87
N ASP C 262 -14.14 -3.32 -40.99
CA ASP C 262 -15.28 -2.65 -41.62
C ASP C 262 -16.37 -3.63 -42.07
N ARG C 263 -15.96 -4.79 -42.62
CA ARG C 263 -16.91 -5.86 -42.93
C ARG C 263 -17.62 -6.33 -41.68
N GLY C 264 -16.86 -6.48 -40.59
CA GLY C 264 -17.44 -6.83 -39.28
C GLY C 264 -18.47 -5.85 -38.79
N VAL C 265 -18.16 -4.56 -38.90
CA VAL C 265 -19.07 -3.51 -38.45
C VAL C 265 -20.36 -3.57 -39.28
N GLY C 266 -20.24 -3.77 -40.59
CA GLY C 266 -21.41 -4.00 -41.43
C GLY C 266 -22.22 -5.22 -41.06
N LYS C 267 -21.55 -6.32 -40.74
CA LYS C 267 -22.22 -7.56 -40.33
C LYS C 267 -22.98 -7.33 -39.01
N LEU C 268 -22.38 -6.58 -38.09
CA LEU C 268 -23.05 -6.24 -36.83
C LEU C 268 -24.24 -5.32 -37.04
N VAL C 269 -24.08 -4.33 -37.91
CA VAL C 269 -25.15 -3.38 -38.20
C VAL C 269 -26.34 -4.03 -38.92
N GLU C 270 -26.09 -5.00 -39.80
CA GLU C 270 -27.21 -5.74 -40.45
C GLU C 270 -27.99 -6.55 -39.40
N ALA C 271 -27.29 -7.12 -38.44
CA ALA C 271 -27.90 -7.83 -37.30
C ALA C 271 -28.71 -6.93 -36.34
N LEU C 272 -28.21 -5.73 -36.07
CA LEU C 272 -28.94 -4.77 -35.24
C LEU C 272 -30.25 -4.35 -35.90
N LYS C 273 -30.19 -4.11 -37.21
CA LYS C 273 -31.37 -3.75 -38.00
C LYS C 273 -32.39 -4.89 -38.06
N LYS C 274 -31.90 -6.09 -38.34
CA LYS C 274 -32.70 -7.31 -38.34
C LYS C 274 -33.51 -7.49 -37.05
N ASN C 275 -32.91 -7.13 -35.91
CA ASN C 275 -33.55 -7.29 -34.60
C ASN C 275 -34.29 -6.04 -34.10
N ASN C 276 -34.36 -4.98 -34.92
CA ASN C 276 -34.89 -3.67 -34.51
C ASN C 276 -34.22 -3.15 -33.24
N GLN C 277 -32.90 -3.35 -33.15
CA GLN C 277 -32.06 -2.83 -32.06
C GLN C 277 -31.32 -1.56 -32.48
N TYR C 278 -31.08 -1.41 -33.78
CA TYR C 278 -30.27 -0.32 -34.36
C TYR C 278 -30.71 1.07 -33.92
N ASP C 279 -32.03 1.30 -33.90
CA ASP C 279 -32.55 2.63 -33.56
C ASP C 279 -32.39 3.03 -32.09
N ASN C 280 -32.40 2.05 -31.17
CA ASN C 280 -32.19 2.36 -29.75
C ASN C 280 -30.84 1.87 -29.19
N THR C 281 -29.78 2.04 -30.00
CA THR C 281 -28.42 1.66 -29.59
C THR C 281 -27.47 2.81 -29.84
N LEU C 282 -26.69 3.17 -28.81
CA LEU C 282 -25.57 4.11 -28.94
C LEU C 282 -24.31 3.32 -29.32
N ILE C 283 -23.87 3.49 -30.57
CA ILE C 283 -22.64 2.87 -31.04
C ILE C 283 -21.51 3.89 -30.98
N VAL C 284 -20.43 3.53 -30.29
CA VAL C 284 -19.19 4.30 -30.28
C VAL C 284 -18.13 3.47 -31.00
N PHE C 285 -17.53 4.02 -32.04
CA PHE C 285 -16.38 3.39 -32.71
C PHE C 285 -15.17 4.27 -32.46
N MET C 286 -14.07 3.67 -32.01
CA MET C 286 -12.84 4.43 -31.75
C MET C 286 -11.59 3.54 -31.84
N SER C 287 -10.43 4.16 -31.68
CA SER C 287 -9.16 3.45 -31.48
C SER C 287 -8.74 3.58 -30.03
N ASP C 288 -7.94 2.62 -29.55
CA ASP C 288 -7.41 2.68 -28.19
C ASP C 288 -6.21 3.60 -28.07
N ASN C 289 -5.51 3.81 -29.19
CA ASN C 289 -4.39 4.75 -29.28
C ASN C 289 -4.03 5.05 -30.75
N GLY C 290 -3.03 5.88 -30.95
CA GLY C 290 -2.52 6.19 -32.28
C GLY C 290 -1.90 5.00 -32.97
N GLY C 291 -1.81 5.08 -34.30
CA GLY C 291 -1.27 3.99 -35.11
C GLY C 291 0.23 3.96 -35.07
N LYS C 292 0.80 2.78 -35.32
CA LYS C 292 2.25 2.61 -35.35
C LYS C 292 2.73 2.72 -36.79
N LEU C 293 3.49 3.77 -37.09
CA LEU C 293 3.91 4.05 -38.47
C LEU C 293 4.78 2.96 -39.08
N SER C 294 5.62 2.31 -38.27
CA SER C 294 6.45 1.21 -38.75
C SER C 294 5.69 -0.12 -38.94
N LYS C 295 4.39 -0.14 -38.63
CA LYS C 295 3.54 -1.33 -38.84
C LYS C 295 2.26 -1.01 -39.66
N GLY C 296 2.43 -0.19 -40.70
CA GLY C 296 1.39 0.05 -41.71
C GLY C 296 0.40 1.19 -41.50
N ALA C 297 0.42 1.85 -40.35
CA ALA C 297 -0.56 2.90 -40.07
C ALA C 297 -0.18 4.25 -40.68
N ASN C 298 -1.15 5.17 -40.67
CA ASN C 298 -0.97 6.56 -41.07
C ASN C 298 -1.76 7.44 -40.09
N ASN C 299 -1.11 8.47 -39.55
CA ASN C 299 -1.73 9.37 -38.57
C ASN C 299 -1.94 10.81 -39.09
N PHE C 300 -2.02 11.00 -40.41
CA PHE C 300 -2.14 12.33 -41.00
C PHE C 300 -3.38 13.08 -40.46
N PRO C 301 -3.27 14.36 -40.09
CA PRO C 301 -2.08 15.21 -40.22
C PRO C 301 -1.22 15.30 -38.95
N LEU C 302 -1.37 14.34 -38.03
CA LEU C 302 -0.76 14.42 -36.71
C LEU C 302 0.69 13.96 -36.75
N LYS C 303 1.48 14.49 -35.82
CA LYS C 303 2.90 14.15 -35.71
C LYS C 303 3.10 12.85 -34.92
N ALA C 304 4.08 12.05 -35.35
CA ALA C 304 4.48 10.80 -34.66
C ALA C 304 3.36 9.75 -34.62
N GLY C 305 3.34 8.90 -33.59
CA GLY C 305 2.32 7.85 -33.48
C GLY C 305 2.36 7.11 -32.14
N LYS C 306 1.99 5.82 -32.16
CA LYS C 306 1.80 5.01 -30.95
C LYS C 306 2.85 5.28 -29.88
N GLY C 307 2.37 5.57 -28.68
CA GLY C 307 3.22 5.77 -27.51
C GLY C 307 3.79 7.17 -27.29
N SER C 308 3.47 8.10 -28.19
CA SER C 308 3.99 9.47 -28.11
C SER C 308 2.99 10.36 -27.38
N THR C 309 3.50 11.40 -26.72
CA THR C 309 2.66 12.47 -26.19
C THR C 309 2.44 13.58 -27.23
N GLN C 310 3.03 13.43 -28.42
CA GLN C 310 2.58 14.20 -29.60
C GLN C 310 1.13 13.76 -29.86
N GLU C 311 0.40 14.53 -30.66
CA GLU C 311 -1.02 14.22 -30.91
C GLU C 311 -1.22 12.83 -31.54
N GLY C 312 -0.30 12.43 -32.41
CA GLY C 312 -0.35 11.13 -33.08
C GLY C 312 -0.53 9.93 -32.18
N GLY C 313 0.05 9.99 -30.99
CA GLY C 313 -0.02 8.89 -30.04
C GLY C 313 -1.32 8.69 -29.27
N PHE C 314 -2.06 9.77 -28.96
CA PHE C 314 -3.27 9.64 -28.14
C PHE C 314 -4.51 10.43 -28.59
N ARG C 315 -4.43 11.07 -29.76
CA ARG C 315 -5.62 11.62 -30.42
C ARG C 315 -6.07 10.57 -31.44
N VAL C 316 -7.33 10.17 -31.34
CA VAL C 316 -7.83 9.02 -32.09
C VAL C 316 -9.12 9.36 -32.82
N PRO C 317 -9.49 8.52 -33.82
CA PRO C 317 -10.81 8.71 -34.42
C PRO C 317 -11.90 8.22 -33.48
N MET C 318 -13.04 8.89 -33.52
CA MET C 318 -14.19 8.45 -32.76
C MET C 318 -15.47 8.93 -33.44
N LEU C 319 -16.49 8.08 -33.46
CA LEU C 319 -17.84 8.48 -33.84
C LEU C 319 -18.85 7.98 -32.83
N PHE C 320 -19.90 8.77 -32.64
CA PHE C 320 -21.11 8.36 -31.94
C PHE C 320 -22.20 8.17 -33.00
N HIS C 321 -23.06 7.18 -32.80
CA HIS C 321 -24.24 6.98 -33.63
C HIS C 321 -25.40 6.49 -32.78
N TRP C 322 -26.53 7.20 -32.85
CA TRP C 322 -27.74 6.89 -32.09
C TRP C 322 -28.88 7.76 -32.67
N PRO C 323 -29.73 7.16 -33.55
CA PRO C 323 -30.76 7.92 -34.28
C PRO C 323 -31.72 8.75 -33.41
N LYS C 324 -31.94 10.00 -33.83
CA LYS C 324 -32.78 10.99 -33.13
C LYS C 324 -32.14 11.65 -31.88
N HIS C 325 -31.11 11.02 -31.29
CA HIS C 325 -30.40 11.54 -30.09
C HIS C 325 -29.04 12.17 -30.43
N VAL C 326 -28.23 11.45 -31.19
CA VAL C 326 -26.97 11.97 -31.75
C VAL C 326 -27.23 12.60 -33.12
N PRO C 327 -26.96 13.91 -33.28
CA PRO C 327 -27.15 14.56 -34.59
C PRO C 327 -26.43 13.88 -35.76
N ALA C 328 -27.14 13.75 -36.88
CA ALA C 328 -26.62 13.08 -38.07
C ALA C 328 -25.81 14.04 -38.94
N GLY C 329 -24.67 13.56 -39.46
CA GLY C 329 -23.87 14.30 -40.43
C GLY C 329 -23.08 15.46 -39.87
N LYS C 330 -22.84 15.47 -38.56
CA LYS C 330 -22.12 16.55 -37.89
C LYS C 330 -20.70 16.08 -37.52
N ARG C 331 -19.85 17.05 -37.18
CA ARG C 331 -18.51 16.79 -36.68
C ARG C 331 -18.24 17.68 -35.46
N PHE C 332 -18.13 17.05 -34.29
CA PHE C 332 -17.92 17.75 -33.02
C PHE C 332 -16.45 18.14 -32.85
N SER C 333 -16.20 19.44 -32.69
CA SER C 333 -14.83 19.98 -32.74
C SER C 333 -14.21 20.34 -31.37
N HIS C 334 -14.92 20.05 -30.27
CA HIS C 334 -14.37 20.29 -28.93
C HIS C 334 -13.76 19.02 -28.31
N PRO C 335 -12.76 19.18 -27.41
CA PRO C 335 -12.09 18.05 -26.78
C PRO C 335 -13.02 17.08 -26.07
N VAL C 336 -12.84 15.80 -26.35
CA VAL C 336 -13.53 14.74 -25.62
C VAL C 336 -12.49 13.71 -25.21
N SER C 337 -12.67 13.17 -24.00
CA SER C 337 -11.76 12.16 -23.43
C SER C 337 -12.44 10.81 -23.39
N ALA C 338 -11.69 9.74 -23.62
CA ALA C 338 -12.15 8.38 -23.40
C ALA C 338 -12.67 8.19 -21.97
N LEU C 339 -12.11 8.93 -21.03
CA LEU C 339 -12.57 8.94 -19.63
C LEU C 339 -14.03 9.36 -19.49
N ASP C 340 -14.54 10.13 -20.45
CA ASP C 340 -15.92 10.60 -20.43
C ASP C 340 -16.95 9.51 -20.70
N LEU C 341 -16.54 8.43 -21.36
CA LEU C 341 -17.47 7.38 -21.74
C LEU C 341 -18.09 6.71 -20.50
N TYR C 342 -17.31 6.55 -19.43
CA TYR C 342 -17.84 5.92 -18.22
C TYR C 342 -19.04 6.69 -17.64
N PRO C 343 -18.86 7.96 -17.21
CA PRO C 343 -20.01 8.69 -16.65
C PRO C 343 -21.12 9.00 -17.67
N THR C 344 -20.76 9.12 -18.94
CA THR C 344 -21.73 9.40 -19.99
C THR C 344 -22.60 8.17 -20.25
N PHE C 345 -21.97 7.00 -20.40
CA PHE C 345 -22.74 5.75 -20.46
C PHE C 345 -23.61 5.57 -19.21
N ALA C 346 -23.06 5.90 -18.04
CA ALA C 346 -23.79 5.74 -16.78
C ALA C 346 -25.04 6.64 -16.73
N ALA C 347 -24.86 7.91 -17.08
CA ALA C 347 -25.95 8.87 -17.13
C ALA C 347 -27.05 8.44 -18.10
N LEU C 348 -26.67 8.03 -19.30
CA LEU C 348 -27.63 7.56 -20.31
C LEU C 348 -28.38 6.28 -19.90
N ALA C 349 -27.75 5.46 -19.06
CA ALA C 349 -28.35 4.20 -18.59
C ALA C 349 -29.19 4.36 -17.31
N GLY C 350 -29.12 5.52 -16.67
CA GLY C 350 -29.78 5.74 -15.38
C GLY C 350 -29.09 5.05 -14.23
N ALA C 351 -27.76 4.98 -14.31
CA ALA C 351 -26.95 4.33 -13.28
C ALA C 351 -26.27 5.41 -12.43
N LYS C 352 -26.54 5.39 -11.12
CA LYS C 352 -25.92 6.34 -10.19
C LYS C 352 -24.43 6.01 -10.07
N VAL C 353 -23.61 7.06 -9.98
CA VAL C 353 -22.18 6.95 -9.77
C VAL C 353 -21.87 7.56 -8.40
N GLU C 354 -21.11 6.86 -7.56
CA GLU C 354 -20.72 7.37 -6.23
C GLU C 354 -19.41 8.19 -6.33
N GLU C 355 -19.27 9.20 -5.46
CA GLU C 355 -18.05 10.03 -5.39
C GLU C 355 -16.81 9.23 -4.97
N ASN C 356 -17.01 8.18 -4.14
CA ASN C 356 -15.90 7.29 -3.75
C ASN C 356 -15.20 6.56 -4.92
N GLN C 357 -15.80 6.58 -6.12
CA GLN C 357 -15.17 6.01 -7.33
C GLN C 357 -14.06 6.86 -7.98
N HIS C 358 -14.06 8.18 -7.73
CA HIS C 358 -13.03 9.13 -8.20
C HIS C 358 -12.87 9.15 -9.73
N LEU C 359 -13.99 9.30 -10.42
CA LEU C 359 -13.99 9.34 -11.88
C LEU C 359 -13.29 10.61 -12.36
N ASP C 360 -12.32 10.44 -13.28
CA ASP C 360 -11.55 11.55 -13.82
C ASP C 360 -12.19 12.17 -15.05
N GLY C 361 -13.15 11.47 -15.67
CA GLY C 361 -13.88 12.00 -16.82
C GLY C 361 -15.08 12.82 -16.42
N THR C 362 -15.88 13.23 -17.40
CA THR C 362 -17.12 13.97 -17.17
C THR C 362 -18.25 13.40 -18.02
N ASN C 363 -19.49 13.59 -17.56
CA ASN C 363 -20.66 13.33 -18.40
C ASN C 363 -20.68 14.38 -19.51
N MET C 364 -20.26 13.99 -20.70
CA MET C 364 -20.08 14.94 -21.79
C MET C 364 -21.38 15.30 -22.54
N TRP C 365 -22.49 14.64 -22.19
CA TRP C 365 -23.73 14.76 -22.95
C TRP C 365 -24.39 16.16 -22.92
N PRO C 366 -24.55 16.78 -21.73
CA PRO C 366 -25.09 18.16 -21.68
C PRO C 366 -24.35 19.15 -22.59
N ALA C 367 -23.02 19.13 -22.53
CA ALA C 367 -22.21 19.98 -23.38
C ALA C 367 -22.25 19.56 -24.86
N PHE C 368 -22.33 18.26 -25.12
CA PHE C 368 -22.41 17.72 -26.50
C PHE C 368 -23.65 18.22 -27.26
N ILE C 369 -24.80 18.12 -26.60
CA ILE C 369 -26.08 18.56 -27.15
C ILE C 369 -26.06 20.07 -27.41
N LYS C 370 -25.59 20.87 -26.45
CA LYS C 370 -25.49 22.33 -26.63
C LYS C 370 -24.34 22.78 -27.57
N ASN C 371 -23.54 21.83 -28.06
CA ASN C 371 -22.36 22.10 -28.87
C ASN C 371 -21.35 23.03 -28.18
N GLU C 372 -21.14 22.79 -26.88
CA GLU C 372 -20.15 23.51 -26.07
C GLU C 372 -19.02 22.55 -25.69
N ASN C 373 -17.89 23.11 -25.27
CA ASN C 373 -16.73 22.32 -24.84
C ASN C 373 -17.05 21.61 -23.51
N PRO C 374 -17.11 20.26 -23.51
CA PRO C 374 -17.36 19.54 -22.24
C PRO C 374 -16.21 19.64 -21.24
N HIS C 375 -15.03 20.02 -21.71
CA HIS C 375 -13.86 20.28 -20.88
C HIS C 375 -13.43 21.75 -21.01
N LYS C 376 -14.39 22.69 -20.99
CA LYS C 376 -14.08 24.12 -21.01
C LYS C 376 -13.26 24.48 -19.77
N ASP C 377 -12.11 25.12 -20.01
CA ASP C 377 -11.19 25.56 -18.94
C ASP C 377 -10.68 24.42 -18.05
N GLU C 378 -10.57 23.21 -18.62
CA GLU C 378 -10.11 22.03 -17.87
C GLU C 378 -9.12 21.21 -18.70
N PRO C 379 -8.04 20.74 -18.07
CA PRO C 379 -7.02 20.01 -18.81
C PRO C 379 -7.36 18.55 -19.10
N ILE C 380 -6.82 18.05 -20.20
CA ILE C 380 -6.83 16.63 -20.53
C ILE C 380 -5.36 16.24 -20.59
N TYR C 381 -5.00 15.17 -19.91
CA TYR C 381 -3.60 14.82 -19.70
C TYR C 381 -3.21 13.54 -20.42
N ALA C 382 -1.92 13.45 -20.72
CA ALA C 382 -1.26 12.20 -21.08
C ALA C 382 0.11 12.21 -20.43
N LEU C 383 0.56 11.06 -19.96
CA LEU C 383 1.84 10.95 -19.28
C LEU C 383 2.33 9.54 -19.50
N ARG C 384 3.34 9.40 -20.37
CA ARG C 384 3.93 8.12 -20.70
C ARG C 384 5.35 8.10 -20.18
N HIS C 385 5.67 7.05 -19.42
CA HIS C 385 6.98 6.92 -18.81
C HIS C 385 7.96 6.28 -19.76
N ARG C 386 9.23 6.59 -19.58
CA ARG C 386 10.34 6.04 -20.38
C ARG C 386 11.50 5.73 -19.43
N LYS C 387 12.66 5.36 -19.98
CA LYS C 387 13.84 5.04 -19.16
C LYS C 387 14.46 6.30 -18.53
N GLY C 388 14.13 6.54 -17.26
CA GLY C 388 14.74 7.60 -16.48
C GLY C 388 14.09 8.98 -16.62
N TYR C 389 13.03 9.08 -17.41
CA TYR C 389 12.29 10.33 -17.58
C TYR C 389 10.88 10.02 -18.10
N SER C 390 10.05 11.05 -18.26
CA SER C 390 8.67 10.88 -18.74
C SER C 390 8.34 11.94 -19.77
N ASP C 391 7.58 11.54 -20.79
CA ASP C 391 6.97 12.47 -21.75
C ASP C 391 5.55 12.75 -21.29
N ALA C 392 5.07 13.96 -21.59
CA ALA C 392 3.78 14.41 -21.08
C ALA C 392 3.07 15.30 -22.08
N ALA C 393 1.76 15.46 -21.88
CA ALA C 393 0.92 16.30 -22.74
C ALA C 393 -0.19 16.93 -21.92
N ILE C 394 -0.54 18.16 -22.28
CA ILE C 394 -1.69 18.87 -21.67
C ILE C 394 -2.49 19.54 -22.78
N ARG C 395 -3.79 19.22 -22.85
CA ARG C 395 -4.71 19.83 -23.79
C ARG C 395 -5.80 20.55 -23.02
N MET C 396 -5.83 21.87 -23.15
CA MET C 396 -6.91 22.69 -22.57
C MET C 396 -7.34 23.78 -23.55
N ASN C 397 -8.64 23.81 -23.85
CA ASN C 397 -9.21 24.76 -24.81
C ASN C 397 -8.41 24.71 -26.14
N GLN C 398 -7.84 25.82 -26.58
CA GLN C 398 -7.09 25.87 -27.84
C GLN C 398 -5.63 25.43 -27.71
N TRP C 399 -5.17 25.19 -26.47
CA TRP C 399 -3.74 25.05 -26.17
C TRP C 399 -3.32 23.59 -26.01
N LYS C 400 -2.09 23.30 -26.39
CA LYS C 400 -1.49 21.98 -26.24
C LYS C 400 -0.08 22.17 -25.72
N ALA C 401 0.16 21.78 -24.47
CA ALA C 401 1.51 21.77 -23.90
C ALA C 401 2.13 20.40 -24.16
N LEU C 402 3.43 20.39 -24.46
CA LEU C 402 4.13 19.16 -24.83
C LEU C 402 5.49 19.06 -24.16
N LYS C 403 5.71 17.95 -23.46
CA LYS C 403 7.01 17.61 -22.90
C LYS C 403 7.44 16.33 -23.57
N VAL C 404 8.49 16.41 -24.38
CA VAL C 404 8.94 15.25 -25.13
C VAL C 404 10.47 15.22 -25.24
N ASN C 405 11.04 14.01 -25.26
CA ASN C 405 12.46 13.80 -25.61
C ASN C 405 13.43 14.65 -24.75
N GLN C 406 13.09 14.81 -23.47
CA GLN C 406 13.87 15.60 -22.50
C GLN C 406 14.12 17.06 -22.90
N GLN C 407 13.22 17.63 -23.70
CA GLN C 407 13.33 19.01 -24.15
C GLN C 407 12.58 19.91 -23.19
N PRO C 408 12.81 21.24 -23.28
CA PRO C 408 11.92 22.14 -22.55
C PRO C 408 10.47 21.98 -22.98
N TRP C 409 9.56 22.34 -22.08
CA TRP C 409 8.14 22.34 -22.40
C TRP C 409 7.89 23.24 -23.61
N GLN C 410 7.08 22.75 -24.54
CA GLN C 410 6.62 23.51 -25.70
C GLN C 410 5.13 23.78 -25.55
N LEU C 411 4.64 24.78 -26.27
CA LEU C 411 3.22 25.12 -26.33
C LEU C 411 2.81 25.37 -27.77
N PHE C 412 1.64 24.86 -28.16
CA PHE C 412 1.11 25.04 -29.51
C PHE C 412 -0.33 25.50 -29.40
N ASN C 413 -0.77 26.31 -30.37
CA ASN C 413 -2.20 26.56 -30.56
C ASN C 413 -2.71 25.45 -31.47
N ILE C 414 -3.28 24.42 -30.86
CA ILE C 414 -3.57 23.18 -31.56
C ILE C 414 -4.74 23.33 -32.54
N GLU C 415 -5.58 24.34 -32.33
CA GLU C 415 -6.61 24.70 -33.31
C GLU C 415 -5.98 25.18 -34.63
N ASN C 416 -4.94 26.02 -34.55
CA ASN C 416 -4.23 26.51 -35.74
C ASN C 416 -3.12 25.59 -36.24
N ASP C 417 -2.56 24.78 -35.34
CA ASP C 417 -1.27 24.11 -35.57
C ASP C 417 -1.35 22.63 -35.16
N ILE C 418 -2.29 21.91 -35.78
CA ILE C 418 -2.56 20.49 -35.44
C ILE C 418 -1.31 19.57 -35.59
N SER C 419 -0.44 19.91 -36.53
CA SER C 419 0.79 19.15 -36.76
C SER C 419 1.93 19.48 -35.78
N GLU C 420 1.70 20.41 -34.85
CA GLU C 420 2.66 20.77 -33.80
C GLU C 420 4.01 21.25 -34.39
N LYS C 421 3.92 22.16 -35.36
CA LYS C 421 5.09 22.69 -36.05
C LYS C 421 5.63 24.01 -35.48
N HIS C 422 4.86 24.71 -34.64
CA HIS C 422 5.18 26.09 -34.23
C HIS C 422 5.00 26.34 -32.72
N ASP C 423 6.12 26.18 -32.01
CA ASP C 423 6.20 26.38 -30.56
C ASP C 423 6.06 27.85 -30.20
N VAL C 424 4.97 28.21 -29.53
CA VAL C 424 4.72 29.59 -29.11
C VAL C 424 4.83 29.77 -27.60
N SER C 425 5.71 28.98 -26.98
CA SER C 425 5.94 29.07 -25.54
C SER C 425 6.65 30.36 -25.19
N LYS C 426 7.65 30.74 -25.99
CA LYS C 426 8.45 31.96 -25.74
C LYS C 426 7.58 33.21 -25.53
N SER C 427 6.41 33.26 -26.17
CA SER C 427 5.46 34.38 -26.02
C SER C 427 4.19 34.05 -25.21
N ASN C 428 4.26 33.05 -24.34
CA ASN C 428 3.12 32.64 -23.49
C ASN C 428 3.60 32.05 -22.14
N LYS C 429 4.69 32.60 -21.61
CA LYS C 429 5.44 32.05 -20.46
C LYS C 429 4.52 31.70 -19.27
N ALA C 430 3.71 32.67 -18.85
CA ALA C 430 2.83 32.51 -17.68
C ALA C 430 1.81 31.40 -17.88
N LEU C 431 1.23 31.31 -19.09
CA LEU C 431 0.20 30.30 -19.38
C LEU C 431 0.78 28.88 -19.35
N LEU C 432 1.92 28.70 -19.98
CA LEU C 432 2.57 27.38 -20.04
C LEU C 432 2.94 26.92 -18.62
N THR C 433 3.58 27.81 -17.87
CA THR C 433 3.99 27.54 -16.50
C THR C 433 2.78 27.17 -15.64
N ASP C 434 1.68 27.88 -15.80
CA ASP C 434 0.47 27.57 -15.06
C ASP C 434 -0.07 26.17 -15.37
N MET C 435 -0.05 25.81 -16.65
CA MET C 435 -0.52 24.49 -17.09
C MET C 435 0.34 23.36 -16.51
N VAL C 436 1.65 23.53 -16.53
CA VAL C 436 2.58 22.52 -16.02
C VAL C 436 2.42 22.34 -14.51
N ARG C 437 2.26 23.46 -13.80
CA ARG C 437 2.08 23.43 -12.36
C ARG C 437 0.77 22.77 -11.95
N GLU C 438 -0.28 22.92 -12.76
CA GLU C 438 -1.52 22.20 -12.52
C GLU C 438 -1.37 20.71 -12.76
N MET C 439 -0.54 20.32 -13.74
CA MET C 439 -0.21 18.91 -13.93
C MET C 439 0.62 18.37 -12.77
N GLU C 440 1.61 19.13 -12.34
CA GLU C 440 2.40 18.81 -11.15
C GLU C 440 1.49 18.57 -9.94
N LYS C 441 0.52 19.47 -9.74
CA LYS C 441 -0.48 19.30 -8.68
C LYS C 441 -1.27 18.01 -8.83
N TRP C 442 -1.73 17.76 -10.06
CA TRP C 442 -2.47 16.55 -10.41
C TRP C 442 -1.65 15.25 -10.20
N SER C 443 -0.33 15.33 -10.32
CA SER C 443 0.52 14.13 -10.24
C SER C 443 0.60 13.44 -8.88
N TRP C 444 0.32 14.15 -7.79
CA TRP C 444 0.62 13.65 -6.44
C TRP C 444 -0.16 12.40 -6.03
N ASP C 445 -1.38 12.22 -6.55
CA ASP C 445 -2.17 11.00 -6.25
C ASP C 445 -1.99 9.87 -7.26
N ASN C 446 -1.04 10.02 -8.19
CA ASN C 446 -0.64 8.89 -9.04
C ASN C 446 0.02 7.83 -8.14
N GLN C 447 -0.49 6.60 -8.16
CA GLN C 447 0.13 5.49 -7.44
C GLN C 447 1.42 5.03 -8.12
N GLN C 448 2.31 4.43 -7.34
CA GLN C 448 3.45 3.71 -7.90
C GLN C 448 2.90 2.59 -8.79
N PRO C 449 3.57 2.31 -9.93
CA PRO C 449 3.09 1.22 -10.77
C PRO C 449 3.01 -0.10 -10.03
N SER C 450 1.91 -0.82 -10.21
CA SER C 450 1.74 -2.16 -9.63
C SER C 450 2.43 -3.25 -10.46
N TRP C 451 2.87 -2.91 -11.67
CA TRP C 451 3.64 -3.81 -12.53
C TRP C 451 4.27 -3.03 -13.69
N PHE C 452 5.15 -3.69 -14.41
CA PHE C 452 5.75 -3.18 -15.64
C PHE C 452 5.60 -4.25 -16.71
N HIS C 453 5.83 -3.90 -17.97
CA HIS C 453 5.65 -4.88 -19.06
C HIS C 453 6.84 -5.82 -19.22
N GLU C 454 7.98 -5.45 -18.63
CA GLU C 454 9.15 -6.32 -18.59
C GLU C 454 9.89 -6.16 -17.27
N THR C 455 10.50 -7.24 -16.80
CA THR C 455 11.21 -7.27 -15.53
C THR C 455 12.29 -6.17 -15.43
N THR C 456 13.06 -5.99 -16.51
CA THR C 456 14.09 -4.95 -16.56
C THR C 456 13.52 -3.52 -16.47
N GLU C 457 12.31 -3.31 -16.97
CA GLU C 457 11.67 -1.98 -16.90
C GLU C 457 11.45 -1.57 -15.44
N GLY C 458 10.98 -2.51 -14.62
CA GLY C 458 10.75 -2.29 -13.19
C GLY C 458 12.02 -2.13 -12.37
N VAL C 459 13.07 -2.87 -12.75
CA VAL C 459 14.37 -2.69 -12.11
C VAL C 459 14.86 -1.28 -12.39
N ASN C 460 14.81 -0.87 -13.66
CA ASN C 460 15.25 0.46 -14.06
C ASN C 460 14.41 1.57 -13.42
N TRP C 461 13.10 1.36 -13.32
CA TRP C 461 12.22 2.28 -12.61
C TRP C 461 12.79 2.57 -11.21
N ARG C 462 13.10 1.50 -10.49
CA ARG C 462 13.64 1.62 -9.13
C ARG C 462 15.07 2.22 -9.12
N LEU C 463 15.93 1.78 -10.02
CA LEU C 463 17.30 2.32 -10.14
C LEU C 463 17.32 3.83 -10.43
N ASP C 464 16.42 4.28 -11.29
CA ASP C 464 16.37 5.67 -11.71
C ASP C 464 15.52 6.58 -10.81
N ALA C 465 15.01 6.02 -9.70
CA ALA C 465 14.28 6.78 -8.66
C ALA C 465 12.97 7.37 -9.17
N MET C 466 12.34 6.65 -10.10
CA MET C 466 11.18 7.16 -10.82
C MET C 466 9.96 7.25 -9.89
N PRO C 467 9.03 8.17 -10.17
CA PRO C 467 9.05 9.09 -11.32
C PRO C 467 10.02 10.25 -11.13
N ARG C 468 10.73 10.61 -12.19
CA ARG C 468 11.63 11.75 -12.11
C ARG C 468 10.87 13.01 -12.50
N PHE C 469 9.86 13.34 -11.73
CA PHE C 469 9.02 14.52 -11.97
C PHE C 469 9.74 15.86 -11.78
N ASP C 470 10.93 15.85 -11.17
CA ASP C 470 11.82 17.03 -11.19
C ASP C 470 12.18 17.46 -12.61
N LYS C 471 12.42 16.49 -13.49
CA LYS C 471 12.64 16.76 -14.91
C LYS C 471 11.33 17.12 -15.63
N THR C 472 10.29 16.34 -15.35
CA THR C 472 9.02 16.41 -16.05
C THR C 472 8.25 17.71 -15.83
N PHE C 473 8.40 18.33 -14.66
CA PHE C 473 7.67 19.57 -14.33
C PHE C 473 8.55 20.81 -14.11
N LYS C 474 9.83 20.76 -14.50
CA LYS C 474 10.72 21.92 -14.46
C LYS C 474 10.19 22.99 -15.42
N THR C 475 10.24 24.26 -15.01
CA THR C 475 9.82 25.41 -15.84
C THR C 475 10.92 26.51 -15.98
N THR C 476 10.60 27.61 -16.67
CA THR C 476 11.48 28.80 -16.69
C THR C 476 10.67 30.10 -16.81
#